data_2OD1
#
_entry.id   2OD1
#
loop_
_entity.id
_entity.type
_entity.pdbx_description
1 polymer 'Protein CBFA2T1'
2 non-polymer 'ZINC ION'
#
_entity_poly.entity_id   1
_entity_poly.type   'polypeptide(L)'
_entity_poly.pdbx_seq_one_letter_code
;GSPNSGSPNSDSSESCWNCGRKASETCSGCNTARYCGSFCQHKDWEKHHHICGQTLQAQQ
;
_entity_poly.pdbx_strand_id   A
#
# COMPACT_ATOMS: atom_id res chain seq x y z
N ASP A 11 7.28 -4.01 11.62
CA ASP A 11 6.51 -2.84 11.24
C ASP A 11 7.21 -1.55 11.67
N SER A 12 7.79 -0.85 10.70
CA SER A 12 8.50 0.39 10.97
C SER A 12 7.53 1.53 11.23
N SER A 13 8.04 2.64 11.77
CA SER A 13 7.20 3.80 12.06
C SER A 13 7.16 4.74 10.87
N GLU A 14 6.10 4.66 10.08
CA GLU A 14 5.93 5.51 8.91
C GLU A 14 7.05 5.27 7.90
N SER A 15 7.12 4.04 7.38
CA SER A 15 8.14 3.69 6.41
C SER A 15 7.52 3.03 5.18
N CYS A 16 8.24 3.05 4.06
CA CYS A 16 7.74 2.46 2.82
C CYS A 16 7.71 0.93 2.93
N TRP A 17 6.57 0.34 2.60
CA TRP A 17 6.41 -1.11 2.65
C TRP A 17 7.48 -1.84 1.82
N ASN A 18 8.10 -1.12 0.90
CA ASN A 18 9.13 -1.71 0.05
C ASN A 18 10.51 -1.13 0.38
N CYS A 19 10.66 0.18 0.16
CA CYS A 19 11.93 0.85 0.40
C CYS A 19 12.49 0.59 1.79
N GLY A 20 11.65 0.62 2.81
CA GLY A 20 12.12 0.39 4.16
C GLY A 20 12.73 1.63 4.79
N ARG A 21 12.77 2.72 4.03
CA ARG A 21 13.34 3.98 4.52
C ARG A 21 12.25 4.91 5.04
N LYS A 22 11.42 5.40 4.13
CA LYS A 22 10.33 6.30 4.50
C LYS A 22 9.24 6.33 3.42
N ALA A 23 8.00 6.53 3.85
CA ALA A 23 6.88 6.59 2.93
C ALA A 23 5.99 7.79 3.23
N SER A 24 5.36 8.33 2.19
CA SER A 24 4.49 9.49 2.35
C SER A 24 3.09 9.23 1.75
N GLU A 25 3.04 8.41 0.71
CA GLU A 25 1.78 8.10 0.05
C GLU A 25 1.08 6.93 0.73
N THR A 26 -0.26 6.94 0.67
CA THR A 26 -1.07 5.89 1.28
C THR A 26 -2.09 5.34 0.30
N CYS A 27 -2.28 4.03 0.33
CA CYS A 27 -3.24 3.37 -0.56
C CYS A 27 -4.59 4.07 -0.53
N SER A 28 -5.05 4.53 -1.69
CA SER A 28 -6.34 5.20 -1.79
C SER A 28 -7.49 4.20 -1.76
N GLY A 29 -7.17 2.92 -1.99
CA GLY A 29 -8.19 1.89 -2.00
C GLY A 29 -8.51 1.35 -0.63
N CYS A 30 -7.51 1.29 0.25
CA CYS A 30 -7.72 0.78 1.61
C CYS A 30 -7.27 1.76 2.68
N ASN A 31 -6.63 2.85 2.27
CA ASN A 31 -6.16 3.87 3.22
C ASN A 31 -5.25 3.25 4.29
N THR A 32 -4.61 2.15 3.94
CA THR A 32 -3.72 1.47 4.87
C THR A 32 -2.29 1.42 4.34
N ALA A 33 -2.10 0.75 3.21
CA ALA A 33 -0.79 0.62 2.60
C ALA A 33 -0.12 1.99 2.44
N ARG A 34 1.20 2.01 2.64
CA ARG A 34 1.96 3.25 2.54
C ARG A 34 3.17 3.07 1.62
N TYR A 35 3.47 4.10 0.83
CA TYR A 35 4.60 4.05 -0.09
C TYR A 35 5.20 5.44 -0.28
N CYS A 36 6.36 5.49 -0.94
CA CYS A 36 7.05 6.75 -1.19
C CYS A 36 6.80 7.26 -2.62
N GLY A 37 6.31 6.38 -3.48
CA GLY A 37 6.05 6.78 -4.86
C GLY A 37 5.06 5.88 -5.56
N SER A 38 4.71 6.24 -6.79
CA SER A 38 3.76 5.46 -7.59
C SER A 38 4.35 4.12 -7.99
N PHE A 39 5.63 4.11 -8.33
CA PHE A 39 6.31 2.87 -8.72
C PHE A 39 6.28 1.86 -7.58
N CYS A 40 6.61 2.32 -6.38
CA CYS A 40 6.62 1.45 -5.21
C CYS A 40 5.26 0.81 -5.00
N GLN A 41 4.20 1.57 -5.28
CA GLN A 41 2.85 1.08 -5.13
C GLN A 41 2.55 -0.01 -6.15
N HIS A 42 3.11 0.15 -7.35
CA HIS A 42 2.92 -0.81 -8.43
C HIS A 42 3.69 -2.11 -8.15
N LYS A 43 4.90 -1.95 -7.62
CA LYS A 43 5.74 -3.11 -7.31
C LYS A 43 5.09 -3.97 -6.23
N ASP A 44 4.56 -3.31 -5.20
CA ASP A 44 3.91 -4.01 -4.10
C ASP A 44 2.44 -4.26 -4.41
N TRP A 45 1.91 -3.54 -5.41
CA TRP A 45 0.51 -3.67 -5.80
C TRP A 45 0.14 -5.13 -6.08
N GLU A 46 0.99 -5.85 -6.80
CA GLU A 46 0.71 -7.25 -7.11
C GLU A 46 0.49 -8.05 -5.82
N LYS A 47 1.38 -7.86 -4.86
CA LYS A 47 1.27 -8.53 -3.57
C LYS A 47 0.11 -7.93 -2.77
N HIS A 48 -0.08 -6.63 -2.92
CA HIS A 48 -1.12 -5.91 -2.19
C HIS A 48 -2.53 -6.43 -2.47
N HIS A 49 -2.77 -6.92 -3.69
CA HIS A 49 -4.10 -7.42 -4.04
C HIS A 49 -4.45 -8.68 -3.26
N HIS A 50 -3.48 -9.25 -2.56
CA HIS A 50 -3.71 -10.45 -1.76
C HIS A 50 -4.49 -10.10 -0.49
N ILE A 51 -4.29 -8.88 0.00
CA ILE A 51 -4.96 -8.43 1.22
C ILE A 51 -5.77 -7.16 0.99
N CYS A 52 -5.74 -6.64 -0.23
CA CYS A 52 -6.46 -5.40 -0.56
C CYS A 52 -7.74 -5.73 -1.34
N GLY A 53 -8.77 -4.93 -1.12
CA GLY A 53 -10.03 -5.14 -1.80
C GLY A 53 -11.03 -5.93 -0.96
N GLN A 54 -10.87 -5.86 0.35
CA GLN A 54 -11.76 -6.58 1.27
C GLN A 54 -12.27 -5.66 2.37
N THR A 55 -12.40 -4.37 2.04
CA THR A 55 -12.89 -3.38 3.00
C THR A 55 -14.18 -2.74 2.52
N LEU A 56 -14.22 -2.39 1.24
CA LEU A 56 -15.40 -1.77 0.66
C LEU A 56 -16.19 -2.78 -0.18
N GLN A 57 -15.47 -3.67 -0.87
CA GLN A 57 -16.11 -4.68 -1.69
C GLN A 57 -16.98 -4.04 -2.77
N ALA A 58 -16.35 -3.60 -3.85
CA ALA A 58 -17.07 -2.96 -4.94
C ALA A 58 -16.87 -3.74 -6.25
N GLN A 59 -15.64 -4.19 -6.48
CA GLN A 59 -15.31 -4.95 -7.68
C GLN A 59 -16.14 -6.22 -7.76
N GLN A 60 -16.37 -6.84 -6.61
CA GLN A 60 -17.15 -8.07 -6.55
C GLN A 60 -16.49 -9.17 -7.36
N ASP A 11 4.32 1.33 15.58
CA ASP A 11 3.05 1.98 15.85
C ASP A 11 2.96 3.32 15.12
N SER A 12 2.10 3.37 14.10
CA SER A 12 1.92 4.59 13.32
C SER A 12 3.22 5.01 12.65
N SER A 13 4.03 4.02 12.28
CA SER A 13 5.31 4.28 11.62
C SER A 13 5.10 4.83 10.21
N GLU A 14 6.13 5.47 9.67
CA GLU A 14 6.05 6.04 8.33
C GLU A 14 7.17 5.51 7.45
N SER A 15 7.20 4.20 7.25
CA SER A 15 8.22 3.56 6.42
C SER A 15 7.59 2.89 5.20
N CYS A 16 8.24 3.04 4.05
CA CYS A 16 7.75 2.44 2.81
C CYS A 16 7.72 0.92 2.91
N TRP A 17 6.58 0.34 2.58
CA TRP A 17 6.41 -1.11 2.63
C TRP A 17 7.45 -1.84 1.78
N ASN A 18 8.07 -1.12 0.85
CA ASN A 18 9.09 -1.70 -0.03
C ASN A 18 10.47 -1.15 0.30
N CYS A 19 10.64 0.16 0.13
CA CYS A 19 11.91 0.82 0.36
C CYS A 19 12.49 0.51 1.74
N GLY A 20 11.66 0.58 2.78
CA GLY A 20 12.14 0.31 4.12
C GLY A 20 12.71 1.55 4.80
N ARG A 21 12.73 2.66 4.08
CA ARG A 21 13.25 3.92 4.62
C ARG A 21 12.13 4.81 5.14
N LYS A 22 11.40 5.42 4.22
CA LYS A 22 10.29 6.31 4.58
C LYS A 22 9.21 6.31 3.50
N ALA A 23 7.97 6.50 3.94
CA ALA A 23 6.83 6.53 3.02
C ALA A 23 5.95 7.74 3.29
N SER A 24 5.36 8.29 2.23
CA SER A 24 4.50 9.46 2.35
C SER A 24 3.11 9.19 1.78
N GLU A 25 3.05 8.38 0.73
CA GLU A 25 1.78 8.06 0.09
C GLU A 25 1.10 6.88 0.77
N THR A 26 -0.23 6.85 0.71
CA THR A 26 -1.02 5.78 1.33
C THR A 26 -2.05 5.24 0.36
N CYS A 27 -2.23 3.92 0.37
CA CYS A 27 -3.20 3.27 -0.52
C CYS A 27 -4.55 3.97 -0.45
N SER A 28 -5.02 4.44 -1.60
CA SER A 28 -6.30 5.12 -1.68
C SER A 28 -7.46 4.13 -1.67
N GLY A 29 -7.14 2.86 -1.90
CA GLY A 29 -8.17 1.83 -1.93
C GLY A 29 -8.49 1.27 -0.56
N CYS A 30 -7.50 1.20 0.33
CA CYS A 30 -7.71 0.68 1.67
C CYS A 30 -7.27 1.66 2.75
N ASN A 31 -6.63 2.76 2.35
CA ASN A 31 -6.17 3.76 3.30
C ASN A 31 -5.26 3.16 4.36
N THR A 32 -4.60 2.05 4.02
CA THR A 32 -3.69 1.38 4.93
C THR A 32 -2.27 1.34 4.39
N ALA A 33 -2.08 0.66 3.26
CA ALA A 33 -0.77 0.56 2.63
C ALA A 33 -0.11 1.92 2.48
N ARG A 34 1.21 1.95 2.56
CA ARG A 34 1.96 3.19 2.43
C ARG A 34 3.16 3.02 1.49
N TYR A 35 3.47 4.06 0.73
CA TYR A 35 4.58 4.02 -0.20
C TYR A 35 5.18 5.41 -0.39
N CYS A 36 6.37 5.46 -0.98
CA CYS A 36 7.06 6.73 -1.21
C CYS A 36 6.80 7.26 -2.62
N GLY A 37 6.28 6.41 -3.50
CA GLY A 37 6.00 6.83 -4.86
C GLY A 37 5.01 5.92 -5.57
N SER A 38 4.66 6.28 -6.79
CA SER A 38 3.71 5.50 -7.58
C SER A 38 4.31 4.15 -7.97
N PHE A 39 5.59 4.14 -8.32
CA PHE A 39 6.27 2.91 -8.72
C PHE A 39 6.26 1.90 -7.58
N CYS A 40 6.59 2.37 -6.38
CA CYS A 40 6.62 1.51 -5.20
C CYS A 40 5.25 0.86 -4.96
N GLN A 41 4.19 1.62 -5.21
CA GLN A 41 2.85 1.12 -5.04
C GLN A 41 2.54 0.03 -6.07
N HIS A 42 3.08 0.21 -7.27
CA HIS A 42 2.88 -0.76 -8.35
C HIS A 42 3.65 -2.05 -8.08
N LYS A 43 4.86 -1.91 -7.54
CA LYS A 43 5.69 -3.06 -7.24
C LYS A 43 5.04 -3.93 -6.15
N ASP A 44 4.53 -3.26 -5.12
CA ASP A 44 3.88 -3.96 -4.02
C ASP A 44 2.40 -4.23 -4.33
N TRP A 45 1.88 -3.51 -5.32
CA TRP A 45 0.48 -3.65 -5.72
C TRP A 45 0.12 -5.10 -6.02
N GLU A 46 0.97 -5.81 -6.76
CA GLU A 46 0.69 -7.19 -7.09
C GLU A 46 0.49 -8.01 -5.82
N LYS A 47 1.39 -7.86 -4.87
CA LYS A 47 1.29 -8.55 -3.58
C LYS A 47 0.14 -7.99 -2.75
N HIS A 48 -0.05 -6.67 -2.86
CA HIS A 48 -1.08 -5.97 -2.10
C HIS A 48 -2.48 -6.51 -2.40
N HIS A 49 -2.70 -6.99 -3.61
CA HIS A 49 -4.01 -7.53 -4.00
C HIS A 49 -4.38 -8.76 -3.17
N HIS A 50 -3.42 -9.30 -2.42
CA HIS A 50 -3.67 -10.47 -1.60
C HIS A 50 -4.48 -10.11 -0.35
N ILE A 51 -4.35 -8.86 0.09
CA ILE A 51 -5.06 -8.40 1.28
C ILE A 51 -5.87 -7.14 1.02
N CYS A 52 -5.84 -6.63 -0.21
CA CYS A 52 -6.58 -5.43 -0.56
C CYS A 52 -7.86 -5.77 -1.33
N GLY A 53 -8.90 -4.96 -1.14
CA GLY A 53 -10.15 -5.20 -1.81
C GLY A 53 -10.29 -4.40 -3.09
N GLN A 54 -9.16 -4.08 -3.71
CA GLN A 54 -9.16 -3.31 -4.96
C GLN A 54 -8.68 -4.17 -6.12
N THR A 55 -9.62 -4.70 -6.89
CA THR A 55 -9.29 -5.54 -8.03
C THR A 55 -10.34 -5.41 -9.12
N LEU A 56 -9.97 -5.81 -10.34
CA LEU A 56 -10.88 -5.73 -11.48
C LEU A 56 -11.64 -7.05 -11.65
N GLN A 57 -12.81 -6.98 -12.29
CA GLN A 57 -13.62 -8.16 -12.51
C GLN A 57 -13.24 -8.84 -13.83
N ALA A 58 -12.26 -9.73 -13.76
CA ALA A 58 -11.79 -10.44 -14.94
C ALA A 58 -12.65 -11.68 -15.20
N GLN A 59 -12.96 -11.91 -16.47
CA GLN A 59 -13.78 -13.06 -16.86
C GLN A 59 -13.04 -13.94 -17.85
N GLN A 60 -12.43 -13.33 -18.86
CA GLN A 60 -11.69 -14.07 -19.88
C GLN A 60 -10.39 -14.61 -19.29
N ASP A 11 5.54 -0.68 17.54
CA ASP A 11 4.75 0.44 17.04
C ASP A 11 5.05 0.69 15.56
N SER A 12 3.98 0.81 14.77
CA SER A 12 4.13 1.05 13.34
C SER A 12 4.82 2.38 13.08
N SER A 13 5.12 2.64 11.81
CA SER A 13 5.79 3.89 11.43
C SER A 13 5.41 4.30 10.01
N GLU A 14 5.90 5.45 9.58
CA GLU A 14 5.60 5.97 8.25
C GLU A 14 6.71 5.58 7.26
N SER A 15 7.08 4.30 7.27
CA SER A 15 8.11 3.80 6.38
C SER A 15 7.50 3.12 5.17
N CYS A 16 8.23 3.11 4.05
CA CYS A 16 7.76 2.48 2.82
C CYS A 16 7.76 0.97 2.94
N TRP A 17 6.63 0.34 2.61
CA TRP A 17 6.50 -1.11 2.69
C TRP A 17 7.57 -1.82 1.87
N ASN A 18 8.19 -1.11 0.93
CA ASN A 18 9.22 -1.68 0.08
C ASN A 18 10.59 -1.09 0.41
N CYS A 19 10.72 0.23 0.21
CA CYS A 19 11.98 0.91 0.45
C CYS A 19 12.55 0.64 1.83
N GLY A 20 11.71 0.68 2.86
CA GLY A 20 12.19 0.43 4.21
C GLY A 20 12.79 1.67 4.85
N ARG A 21 12.81 2.78 4.11
CA ARG A 21 13.36 4.02 4.62
C ARG A 21 12.26 4.95 5.12
N LYS A 22 11.50 5.51 4.19
CA LYS A 22 10.41 6.41 4.54
C LYS A 22 9.34 6.44 3.46
N ALA A 23 8.10 6.62 3.88
CA ALA A 23 6.96 6.68 2.95
C ALA A 23 6.04 7.84 3.29
N SER A 24 5.38 8.38 2.27
CA SER A 24 4.46 9.50 2.47
C SER A 24 3.08 9.21 1.87
N GLU A 25 3.05 8.39 0.83
CA GLU A 25 1.78 8.05 0.18
C GLU A 25 1.12 6.86 0.86
N THR A 26 -0.21 6.83 0.80
CA THR A 26 -0.99 5.76 1.41
C THR A 26 -2.04 5.23 0.44
N CYS A 27 -2.23 3.91 0.44
CA CYS A 27 -3.20 3.27 -0.44
C CYS A 27 -4.55 3.97 -0.38
N SER A 28 -5.02 4.46 -1.52
CA SER A 28 -6.30 5.14 -1.58
C SER A 28 -7.46 4.15 -1.58
N GLY A 29 -7.15 2.88 -1.84
CA GLY A 29 -8.17 1.85 -1.88
C GLY A 29 -8.49 1.27 -0.52
N CYS A 30 -7.49 1.21 0.37
CA CYS A 30 -7.71 0.65 1.70
C CYS A 30 -7.25 1.62 2.80
N ASN A 31 -6.61 2.72 2.41
CA ASN A 31 -6.15 3.72 3.37
C ASN A 31 -5.22 3.10 4.42
N THR A 32 -4.57 2.00 4.05
CA THR A 32 -3.67 1.31 4.96
C THR A 32 -2.24 1.27 4.42
N ALA A 33 -2.06 0.62 3.26
CA ALA A 33 -0.76 0.51 2.64
C ALA A 33 -0.08 1.88 2.51
N ARG A 34 1.24 1.89 2.57
CA ARG A 34 2.01 3.13 2.46
C ARG A 34 3.18 2.96 1.50
N TYR A 35 3.46 3.99 0.73
CA TYR A 35 4.57 3.97 -0.23
C TYR A 35 5.16 5.36 -0.42
N CYS A 36 6.33 5.42 -1.03
CA CYS A 36 7.01 6.69 -1.27
C CYS A 36 6.75 7.20 -2.69
N GLY A 37 6.26 6.33 -3.56
CA GLY A 37 5.98 6.72 -4.92
C GLY A 37 5.03 5.78 -5.64
N SER A 38 4.69 6.11 -6.88
CA SER A 38 3.78 5.30 -7.68
C SER A 38 4.41 3.95 -8.02
N PHE A 39 5.69 3.97 -8.36
CA PHE A 39 6.41 2.75 -8.72
C PHE A 39 6.40 1.76 -7.56
N CYS A 40 6.71 2.25 -6.36
CA CYS A 40 6.73 1.42 -5.18
C CYS A 40 5.37 0.78 -4.93
N GLN A 41 4.31 1.56 -5.16
CA GLN A 41 2.95 1.07 -4.96
C GLN A 41 2.62 0.02 -6.02
N HIS A 42 3.16 0.21 -7.22
CA HIS A 42 2.92 -0.72 -8.33
C HIS A 42 3.66 -2.03 -8.10
N LYS A 43 4.88 -1.94 -7.57
CA LYS A 43 5.69 -3.13 -7.29
C LYS A 43 5.03 -3.98 -6.21
N ASP A 44 4.50 -3.32 -5.19
CA ASP A 44 3.85 -4.01 -4.09
C ASP A 44 2.37 -4.25 -4.39
N TRP A 45 1.84 -3.49 -5.33
CA TRP A 45 0.43 -3.59 -5.72
C TRP A 45 0.04 -5.04 -6.04
N GLU A 46 0.87 -5.73 -6.81
CA GLU A 46 0.57 -7.12 -7.17
C GLU A 46 0.36 -7.96 -5.92
N LYS A 47 1.28 -7.83 -4.97
CA LYS A 47 1.18 -8.54 -3.70
C LYS A 47 0.04 -7.98 -2.85
N HIS A 48 -0.13 -6.67 -2.94
CA HIS A 48 -1.15 -5.96 -2.18
C HIS A 48 -2.56 -6.46 -2.48
N HIS A 49 -2.79 -6.92 -3.71
CA HIS A 49 -4.12 -7.41 -4.09
C HIS A 49 -4.49 -8.67 -3.33
N HIS A 50 -3.53 -9.26 -2.62
CA HIS A 50 -3.79 -10.47 -1.84
C HIS A 50 -4.57 -10.13 -0.57
N ILE A 51 -4.36 -8.92 -0.06
CA ILE A 51 -5.04 -8.48 1.16
C ILE A 51 -5.86 -7.21 0.93
N CYS A 52 -5.83 -6.68 -0.29
CA CYS A 52 -6.56 -5.47 -0.61
C CYS A 52 -7.80 -5.77 -1.45
N GLY A 53 -8.74 -4.84 -1.48
CA GLY A 53 -9.96 -5.02 -2.25
C GLY A 53 -11.21 -4.87 -1.41
N GLN A 54 -11.37 -5.75 -0.43
CA GLN A 54 -12.53 -5.71 0.45
C GLN A 54 -12.40 -6.74 1.56
N THR A 55 -11.91 -7.93 1.23
CA THR A 55 -11.74 -8.99 2.21
C THR A 55 -10.27 -9.41 2.31
N LEU A 56 -9.88 -9.91 3.46
CA LEU A 56 -8.51 -10.35 3.69
C LEU A 56 -8.30 -11.77 3.16
N GLN A 57 -7.08 -12.28 3.32
CA GLN A 57 -6.75 -13.62 2.86
C GLN A 57 -7.07 -14.66 3.94
N ALA A 58 -8.09 -15.47 3.67
CA ALA A 58 -8.50 -16.51 4.62
C ALA A 58 -8.10 -17.89 4.12
N GLN A 59 -8.21 -18.11 2.82
CA GLN A 59 -7.86 -19.39 2.21
C GLN A 59 -6.38 -19.68 2.39
N GLN A 60 -6.04 -20.35 3.49
CA GLN A 60 -4.65 -20.70 3.78
C GLN A 60 -4.55 -22.11 4.33
N ASP A 11 7.60 9.50 15.42
CA ASP A 11 6.93 8.83 16.52
C ASP A 11 6.10 7.65 15.99
N SER A 12 5.41 7.86 14.87
CA SER A 12 4.58 6.83 14.27
C SER A 12 5.36 6.07 13.20
N SER A 13 4.70 5.09 12.59
CA SER A 13 5.33 4.29 11.54
C SER A 13 5.11 4.92 10.17
N GLU A 14 6.16 5.54 9.62
CA GLU A 14 6.08 6.18 8.32
C GLU A 14 7.18 5.67 7.40
N SER A 15 7.33 4.35 7.33
CA SER A 15 8.33 3.73 6.49
C SER A 15 7.69 3.06 5.28
N CYS A 16 8.36 3.13 4.13
CA CYS A 16 7.85 2.53 2.91
C CYS A 16 7.85 1.01 3.01
N TRP A 17 6.71 0.41 2.69
CA TRP A 17 6.55 -1.04 2.76
C TRP A 17 7.60 -1.76 1.91
N ASN A 18 8.21 -1.04 0.96
CA ASN A 18 9.22 -1.64 0.10
C ASN A 18 10.61 -1.06 0.41
N CYS A 19 10.75 0.25 0.23
CA CYS A 19 12.03 0.93 0.44
C CYS A 19 12.62 0.63 1.82
N GLY A 20 11.79 0.63 2.85
CA GLY A 20 12.28 0.37 4.20
C GLY A 20 12.88 1.60 4.85
N ARG A 21 12.88 2.72 4.12
CA ARG A 21 13.44 3.96 4.65
C ARG A 21 12.33 4.92 5.08
N LYS A 22 11.60 5.45 4.11
CA LYS A 22 10.51 6.39 4.39
C LYS A 22 9.42 6.30 3.33
N ALA A 23 8.17 6.44 3.77
CA ALA A 23 7.03 6.38 2.87
C ALA A 23 6.50 7.79 2.56
N SER A 24 5.21 7.89 2.28
CA SER A 24 4.59 9.19 1.98
C SER A 24 3.16 9.01 1.51
N GLU A 25 2.98 8.25 0.44
CA GLU A 25 1.65 7.99 -0.11
C GLU A 25 0.98 6.81 0.59
N THR A 26 -0.35 6.79 0.56
CA THR A 26 -1.12 5.72 1.19
C THR A 26 -2.17 5.17 0.23
N CYS A 27 -2.35 3.86 0.25
CA CYS A 27 -3.34 3.20 -0.61
C CYS A 27 -4.69 3.90 -0.53
N SER A 28 -5.17 4.37 -1.67
CA SER A 28 -6.47 5.04 -1.72
C SER A 28 -7.62 4.05 -1.68
N GLY A 29 -7.31 2.78 -1.94
CA GLY A 29 -8.33 1.74 -1.93
C GLY A 29 -8.61 1.18 -0.55
N CYS A 30 -7.60 1.16 0.32
CA CYS A 30 -7.78 0.62 1.66
C CYS A 30 -7.31 1.61 2.73
N ASN A 31 -6.69 2.71 2.31
CA ASN A 31 -6.22 3.72 3.26
C ASN A 31 -5.28 3.12 4.31
N THR A 32 -4.63 2.01 3.96
CA THR A 32 -3.73 1.33 4.87
C THR A 32 -2.30 1.29 4.32
N ALA A 33 -2.14 0.61 3.18
CA ALA A 33 -0.83 0.48 2.55
C ALA A 33 -0.13 1.83 2.43
N ARG A 34 1.17 1.84 2.69
CA ARG A 34 1.96 3.08 2.60
C ARG A 34 3.14 2.90 1.67
N TYR A 35 3.46 3.96 0.92
CA TYR A 35 4.59 3.91 -0.02
C TYR A 35 5.21 5.30 -0.16
N CYS A 36 6.36 5.35 -0.82
CA CYS A 36 7.07 6.61 -1.04
C CYS A 36 6.77 7.18 -2.43
N GLY A 37 6.24 6.35 -3.32
CA GLY A 37 5.94 6.81 -4.67
C GLY A 37 4.98 5.89 -5.40
N SER A 38 4.65 6.25 -6.63
CA SER A 38 3.74 5.47 -7.45
C SER A 38 4.35 4.13 -7.84
N PHE A 39 5.64 4.15 -8.19
CA PHE A 39 6.33 2.93 -8.60
C PHE A 39 6.34 1.91 -7.48
N CYS A 40 6.67 2.37 -6.27
CA CYS A 40 6.71 1.49 -5.10
C CYS A 40 5.34 0.86 -4.85
N GLN A 41 4.28 1.63 -5.08
CA GLN A 41 2.94 1.13 -4.88
C GLN A 41 2.59 0.11 -5.96
N HIS A 42 3.11 0.31 -7.16
CA HIS A 42 2.86 -0.60 -8.27
C HIS A 42 3.60 -1.91 -8.07
N LYS A 43 4.83 -1.83 -7.58
CA LYS A 43 5.64 -3.02 -7.33
C LYS A 43 4.99 -3.90 -6.27
N ASP A 44 4.52 -3.28 -5.20
CA ASP A 44 3.89 -4.01 -4.11
C ASP A 44 2.39 -4.22 -4.40
N TRP A 45 1.86 -3.45 -5.34
CA TRP A 45 0.44 -3.54 -5.69
C TRP A 45 0.04 -4.97 -6.03
N GLU A 46 0.85 -5.68 -6.81
CA GLU A 46 0.53 -7.04 -7.19
C GLU A 46 0.35 -7.92 -5.95
N LYS A 47 1.28 -7.83 -5.02
CA LYS A 47 1.22 -8.59 -3.78
C LYS A 47 0.12 -8.03 -2.87
N HIS A 48 -0.03 -6.71 -2.91
CA HIS A 48 -1.00 -6.00 -2.08
C HIS A 48 -2.43 -6.47 -2.35
N HIS A 49 -2.70 -6.88 -3.59
CA HIS A 49 -4.04 -7.34 -3.96
C HIS A 49 -4.46 -8.58 -3.17
N HIS A 50 -3.51 -9.19 -2.46
CA HIS A 50 -3.80 -10.38 -1.66
C HIS A 50 -4.58 -10.03 -0.41
N ILE A 51 -4.41 -8.79 0.06
CA ILE A 51 -5.09 -8.34 1.28
C ILE A 51 -5.96 -7.11 1.02
N CYS A 52 -5.97 -6.61 -0.22
CA CYS A 52 -6.76 -5.44 -0.57
C CYS A 52 -8.07 -5.84 -1.24
N GLY A 53 -9.08 -4.98 -1.12
CA GLY A 53 -10.37 -5.27 -1.71
C GLY A 53 -10.46 -4.78 -3.15
N GLN A 54 -9.50 -5.17 -3.97
CA GLN A 54 -9.48 -4.78 -5.37
C GLN A 54 -10.16 -5.84 -6.25
N THR A 55 -11.48 -5.79 -6.30
CA THR A 55 -12.24 -6.75 -7.10
C THR A 55 -11.82 -6.70 -8.57
N LEU A 56 -12.13 -7.75 -9.31
CA LEU A 56 -11.78 -7.82 -10.72
C LEU A 56 -12.84 -7.12 -11.56
N GLN A 57 -14.10 -7.44 -11.32
CA GLN A 57 -15.21 -6.84 -12.05
C GLN A 57 -15.56 -5.48 -11.49
N ALA A 58 -15.51 -4.45 -12.34
CA ALA A 58 -15.82 -3.09 -11.92
C ALA A 58 -17.14 -2.62 -12.53
N GLN A 59 -17.40 -1.33 -12.43
CA GLN A 59 -18.63 -0.75 -12.97
C GLN A 59 -18.39 -0.15 -14.34
N GLN A 60 -17.53 -0.79 -15.13
CA GLN A 60 -17.21 -0.31 -16.47
C GLN A 60 -17.79 -1.25 -17.54
N ASP A 11 0.37 2.83 16.85
CA ASP A 11 0.45 2.85 15.39
C ASP A 11 1.23 4.08 14.91
N SER A 12 2.56 3.96 14.91
CA SER A 12 3.42 5.05 14.48
C SER A 12 4.56 4.52 13.62
N SER A 13 4.35 4.51 12.29
CA SER A 13 5.37 4.04 11.36
C SER A 13 5.09 4.55 9.96
N GLU A 14 5.88 5.52 9.51
CA GLU A 14 5.73 6.09 8.18
C GLU A 14 6.84 5.63 7.26
N SER A 15 7.11 4.32 7.25
CA SER A 15 8.16 3.75 6.41
C SER A 15 7.54 3.06 5.19
N CYS A 16 8.26 3.10 4.07
CA CYS A 16 7.79 2.48 2.85
C CYS A 16 7.80 0.95 2.96
N TRP A 17 6.68 0.34 2.63
CA TRP A 17 6.55 -1.12 2.70
C TRP A 17 7.63 -1.83 1.89
N ASN A 18 8.25 -1.10 0.95
CA ASN A 18 9.29 -1.67 0.11
C ASN A 18 10.65 -1.07 0.45
N CYS A 19 10.78 0.25 0.24
CA CYS A 19 12.03 0.94 0.48
C CYS A 19 12.60 0.69 1.86
N GLY A 20 11.74 0.71 2.89
CA GLY A 20 12.21 0.49 4.24
C GLY A 20 12.80 1.74 4.86
N ARG A 21 12.82 2.84 4.11
CA ARG A 21 13.36 4.10 4.59
C ARG A 21 12.27 5.02 5.12
N LYS A 22 11.46 5.54 4.20
CA LYS A 22 10.37 6.43 4.57
C LYS A 22 9.27 6.44 3.50
N ALA A 23 8.03 6.62 3.93
CA ALA A 23 6.89 6.65 3.02
C ALA A 23 5.99 7.83 3.33
N SER A 24 5.34 8.37 2.29
CA SER A 24 4.44 9.50 2.46
C SER A 24 3.06 9.22 1.87
N GLU A 25 3.02 8.39 0.82
CA GLU A 25 1.76 8.06 0.17
C GLU A 25 1.08 6.86 0.85
N THR A 26 -0.24 6.84 0.80
CA THR A 26 -1.01 5.75 1.41
C THR A 26 -2.06 5.22 0.43
N CYS A 27 -2.24 3.91 0.42
CA CYS A 27 -3.21 3.26 -0.46
C CYS A 27 -4.56 3.96 -0.40
N SER A 28 -5.03 4.44 -1.54
CA SER A 28 -6.32 5.13 -1.60
C SER A 28 -7.47 4.13 -1.59
N GLY A 29 -7.16 2.85 -1.85
CA GLY A 29 -8.18 1.83 -1.88
C GLY A 29 -8.49 1.25 -0.51
N CYS A 30 -7.49 1.20 0.37
CA CYS A 30 -7.70 0.66 1.71
C CYS A 30 -7.25 1.62 2.80
N ASN A 31 -6.61 2.73 2.40
CA ASN A 31 -6.14 3.72 3.36
C ASN A 31 -5.21 3.09 4.41
N THR A 32 -4.56 1.99 4.04
CA THR A 32 -3.66 1.30 4.96
C THR A 32 -2.23 1.27 4.41
N ALA A 33 -2.05 0.61 3.27
CA ALA A 33 -0.74 0.51 2.64
C ALA A 33 -0.08 1.87 2.50
N ARG A 34 1.25 1.90 2.57
CA ARG A 34 1.99 3.15 2.45
C ARG A 34 3.19 2.98 1.52
N TYR A 35 3.48 4.02 0.74
CA TYR A 35 4.60 3.98 -0.18
C TYR A 35 5.19 5.39 -0.37
N CYS A 36 6.36 5.44 -0.98
CA CYS A 36 7.04 6.71 -1.23
C CYS A 36 6.78 7.22 -2.65
N GLY A 37 6.29 6.34 -3.51
CA GLY A 37 6.01 6.73 -4.88
C GLY A 37 5.05 5.79 -5.59
N SER A 38 4.71 6.12 -6.83
CA SER A 38 3.80 5.31 -7.63
C SER A 38 4.42 3.96 -7.98
N PHE A 39 5.71 3.98 -8.33
CA PHE A 39 6.41 2.76 -8.69
C PHE A 39 6.41 1.76 -7.53
N CYS A 40 6.73 2.26 -6.34
CA CYS A 40 6.76 1.42 -5.15
C CYS A 40 5.41 0.77 -4.90
N GLN A 41 4.35 1.52 -5.17
CA GLN A 41 3.00 1.01 -4.99
C GLN A 41 2.66 -0.02 -6.06
N HIS A 42 3.23 0.17 -7.25
CA HIS A 42 3.00 -0.74 -8.37
C HIS A 42 3.69 -2.08 -8.15
N LYS A 43 4.92 -2.03 -7.63
CA LYS A 43 5.69 -3.26 -7.39
C LYS A 43 5.05 -4.07 -6.27
N ASP A 44 4.48 -3.38 -5.29
CA ASP A 44 3.83 -4.04 -4.17
C ASP A 44 2.35 -4.26 -4.45
N TRP A 45 1.80 -3.50 -5.40
CA TRP A 45 0.39 -3.59 -5.76
C TRP A 45 -0.01 -5.03 -6.08
N GLU A 46 0.82 -5.74 -6.86
CA GLU A 46 0.51 -7.12 -7.22
C GLU A 46 0.31 -7.96 -5.97
N LYS A 47 1.23 -7.84 -5.02
CA LYS A 47 1.14 -8.55 -3.76
C LYS A 47 0.01 -7.99 -2.91
N HIS A 48 -0.15 -6.68 -2.98
CA HIS A 48 -1.16 -5.97 -2.21
C HIS A 48 -2.58 -6.47 -2.50
N HIS A 49 -2.83 -6.92 -3.73
CA HIS A 49 -4.15 -7.39 -4.10
C HIS A 49 -4.53 -8.66 -3.35
N HIS A 50 -3.56 -9.26 -2.63
CA HIS A 50 -3.82 -10.45 -1.85
C HIS A 50 -4.60 -10.13 -0.59
N ILE A 51 -4.39 -8.91 -0.07
CA ILE A 51 -5.07 -8.48 1.15
C ILE A 51 -5.89 -7.20 0.93
N CYS A 52 -5.87 -6.67 -0.29
CA CYS A 52 -6.61 -5.46 -0.61
C CYS A 52 -7.86 -5.77 -1.42
N GLY A 53 -8.82 -4.86 -1.38
CA GLY A 53 -10.06 -5.06 -2.13
C GLY A 53 -11.29 -4.86 -1.25
N GLN A 54 -11.14 -5.13 0.05
CA GLN A 54 -12.24 -4.99 0.98
C GLN A 54 -12.76 -3.56 1.00
N THR A 55 -13.87 -3.32 0.31
CA THR A 55 -14.48 -2.00 0.24
C THR A 55 -15.85 -2.00 0.90
N LEU A 56 -15.87 -1.82 2.22
CA LEU A 56 -17.13 -1.79 2.97
C LEU A 56 -17.02 -0.87 4.17
N GLN A 57 -17.41 0.39 3.97
CA GLN A 57 -17.35 1.39 5.04
C GLN A 57 -18.73 1.98 5.28
N ALA A 58 -18.90 2.63 6.44
CA ALA A 58 -20.16 3.25 6.80
C ALA A 58 -20.01 4.76 6.96
N GLN A 59 -20.39 5.50 5.92
CA GLN A 59 -20.30 6.95 5.95
C GLN A 59 -21.25 7.58 4.94
N GLN A 60 -21.27 7.03 3.73
CA GLN A 60 -22.13 7.54 2.67
C GLN A 60 -21.80 8.99 2.35
N ASP A 11 10.66 3.29 16.82
CA ASP A 11 11.78 3.37 15.89
C ASP A 11 11.33 3.96 14.55
N SER A 12 10.17 3.51 14.09
CA SER A 12 9.62 3.99 12.82
C SER A 12 8.11 3.75 12.75
N SER A 13 7.47 4.31 11.73
CA SER A 13 6.04 4.16 11.55
C SER A 13 5.63 4.49 10.13
N GLU A 14 6.17 5.59 9.59
CA GLU A 14 5.85 6.02 8.23
C GLU A 14 6.93 5.56 7.26
N SER A 15 7.31 4.29 7.36
CA SER A 15 8.33 3.73 6.48
C SER A 15 7.69 3.06 5.28
N CYS A 16 8.37 3.11 4.13
CA CYS A 16 7.86 2.51 2.90
C CYS A 16 7.85 0.99 3.01
N TRP A 17 6.72 0.39 2.68
CA TRP A 17 6.57 -1.07 2.74
C TRP A 17 7.63 -1.78 1.91
N ASN A 18 8.25 -1.07 0.98
CA ASN A 18 9.28 -1.65 0.12
C ASN A 18 10.65 -1.05 0.43
N CYS A 19 10.78 0.26 0.24
CA CYS A 19 12.05 0.94 0.46
C CYS A 19 12.64 0.67 1.84
N GLY A 20 11.81 0.68 2.88
CA GLY A 20 12.31 0.43 4.22
C GLY A 20 12.91 1.67 4.85
N ARG A 21 12.91 2.77 4.11
CA ARG A 21 13.47 4.03 4.62
C ARG A 21 12.37 4.98 5.06
N LYS A 22 11.62 5.49 4.09
CA LYS A 22 10.52 6.41 4.37
C LYS A 22 9.43 6.33 3.32
N ALA A 23 8.18 6.46 3.76
CA ALA A 23 7.04 6.40 2.86
C ALA A 23 6.50 7.80 2.55
N SER A 24 5.21 7.91 2.26
CA SER A 24 4.59 9.20 1.96
C SER A 24 3.15 9.01 1.49
N GLU A 25 2.99 8.24 0.42
CA GLU A 25 1.66 7.99 -0.13
C GLU A 25 0.99 6.80 0.57
N THR A 26 -0.33 6.78 0.55
CA THR A 26 -1.11 5.72 1.19
C THR A 26 -2.17 5.17 0.25
N CYS A 27 -2.36 3.85 0.26
CA CYS A 27 -3.35 3.21 -0.60
C CYS A 27 -4.70 3.91 -0.49
N SER A 28 -5.20 4.40 -1.62
CA SER A 28 -6.49 5.08 -1.65
C SER A 28 -7.65 4.08 -1.61
N GLY A 29 -7.34 2.81 -1.88
CA GLY A 29 -8.36 1.79 -1.89
C GLY A 29 -8.65 1.21 -0.51
N CYS A 30 -7.63 1.15 0.35
CA CYS A 30 -7.81 0.62 1.70
C CYS A 30 -7.33 1.60 2.77
N ASN A 31 -6.70 2.69 2.36
CA ASN A 31 -6.21 3.69 3.31
C ASN A 31 -5.28 3.06 4.34
N THR A 32 -4.63 1.97 3.97
CA THR A 32 -3.72 1.27 4.87
C THR A 32 -2.30 1.23 4.31
N ALA A 33 -2.14 0.57 3.17
CA ALA A 33 -0.83 0.45 2.52
C ALA A 33 -0.15 1.82 2.40
N ARG A 34 1.16 1.84 2.64
CA ARG A 34 1.93 3.08 2.55
C ARG A 34 3.15 2.90 1.66
N TYR A 35 3.45 3.93 0.87
CA TYR A 35 4.59 3.89 -0.03
C TYR A 35 5.21 5.28 -0.19
N CYS A 36 6.36 5.33 -0.85
CA CYS A 36 7.06 6.60 -1.06
C CYS A 36 6.77 7.17 -2.45
N GLY A 37 6.24 6.33 -3.34
CA GLY A 37 5.94 6.77 -4.69
C GLY A 37 4.99 5.86 -5.41
N SER A 38 4.65 6.22 -6.65
CA SER A 38 3.73 5.42 -7.47
C SER A 38 4.36 4.08 -7.86
N PHE A 39 5.64 4.10 -8.21
CA PHE A 39 6.34 2.88 -8.60
C PHE A 39 6.35 1.87 -7.47
N CYS A 40 6.69 2.34 -6.27
CA CYS A 40 6.73 1.48 -5.09
C CYS A 40 5.36 0.84 -4.83
N GLN A 41 4.31 1.61 -5.04
CA GLN A 41 2.96 1.12 -4.84
C GLN A 41 2.60 0.09 -5.91
N HIS A 42 3.12 0.30 -7.12
CA HIS A 42 2.85 -0.61 -8.23
C HIS A 42 3.60 -1.93 -8.04
N LYS A 43 4.83 -1.84 -7.53
CA LYS A 43 5.64 -3.04 -7.30
C LYS A 43 5.01 -3.91 -6.22
N ASP A 44 4.51 -3.27 -5.17
CA ASP A 44 3.87 -3.98 -4.07
C ASP A 44 2.38 -4.20 -4.34
N TRP A 45 1.84 -3.43 -5.28
CA TRP A 45 0.42 -3.52 -5.64
C TRP A 45 0.01 -4.96 -5.98
N GLU A 46 0.83 -5.64 -6.78
CA GLU A 46 0.50 -7.02 -7.15
C GLU A 46 0.32 -7.88 -5.90
N LYS A 47 1.25 -7.77 -4.97
CA LYS A 47 1.18 -8.51 -3.71
C LYS A 47 0.07 -7.94 -2.84
N HIS A 48 -0.10 -6.63 -2.91
CA HIS A 48 -1.11 -5.93 -2.12
C HIS A 48 -2.52 -6.42 -2.40
N HIS A 49 -2.78 -6.87 -3.63
CA HIS A 49 -4.11 -7.34 -3.99
C HIS A 49 -4.49 -8.62 -3.23
N HIS A 50 -3.52 -9.21 -2.54
CA HIS A 50 -3.77 -10.41 -1.75
C HIS A 50 -4.54 -10.08 -0.48
N ILE A 51 -4.34 -8.87 0.04
CA ILE A 51 -5.00 -8.43 1.25
C ILE A 51 -5.88 -7.19 1.02
N CYS A 52 -5.89 -6.70 -0.22
CA CYS A 52 -6.68 -5.51 -0.55
C CYS A 52 -7.96 -5.89 -1.28
N GLY A 53 -8.93 -4.99 -1.27
CA GLY A 53 -10.20 -5.24 -1.94
C GLY A 53 -10.53 -4.19 -2.97
N GLN A 54 -9.70 -4.09 -4.01
CA GLN A 54 -9.92 -3.11 -5.07
C GLN A 54 -10.59 -3.76 -6.27
N THR A 55 -11.42 -4.77 -6.01
CA THR A 55 -12.13 -5.47 -7.08
C THR A 55 -13.46 -4.79 -7.38
N LEU A 56 -14.06 -4.18 -6.36
CA LEU A 56 -15.33 -3.50 -6.52
C LEU A 56 -15.13 -1.99 -6.57
N GLN A 57 -14.94 -1.45 -7.77
CA GLN A 57 -14.74 -0.01 -7.94
C GLN A 57 -15.53 0.52 -9.13
N ALA A 58 -16.69 -0.11 -9.38
CA ALA A 58 -17.54 0.30 -10.49
C ALA A 58 -18.71 1.13 -10.01
N GLN A 59 -18.50 1.88 -8.93
CA GLN A 59 -19.53 2.72 -8.35
C GLN A 59 -18.98 4.09 -7.95
N GLN A 60 -18.12 4.09 -6.93
CA GLN A 60 -17.51 5.32 -6.45
C GLN A 60 -16.07 5.44 -6.92
N ASP A 11 9.26 -0.65 16.06
CA ASP A 11 8.23 -0.48 15.03
C ASP A 11 8.60 0.67 14.09
N SER A 12 8.26 0.51 12.81
CA SER A 12 8.54 1.53 11.81
C SER A 12 7.62 2.74 11.99
N SER A 13 8.10 3.91 11.61
CA SER A 13 7.32 5.14 11.71
C SER A 13 7.09 5.76 10.34
N GLU A 14 6.01 5.35 9.69
CA GLU A 14 5.67 5.86 8.36
C GLU A 14 6.76 5.52 7.35
N SER A 15 7.17 4.25 7.35
CA SER A 15 8.21 3.78 6.44
C SER A 15 7.59 3.11 5.22
N CYS A 16 8.30 3.12 4.10
CA CYS A 16 7.81 2.50 2.88
C CYS A 16 7.83 0.99 2.99
N TRP A 17 6.69 0.36 2.68
CA TRP A 17 6.56 -1.09 2.76
C TRP A 17 7.62 -1.80 1.92
N ASN A 18 8.23 -1.08 0.97
CA ASN A 18 9.27 -1.66 0.12
C ASN A 18 10.64 -1.06 0.43
N CYS A 19 10.76 0.25 0.24
CA CYS A 19 12.02 0.95 0.46
C CYS A 19 12.60 0.69 1.85
N GLY A 20 11.77 0.71 2.88
CA GLY A 20 12.25 0.48 4.23
C GLY A 20 12.84 1.73 4.85
N ARG A 21 12.86 2.83 4.09
CA ARG A 21 13.40 4.10 4.58
C ARG A 21 12.29 5.02 5.08
N LYS A 22 11.48 5.51 4.14
CA LYS A 22 10.39 6.40 4.49
C LYS A 22 9.31 6.40 3.41
N ALA A 23 8.07 6.60 3.83
CA ALA A 23 6.93 6.63 2.90
C ALA A 23 6.01 7.80 3.21
N SER A 24 5.35 8.31 2.17
CA SER A 24 4.44 9.45 2.34
C SER A 24 3.06 9.15 1.75
N GLU A 25 3.03 8.33 0.71
CA GLU A 25 1.77 7.98 0.05
C GLU A 25 1.11 6.78 0.73
N THR A 26 -0.22 6.75 0.69
CA THR A 26 -0.99 5.67 1.30
C THR A 26 -2.04 5.14 0.33
N CYS A 27 -2.23 3.82 0.33
CA CYS A 27 -3.20 3.19 -0.55
C CYS A 27 -4.56 3.89 -0.46
N SER A 28 -5.04 4.38 -1.60
CA SER A 28 -6.32 5.06 -1.65
C SER A 28 -7.48 4.08 -1.63
N GLY A 29 -7.17 2.80 -1.89
CA GLY A 29 -8.19 1.78 -1.92
C GLY A 29 -8.50 1.20 -0.54
N CYS A 30 -7.49 1.15 0.33
CA CYS A 30 -7.69 0.60 1.67
C CYS A 30 -7.23 1.58 2.75
N ASN A 31 -6.60 2.69 2.36
CA ASN A 31 -6.14 3.70 3.30
C ASN A 31 -5.21 3.08 4.35
N THR A 32 -4.57 1.97 4.00
CA THR A 32 -3.67 1.28 4.91
C THR A 32 -2.24 1.24 4.36
N ALA A 33 -2.07 0.58 3.23
CA ALA A 33 -0.75 0.46 2.60
C ALA A 33 -0.09 1.83 2.47
N ARG A 34 1.24 1.85 2.57
CA ARG A 34 1.99 3.09 2.47
C ARG A 34 3.18 2.93 1.54
N TYR A 35 3.48 3.97 0.76
CA TYR A 35 4.59 3.95 -0.18
C TYR A 35 5.17 5.35 -0.36
N CYS A 36 6.35 5.41 -0.97
CA CYS A 36 7.01 6.68 -1.21
C CYS A 36 6.74 7.20 -2.62
N GLY A 37 6.25 6.33 -3.51
CA GLY A 37 5.98 6.73 -4.87
C GLY A 37 5.02 5.80 -5.57
N SER A 38 4.68 6.13 -6.82
CA SER A 38 3.78 5.32 -7.62
C SER A 38 4.40 3.97 -7.98
N PHE A 39 5.68 3.99 -8.32
CA PHE A 39 6.39 2.77 -8.69
C PHE A 39 6.39 1.79 -7.53
N CYS A 40 6.71 2.28 -6.34
CA CYS A 40 6.75 1.45 -5.14
C CYS A 40 5.38 0.81 -4.89
N GLN A 41 4.33 1.59 -5.11
CA GLN A 41 2.97 1.09 -4.91
C GLN A 41 2.62 0.05 -5.97
N HIS A 42 3.15 0.25 -7.17
CA HIS A 42 2.90 -0.66 -8.28
C HIS A 42 3.64 -1.99 -8.08
N LYS A 43 4.87 -1.90 -7.58
CA LYS A 43 5.67 -3.09 -7.32
C LYS A 43 5.02 -3.96 -6.26
N ASP A 44 4.52 -3.32 -5.20
CA ASP A 44 3.87 -4.03 -4.11
C ASP A 44 2.39 -4.23 -4.40
N TRP A 45 1.85 -3.46 -5.34
CA TRP A 45 0.45 -3.55 -5.71
C TRP A 45 0.03 -4.98 -6.05
N GLU A 46 0.83 -5.67 -6.85
CA GLU A 46 0.50 -7.04 -7.24
C GLU A 46 0.32 -7.92 -6.01
N LYS A 47 1.27 -7.85 -5.08
CA LYS A 47 1.18 -8.62 -3.84
C LYS A 47 0.10 -8.05 -2.94
N HIS A 48 -0.03 -6.72 -2.96
CA HIS A 48 -1.00 -6.01 -2.13
C HIS A 48 -2.44 -6.44 -2.41
N HIS A 49 -2.72 -6.83 -3.65
CA HIS A 49 -4.08 -7.25 -4.01
C HIS A 49 -4.50 -8.51 -3.27
N HIS A 50 -3.56 -9.15 -2.56
CA HIS A 50 -3.85 -10.34 -1.80
C HIS A 50 -4.63 -10.02 -0.53
N ILE A 51 -4.44 -8.79 -0.03
CA ILE A 51 -5.11 -8.36 1.20
C ILE A 51 -5.96 -7.10 0.97
N CYS A 52 -5.98 -6.59 -0.26
CA CYS A 52 -6.75 -5.40 -0.57
C CYS A 52 -8.10 -5.77 -1.17
N GLY A 53 -9.14 -5.00 -0.84
CA GLY A 53 -10.46 -5.28 -1.36
C GLY A 53 -10.72 -4.60 -2.69
N GLN A 54 -9.88 -4.88 -3.67
CA GLN A 54 -10.03 -4.30 -4.99
C GLN A 54 -11.08 -5.05 -5.80
N THR A 55 -11.60 -4.38 -6.84
CA THR A 55 -12.61 -4.99 -7.70
C THR A 55 -11.98 -5.93 -8.71
N LEU A 56 -12.48 -7.16 -8.78
CA LEU A 56 -11.96 -8.15 -9.70
C LEU A 56 -12.98 -9.26 -9.95
N GLN A 57 -13.48 -9.83 -8.87
CA GLN A 57 -14.47 -10.90 -8.96
C GLN A 57 -15.56 -10.74 -7.90
N ALA A 58 -15.87 -9.49 -7.58
CA ALA A 58 -16.89 -9.20 -6.59
C ALA A 58 -18.20 -8.79 -7.24
N GLN A 59 -19.20 -8.47 -6.43
CA GLN A 59 -20.50 -8.05 -6.94
C GLN A 59 -21.14 -9.17 -7.76
N GLN A 60 -22.44 -9.07 -7.98
CA GLN A 60 -23.18 -10.06 -8.76
C GLN A 60 -23.72 -9.47 -10.04
N ASP A 11 8.16 6.52 17.14
CA ASP A 11 8.57 5.91 15.88
C ASP A 11 7.50 6.12 14.80
N SER A 12 6.25 5.88 15.17
CA SER A 12 5.14 6.05 14.24
C SER A 12 5.29 5.12 13.04
N SER A 13 4.37 5.22 12.09
CA SER A 13 4.42 4.39 10.89
C SER A 13 4.67 5.23 9.65
N GLU A 14 5.93 5.59 9.43
CA GLU A 14 6.31 6.40 8.29
C GLU A 14 7.44 5.73 7.49
N SER A 15 7.27 4.44 7.22
CA SER A 15 8.27 3.69 6.48
C SER A 15 7.64 3.01 5.26
N CYS A 16 8.34 3.06 4.13
CA CYS A 16 7.84 2.46 2.89
C CYS A 16 7.83 0.94 2.99
N TRP A 17 6.69 0.34 2.67
CA TRP A 17 6.53 -1.11 2.73
C TRP A 17 7.60 -1.82 1.89
N ASN A 18 8.23 -1.11 0.97
CA ASN A 18 9.26 -1.69 0.11
C ASN A 18 10.63 -1.10 0.44
N CYS A 19 10.77 0.21 0.25
CA CYS A 19 12.04 0.89 0.48
C CYS A 19 12.61 0.62 1.86
N GLY A 20 11.77 0.63 2.89
CA GLY A 20 12.26 0.39 4.24
C GLY A 20 12.86 1.63 4.88
N ARG A 21 12.88 2.73 4.13
CA ARG A 21 13.44 3.99 4.63
C ARG A 21 12.34 4.94 5.08
N LYS A 22 11.59 5.47 4.12
CA LYS A 22 10.51 6.39 4.42
C LYS A 22 9.42 6.33 3.36
N ALA A 23 8.17 6.48 3.79
CA ALA A 23 7.03 6.43 2.89
C ALA A 23 6.48 7.85 2.65
N SER A 24 5.17 7.95 2.40
CA SER A 24 4.54 9.24 2.15
C SER A 24 3.10 9.05 1.65
N GLU A 25 2.97 8.27 0.59
CA GLU A 25 1.65 8.01 0.00
C GLU A 25 0.98 6.83 0.69
N THR A 26 -0.36 6.80 0.64
CA THR A 26 -1.13 5.74 1.26
C THR A 26 -2.18 5.20 0.29
N CYS A 27 -2.37 3.89 0.30
CA CYS A 27 -3.35 3.24 -0.57
C CYS A 27 -4.70 3.94 -0.49
N SER A 28 -5.18 4.42 -1.64
CA SER A 28 -6.47 5.10 -1.69
C SER A 28 -7.62 4.11 -1.68
N GLY A 29 -7.31 2.84 -1.93
CA GLY A 29 -8.33 1.81 -1.95
C GLY A 29 -8.63 1.24 -0.58
N CYS A 30 -7.62 1.17 0.29
CA CYS A 30 -7.83 0.63 1.63
C CYS A 30 -7.36 1.60 2.71
N ASN A 31 -6.71 2.70 2.32
CA ASN A 31 -6.24 3.70 3.27
C ASN A 31 -5.32 3.08 4.32
N THR A 32 -4.66 1.98 3.95
CA THR A 32 -3.76 1.28 4.85
C THR A 32 -2.34 1.25 4.30
N ALA A 33 -2.17 0.58 3.16
CA ALA A 33 -0.85 0.47 2.53
C ALA A 33 -0.18 1.82 2.40
N ARG A 34 1.15 1.84 2.56
CA ARG A 34 1.92 3.07 2.47
C ARG A 34 3.13 2.89 1.56
N TYR A 35 3.45 3.94 0.81
CA TYR A 35 4.58 3.89 -0.11
C TYR A 35 5.21 5.28 -0.27
N CYS A 36 6.38 5.32 -0.88
CA CYS A 36 7.09 6.58 -1.09
C CYS A 36 6.80 7.16 -2.48
N GLY A 37 6.27 6.33 -3.37
CA GLY A 37 5.97 6.78 -4.72
C GLY A 37 5.02 5.86 -5.45
N SER A 38 4.70 6.20 -6.70
CA SER A 38 3.79 5.41 -7.51
C SER A 38 4.41 4.07 -7.90
N PHE A 39 5.70 4.08 -8.22
CA PHE A 39 6.41 2.87 -8.60
C PHE A 39 6.38 1.85 -7.46
N CYS A 40 6.70 2.31 -6.26
CA CYS A 40 6.70 1.44 -5.09
C CYS A 40 5.33 0.82 -4.85
N GLN A 41 4.29 1.62 -5.06
CA GLN A 41 2.93 1.14 -4.89
C GLN A 41 2.57 0.11 -5.96
N HIS A 42 3.10 0.31 -7.16
CA HIS A 42 2.86 -0.60 -8.27
C HIS A 42 3.60 -1.92 -8.06
N LYS A 43 4.82 -1.83 -7.55
CA LYS A 43 5.63 -3.02 -7.30
C LYS A 43 5.00 -3.89 -6.22
N ASP A 44 4.49 -3.23 -5.18
CA ASP A 44 3.85 -3.93 -4.07
C ASP A 44 2.36 -4.17 -4.36
N TRP A 45 1.82 -3.41 -5.32
CA TRP A 45 0.42 -3.52 -5.68
C TRP A 45 0.03 -4.96 -6.01
N GLU A 46 0.84 -5.66 -6.79
CA GLU A 46 0.55 -7.03 -7.15
C GLU A 46 0.36 -7.89 -5.90
N LYS A 47 1.28 -7.76 -4.96
CA LYS A 47 1.21 -8.48 -3.71
C LYS A 47 0.08 -7.93 -2.84
N HIS A 48 -0.11 -6.61 -2.92
CA HIS A 48 -1.12 -5.91 -2.14
C HIS A 48 -2.53 -6.43 -2.43
N HIS A 49 -2.77 -6.88 -3.66
CA HIS A 49 -4.10 -7.38 -4.03
C HIS A 49 -4.46 -8.65 -3.26
N HIS A 50 -3.49 -9.22 -2.55
CA HIS A 50 -3.74 -10.42 -1.76
C HIS A 50 -4.53 -10.09 -0.49
N ILE A 51 -4.33 -8.88 0.02
CA ILE A 51 -5.01 -8.43 1.23
C ILE A 51 -5.85 -7.18 0.99
N CYS A 52 -5.84 -6.67 -0.24
CA CYS A 52 -6.61 -5.48 -0.59
C CYS A 52 -7.80 -5.82 -1.47
N GLY A 53 -8.78 -4.92 -1.49
CA GLY A 53 -9.97 -5.15 -2.31
C GLY A 53 -11.25 -5.00 -1.51
N GLN A 54 -11.40 -5.82 -0.47
CA GLN A 54 -12.60 -5.79 0.37
C GLN A 54 -12.23 -5.42 1.81
N THR A 55 -12.39 -4.14 2.15
CA THR A 55 -12.08 -3.67 3.49
C THR A 55 -13.27 -3.88 4.42
N LEU A 56 -12.98 -4.06 5.71
CA LEU A 56 -14.03 -4.27 6.71
C LEU A 56 -14.52 -2.94 7.26
N GLN A 57 -15.66 -2.48 6.76
CA GLN A 57 -16.25 -1.23 7.21
C GLN A 57 -17.69 -1.42 7.66
N ALA A 58 -18.31 -0.35 8.14
CA ALA A 58 -19.69 -0.40 8.61
C ALA A 58 -19.84 -1.40 9.75
N GLN A 59 -18.78 -1.56 10.54
CA GLN A 59 -18.79 -2.49 11.66
C GLN A 59 -19.08 -3.92 11.20
N GLN A 60 -18.04 -4.73 11.18
CA GLN A 60 -18.16 -6.13 10.75
C GLN A 60 -18.66 -6.21 9.31
N ASP A 11 3.34 4.65 18.57
CA ASP A 11 4.27 3.92 17.71
C ASP A 11 3.70 3.76 16.30
N SER A 12 4.11 4.65 15.41
CA SER A 12 3.65 4.62 14.02
C SER A 12 4.81 4.74 13.06
N SER A 13 5.29 3.59 12.57
CA SER A 13 6.41 3.57 11.64
C SER A 13 5.97 4.03 10.25
N GLU A 14 6.35 5.25 9.88
CA GLU A 14 5.98 5.81 8.58
C GLU A 14 7.05 5.49 7.54
N SER A 15 7.41 4.21 7.43
CA SER A 15 8.41 3.77 6.48
C SER A 15 7.75 3.10 5.27
N CYS A 16 8.44 3.14 4.13
CA CYS A 16 7.91 2.54 2.91
C CYS A 16 7.91 1.02 3.00
N TRP A 17 6.76 0.42 2.69
CA TRP A 17 6.61 -1.04 2.75
C TRP A 17 7.68 -1.76 1.93
N ASN A 18 8.30 -1.05 1.00
CA ASN A 18 9.33 -1.64 0.15
C ASN A 18 10.71 -1.03 0.45
N CYS A 19 10.83 0.27 0.24
CA CYS A 19 12.10 0.97 0.45
C CYS A 19 12.70 0.71 1.83
N GLY A 20 11.87 0.74 2.87
CA GLY A 20 12.38 0.51 4.21
C GLY A 20 12.95 1.76 4.83
N ARG A 21 12.96 2.86 4.08
CA ARG A 21 13.50 4.13 4.57
C ARG A 21 12.38 5.05 5.04
N LYS A 22 11.60 5.55 4.09
CA LYS A 22 10.49 6.44 4.41
C LYS A 22 9.39 6.36 3.35
N ALA A 23 8.14 6.49 3.80
CA ALA A 23 7.00 6.42 2.90
C ALA A 23 6.46 7.84 2.61
N SER A 24 5.16 7.94 2.34
CA SER A 24 4.53 9.23 2.06
C SER A 24 3.10 9.02 1.55
N GLU A 25 2.96 8.25 0.48
CA GLU A 25 1.65 7.98 -0.10
C GLU A 25 0.97 6.80 0.59
N THR A 26 -0.36 6.79 0.57
CA THR A 26 -1.14 5.74 1.19
C THR A 26 -2.19 5.20 0.24
N CYS A 27 -2.39 3.88 0.26
CA CYS A 27 -3.37 3.24 -0.61
C CYS A 27 -4.72 3.94 -0.53
N SER A 28 -5.20 4.42 -1.66
CA SER A 28 -6.48 5.11 -1.72
C SER A 28 -7.65 4.12 -1.69
N GLY A 29 -7.34 2.85 -1.95
CA GLY A 29 -8.37 1.83 -1.97
C GLY A 29 -8.65 1.24 -0.60
N CYS A 30 -7.64 1.21 0.26
CA CYS A 30 -7.81 0.65 1.61
C CYS A 30 -7.34 1.62 2.69
N ASN A 31 -6.70 2.72 2.30
CA ASN A 31 -6.21 3.70 3.25
C ASN A 31 -5.29 3.08 4.29
N THR A 32 -4.64 1.98 3.91
CA THR A 32 -3.74 1.27 4.82
C THR A 32 -2.31 1.24 4.25
N ALA A 33 -2.15 0.56 3.11
CA ALA A 33 -0.84 0.43 2.48
C ALA A 33 -0.15 1.79 2.36
N ARG A 34 1.15 1.82 2.62
CA ARG A 34 1.93 3.04 2.55
C ARG A 34 3.14 2.86 1.64
N TYR A 35 3.44 3.90 0.85
CA TYR A 35 4.58 3.85 -0.06
C TYR A 35 5.20 5.23 -0.22
N CYS A 36 6.35 5.28 -0.87
CA CYS A 36 7.06 6.55 -1.10
C CYS A 36 6.75 7.11 -2.49
N GLY A 37 6.20 6.28 -3.36
CA GLY A 37 5.88 6.75 -4.70
C GLY A 37 4.96 5.81 -5.45
N SER A 38 4.64 6.15 -6.69
CA SER A 38 3.75 5.34 -7.52
C SER A 38 4.40 4.01 -7.89
N PHE A 39 5.69 4.05 -8.21
CA PHE A 39 6.42 2.85 -8.58
C PHE A 39 6.41 1.82 -7.45
N CYS A 40 6.70 2.29 -6.24
CA CYS A 40 6.72 1.42 -5.07
C CYS A 40 5.34 0.81 -4.83
N GLN A 41 4.30 1.61 -5.03
CA GLN A 41 2.93 1.14 -4.85
C GLN A 41 2.57 0.12 -5.91
N HIS A 42 3.09 0.32 -7.12
CA HIS A 42 2.83 -0.58 -8.23
C HIS A 42 3.57 -1.90 -8.04
N LYS A 43 4.80 -1.83 -7.54
CA LYS A 43 5.61 -3.02 -7.30
C LYS A 43 4.96 -3.90 -6.25
N ASP A 44 4.48 -3.28 -5.18
CA ASP A 44 3.84 -4.00 -4.09
C ASP A 44 2.36 -4.20 -4.38
N TRP A 45 1.82 -3.43 -5.33
CA TRP A 45 0.41 -3.51 -5.68
C TRP A 45 0.00 -4.94 -6.02
N GLU A 46 0.81 -5.64 -6.82
CA GLU A 46 0.48 -7.00 -7.20
C GLU A 46 0.29 -7.89 -5.97
N LYS A 47 1.24 -7.81 -5.03
CA LYS A 47 1.16 -8.57 -3.79
C LYS A 47 0.08 -8.01 -2.89
N HIS A 48 -0.08 -6.69 -2.92
CA HIS A 48 -1.05 -5.98 -2.09
C HIS A 48 -2.47 -6.45 -2.36
N HIS A 49 -2.76 -6.85 -3.59
CA HIS A 49 -4.09 -7.31 -3.96
C HIS A 49 -4.51 -8.55 -3.18
N HIS A 50 -3.56 -9.15 -2.46
CA HIS A 50 -3.86 -10.35 -1.66
C HIS A 50 -4.65 -9.98 -0.41
N ILE A 51 -4.43 -8.77 0.10
CA ILE A 51 -5.11 -8.31 1.30
C ILE A 51 -5.93 -7.05 1.05
N CYS A 52 -5.92 -6.56 -0.19
CA CYS A 52 -6.67 -5.37 -0.55
C CYS A 52 -7.79 -5.69 -1.54
N GLY A 53 -8.80 -4.83 -1.58
CA GLY A 53 -9.92 -5.04 -2.48
C GLY A 53 -11.15 -5.56 -1.77
N GLN A 54 -11.18 -5.41 -0.45
CA GLN A 54 -12.32 -5.86 0.35
C GLN A 54 -13.21 -4.68 0.74
N THR A 55 -13.32 -3.71 -0.17
CA THR A 55 -14.15 -2.53 0.09
C THR A 55 -14.88 -2.10 -1.18
N LEU A 56 -14.13 -1.59 -2.15
CA LEU A 56 -14.70 -1.14 -3.41
C LEU A 56 -15.57 0.10 -3.21
N GLN A 57 -16.71 -0.10 -2.56
CA GLN A 57 -17.64 1.01 -2.30
C GLN A 57 -18.48 0.73 -1.05
N ALA A 58 -18.60 1.73 -0.19
CA ALA A 58 -19.37 1.59 1.04
C ALA A 58 -20.70 2.34 0.94
N GLN A 59 -21.36 2.21 -0.21
CA GLN A 59 -22.63 2.89 -0.44
C GLN A 59 -23.43 2.18 -1.52
N GLN A 60 -22.93 2.24 -2.75
CA GLN A 60 -23.60 1.59 -3.88
C GLN A 60 -23.27 0.11 -3.94
N ASP A 11 10.17 5.16 17.40
CA ASP A 11 9.34 3.97 17.31
C ASP A 11 8.09 4.24 16.47
N SER A 12 8.23 5.11 15.47
CA SER A 12 7.12 5.45 14.59
C SER A 12 7.13 4.59 13.34
N SER A 13 6.03 3.88 13.11
CA SER A 13 5.91 3.01 11.94
C SER A 13 5.37 3.78 10.74
N GLU A 14 6.24 4.53 10.08
CA GLU A 14 5.84 5.32 8.92
C GLU A 14 6.88 5.21 7.81
N SER A 15 7.31 3.98 7.53
CA SER A 15 8.31 3.73 6.49
C SER A 15 7.66 3.09 5.27
N CYS A 16 8.38 3.09 4.14
CA CYS A 16 7.87 2.51 2.91
C CYS A 16 7.84 0.99 2.99
N TRP A 17 6.69 0.40 2.67
CA TRP A 17 6.52 -1.04 2.71
C TRP A 17 7.58 -1.77 1.88
N ASN A 18 8.20 -1.06 0.94
CA ASN A 18 9.22 -1.65 0.08
C ASN A 18 10.60 -1.08 0.40
N CYS A 19 10.75 0.22 0.21
CA CYS A 19 12.03 0.90 0.42
C CYS A 19 12.61 0.63 1.81
N GLY A 20 11.77 0.66 2.84
CA GLY A 20 12.26 0.43 4.19
C GLY A 20 12.87 1.67 4.82
N ARG A 21 12.90 2.77 4.06
CA ARG A 21 13.47 4.02 4.55
C ARG A 21 12.36 4.96 5.02
N LYS A 22 11.60 5.48 4.07
CA LYS A 22 10.51 6.40 4.37
C LYS A 22 9.42 6.33 3.31
N ALA A 23 8.17 6.47 3.75
CA ALA A 23 7.03 6.43 2.84
C ALA A 23 6.51 7.84 2.54
N SER A 24 5.20 7.96 2.26
CA SER A 24 4.60 9.25 1.96
C SER A 24 3.17 9.07 1.47
N GLU A 25 3.01 8.30 0.41
CA GLU A 25 1.69 8.05 -0.17
C GLU A 25 1.01 6.87 0.52
N THR A 26 -0.32 6.86 0.47
CA THR A 26 -1.10 5.79 1.10
C THR A 26 -2.15 5.25 0.13
N CYS A 27 -2.34 3.93 0.15
CA CYS A 27 -3.31 3.28 -0.72
C CYS A 27 -4.67 3.98 -0.63
N SER A 28 -5.15 4.45 -1.78
CA SER A 28 -6.44 5.13 -1.84
C SER A 28 -7.59 4.12 -1.83
N GLY A 29 -7.28 2.85 -2.07
CA GLY A 29 -8.30 1.82 -2.08
C GLY A 29 -8.60 1.26 -0.70
N CYS A 30 -7.60 1.23 0.17
CA CYS A 30 -7.81 0.70 1.52
C CYS A 30 -7.35 1.69 2.59
N ASN A 31 -6.71 2.78 2.19
CA ASN A 31 -6.24 3.79 3.14
C ASN A 31 -5.32 3.19 4.19
N THR A 32 -4.67 2.08 3.84
CA THR A 32 -3.76 1.40 4.77
C THR A 32 -2.34 1.36 4.23
N ALA A 33 -2.16 0.69 3.09
CA ALA A 33 -0.85 0.57 2.47
C ALA A 33 -0.16 1.93 2.37
N ARG A 34 1.15 1.94 2.60
CA ARG A 34 1.93 3.17 2.54
C ARG A 34 3.16 2.99 1.65
N TYR A 35 3.49 4.03 0.89
CA TYR A 35 4.65 3.98 -0.01
C TYR A 35 5.26 5.37 -0.17
N CYS A 36 6.41 5.42 -0.83
CA CYS A 36 7.12 6.68 -1.05
C CYS A 36 6.86 7.22 -2.45
N GLY A 37 6.35 6.38 -3.35
CA GLY A 37 6.08 6.82 -4.71
C GLY A 37 5.11 5.91 -5.44
N SER A 38 4.65 6.35 -6.60
CA SER A 38 3.72 5.59 -7.41
C SER A 38 4.31 4.25 -7.83
N PHE A 39 5.59 4.25 -8.18
CA PHE A 39 6.27 3.03 -8.60
C PHE A 39 6.25 1.99 -7.48
N CYS A 40 6.59 2.44 -6.27
CA CYS A 40 6.61 1.55 -5.11
C CYS A 40 5.24 0.91 -4.90
N GLN A 41 4.19 1.67 -5.16
CA GLN A 41 2.83 1.17 -5.01
C GLN A 41 2.54 0.08 -6.04
N HIS A 42 3.07 0.25 -7.24
CA HIS A 42 2.88 -0.71 -8.31
C HIS A 42 3.65 -2.00 -8.06
N LYS A 43 4.87 -1.85 -7.54
CA LYS A 43 5.71 -3.00 -7.25
C LYS A 43 5.06 -3.89 -6.19
N ASP A 44 4.57 -3.27 -5.13
CA ASP A 44 3.91 -4.00 -4.05
C ASP A 44 2.43 -4.23 -4.35
N TRP A 45 1.89 -3.49 -5.32
CA TRP A 45 0.49 -3.59 -5.71
C TRP A 45 0.10 -5.04 -6.01
N GLU A 46 0.93 -5.74 -6.77
CA GLU A 46 0.62 -7.13 -7.11
C GLU A 46 0.42 -7.97 -5.85
N LYS A 47 1.33 -7.82 -4.90
CA LYS A 47 1.25 -8.52 -3.63
C LYS A 47 0.12 -7.95 -2.79
N HIS A 48 -0.06 -6.63 -2.89
CA HIS A 48 -1.08 -5.91 -2.13
C HIS A 48 -2.49 -6.43 -2.41
N HIS A 49 -2.73 -6.89 -3.64
CA HIS A 49 -4.05 -7.39 -4.00
C HIS A 49 -4.44 -8.63 -3.21
N HIS A 50 -3.48 -9.21 -2.49
CA HIS A 50 -3.74 -10.39 -1.68
C HIS A 50 -4.53 -10.03 -0.42
N ILE A 51 -4.36 -8.80 0.05
CA ILE A 51 -5.06 -8.34 1.25
C ILE A 51 -5.90 -7.10 0.98
N CYS A 52 -5.89 -6.61 -0.26
CA CYS A 52 -6.66 -5.43 -0.61
C CYS A 52 -7.94 -5.80 -1.34
N GLY A 53 -9.00 -5.03 -1.10
CA GLY A 53 -10.28 -5.30 -1.74
C GLY A 53 -11.30 -5.86 -0.77
N GLN A 54 -10.82 -6.55 0.27
CA GLN A 54 -11.70 -7.13 1.27
C GLN A 54 -11.49 -6.46 2.63
N THR A 55 -12.50 -5.73 3.09
CA THR A 55 -12.43 -5.04 4.36
C THR A 55 -13.71 -5.23 5.16
N LEU A 56 -13.67 -6.14 6.14
CA LEU A 56 -14.83 -6.41 6.97
C LEU A 56 -15.20 -5.20 7.82
N GLN A 57 -16.24 -5.35 8.64
CA GLN A 57 -16.69 -4.26 9.50
C GLN A 57 -16.83 -4.74 10.94
N ALA A 58 -15.75 -4.65 11.69
CA ALA A 58 -15.74 -5.08 13.09
C ALA A 58 -14.50 -4.55 13.82
N GLN A 59 -14.44 -3.24 14.00
CA GLN A 59 -13.31 -2.62 14.68
C GLN A 59 -13.71 -1.26 15.26
N GLN A 60 -14.35 -1.29 16.43
CA GLN A 60 -14.77 -0.06 17.09
C GLN A 60 -13.59 0.66 17.72
N ASP A 11 13.52 3.57 11.78
CA ASP A 11 12.24 4.14 11.37
C ASP A 11 11.14 3.07 11.40
N SER A 12 10.50 2.93 12.55
CA SER A 12 9.43 1.96 12.70
C SER A 12 8.12 2.48 12.11
N SER A 13 7.90 3.78 12.22
CA SER A 13 6.70 4.41 11.70
C SER A 13 7.02 5.30 10.50
N GLU A 14 6.05 5.47 9.61
CA GLU A 14 6.23 6.29 8.42
C GLU A 14 7.36 5.74 7.55
N SER A 15 7.31 4.44 7.29
CA SER A 15 8.32 3.79 6.46
C SER A 15 7.68 3.11 5.26
N CYS A 16 8.39 3.13 4.12
CA CYS A 16 7.88 2.52 2.90
C CYS A 16 7.88 1.00 3.02
N TRP A 17 6.74 0.38 2.70
CA TRP A 17 6.61 -1.07 2.78
C TRP A 17 7.67 -1.78 1.94
N ASN A 18 8.28 -1.07 1.00
CA ASN A 18 9.31 -1.66 0.15
C ASN A 18 10.69 -1.06 0.45
N CYS A 19 10.81 0.25 0.25
CA CYS A 19 12.08 0.95 0.47
C CYS A 19 12.68 0.67 1.84
N GLY A 20 11.87 0.72 2.89
CA GLY A 20 12.38 0.48 4.23
C GLY A 20 12.93 1.73 4.87
N ARG A 21 12.93 2.85 4.14
CA ARG A 21 13.43 4.11 4.65
C ARG A 21 12.29 5.02 5.10
N LYS A 22 11.61 5.61 4.14
CA LYS A 22 10.49 6.50 4.44
C LYS A 22 9.40 6.40 3.37
N ALA A 23 8.15 6.54 3.81
CA ALA A 23 7.01 6.47 2.90
C ALA A 23 6.48 7.86 2.59
N SER A 24 5.17 7.97 2.30
CA SER A 24 4.54 9.24 1.99
C SER A 24 3.10 9.04 1.51
N GLU A 25 2.95 8.25 0.46
CA GLU A 25 1.63 7.97 -0.09
C GLU A 25 0.97 6.80 0.62
N THR A 26 -0.37 6.78 0.58
CA THR A 26 -1.13 5.72 1.22
C THR A 26 -2.20 5.17 0.28
N CYS A 27 -2.39 3.85 0.30
CA CYS A 27 -3.37 3.20 -0.55
C CYS A 27 -4.73 3.89 -0.47
N SER A 28 -5.22 4.38 -1.60
CA SER A 28 -6.50 5.06 -1.65
C SER A 28 -7.66 4.06 -1.62
N GLY A 29 -7.34 2.79 -1.87
CA GLY A 29 -8.36 1.76 -1.88
C GLY A 29 -8.64 1.18 -0.50
N CYS A 30 -7.62 1.14 0.36
CA CYS A 30 -7.79 0.59 1.70
C CYS A 30 -7.32 1.57 2.78
N ASN A 31 -6.68 2.67 2.37
CA ASN A 31 -6.20 3.67 3.32
C ASN A 31 -5.26 3.04 4.35
N THR A 32 -4.61 1.94 3.98
CA THR A 32 -3.70 1.25 4.88
C THR A 32 -2.28 1.22 4.31
N ALA A 33 -2.12 0.55 3.17
CA ALA A 33 -0.82 0.43 2.53
C ALA A 33 -0.14 1.79 2.39
N ARG A 34 1.17 1.81 2.64
CA ARG A 34 1.95 3.04 2.56
C ARG A 34 3.14 2.86 1.62
N TYR A 35 3.46 3.90 0.87
CA TYR A 35 4.59 3.87 -0.06
C TYR A 35 5.21 5.24 -0.21
N CYS A 36 6.37 5.30 -0.87
CA CYS A 36 7.07 6.56 -1.09
C CYS A 36 6.76 7.13 -2.47
N GLY A 37 6.23 6.29 -3.36
CA GLY A 37 5.92 6.74 -4.70
C GLY A 37 4.99 5.80 -5.44
N SER A 38 4.66 6.15 -6.68
CA SER A 38 3.76 5.33 -7.50
C SER A 38 4.41 4.00 -7.87
N PHE A 39 5.70 4.03 -8.20
CA PHE A 39 6.42 2.83 -8.58
C PHE A 39 6.41 1.81 -7.45
N CYS A 40 6.71 2.28 -6.24
CA CYS A 40 6.74 1.40 -5.07
C CYS A 40 5.38 0.79 -4.82
N GLN A 41 4.32 1.58 -5.02
CA GLN A 41 2.96 1.10 -4.83
C GLN A 41 2.60 0.09 -5.92
N HIS A 42 3.12 0.31 -7.12
CA HIS A 42 2.85 -0.58 -8.24
C HIS A 42 3.57 -1.91 -8.07
N LYS A 43 4.81 -1.85 -7.58
CA LYS A 43 5.60 -3.05 -7.36
C LYS A 43 4.96 -3.93 -6.30
N ASP A 44 4.48 -3.30 -5.23
CA ASP A 44 3.83 -4.02 -4.14
C ASP A 44 2.35 -4.22 -4.42
N TRP A 45 1.81 -3.44 -5.35
CA TRP A 45 0.40 -3.51 -5.71
C TRP A 45 -0.02 -4.94 -6.06
N GLU A 46 0.78 -5.63 -6.85
CA GLU A 46 0.46 -7.00 -7.24
C GLU A 46 0.27 -7.89 -6.01
N LYS A 47 1.21 -7.81 -5.08
CA LYS A 47 1.14 -8.58 -3.84
C LYS A 47 0.05 -8.02 -2.93
N HIS A 48 -0.10 -6.70 -2.95
CA HIS A 48 -1.07 -5.99 -2.13
C HIS A 48 -2.50 -6.47 -2.40
N HIS A 49 -2.78 -6.87 -3.63
CA HIS A 49 -4.12 -7.35 -4.00
C HIS A 49 -4.51 -8.59 -3.21
N HIS A 50 -3.57 -9.19 -2.50
CA HIS A 50 -3.84 -10.39 -1.71
C HIS A 50 -4.61 -10.03 -0.45
N ILE A 51 -4.39 -8.83 0.07
CA ILE A 51 -5.08 -8.39 1.28
C ILE A 51 -5.93 -7.14 1.03
N CYS A 52 -5.95 -6.66 -0.20
CA CYS A 52 -6.72 -5.48 -0.55
C CYS A 52 -8.01 -5.86 -1.28
N GLY A 53 -8.95 -4.93 -1.34
CA GLY A 53 -10.21 -5.19 -2.00
C GLY A 53 -10.47 -4.25 -3.16
N GLN A 54 -9.42 -3.94 -3.91
CA GLN A 54 -9.53 -3.04 -5.05
C GLN A 54 -10.52 -3.59 -6.08
N THR A 55 -11.75 -3.11 -6.02
CA THR A 55 -12.79 -3.55 -6.94
C THR A 55 -13.62 -2.36 -7.44
N LEU A 56 -14.32 -2.55 -8.55
CA LEU A 56 -15.15 -1.50 -9.13
C LEU A 56 -16.34 -1.20 -8.22
N GLN A 57 -16.89 0.00 -8.38
CA GLN A 57 -18.05 0.42 -7.58
C GLN A 57 -19.08 1.12 -8.45
N ALA A 58 -20.30 1.24 -7.93
CA ALA A 58 -21.38 1.89 -8.66
C ALA A 58 -22.38 2.53 -7.69
N GLN A 59 -22.23 3.84 -7.48
CA GLN A 59 -23.11 4.57 -6.59
C GLN A 59 -23.58 5.87 -7.23
N GLN A 60 -24.83 5.89 -7.67
CA GLN A 60 -25.40 7.08 -8.32
C GLN A 60 -26.91 7.07 -8.23
N ASP A 11 1.60 6.35 14.06
CA ASP A 11 0.69 5.21 14.01
C ASP A 11 1.39 3.93 14.46
N SER A 12 2.32 3.44 13.64
CA SER A 12 3.06 2.23 13.96
C SER A 12 4.36 2.16 13.17
N SER A 13 4.27 2.41 11.87
CA SER A 13 5.44 2.38 11.00
C SER A 13 5.32 3.42 9.89
N GLU A 14 6.13 4.47 10.00
CA GLU A 14 6.12 5.54 9.00
C GLU A 14 7.22 5.33 7.97
N SER A 15 7.33 4.11 7.46
CA SER A 15 8.33 3.77 6.46
C SER A 15 7.69 3.10 5.25
N CYS A 16 8.38 3.15 4.11
CA CYS A 16 7.87 2.56 2.89
C CYS A 16 7.87 1.03 2.99
N TRP A 17 6.71 0.43 2.67
CA TRP A 17 6.56 -1.01 2.73
C TRP A 17 7.62 -1.75 1.90
N ASN A 18 8.25 -1.02 0.97
CA ASN A 18 9.28 -1.61 0.12
C ASN A 18 10.66 -1.02 0.43
N CYS A 19 10.79 0.28 0.22
CA CYS A 19 12.06 0.98 0.45
C CYS A 19 12.66 0.69 1.82
N GLY A 20 11.82 0.72 2.86
CA GLY A 20 12.32 0.47 4.20
C GLY A 20 12.91 1.72 4.84
N ARG A 21 12.92 2.83 4.10
CA ARG A 21 13.46 4.08 4.60
C ARG A 21 12.34 5.02 5.04
N LYS A 22 11.62 5.57 4.08
CA LYS A 22 10.52 6.49 4.37
C LYS A 22 9.42 6.38 3.30
N ALA A 23 8.17 6.53 3.74
CA ALA A 23 7.04 6.45 2.83
C ALA A 23 6.50 7.86 2.52
N SER A 24 5.21 7.96 2.22
CA SER A 24 4.58 9.24 1.91
C SER A 24 3.15 9.05 1.43
N GLU A 25 2.99 8.27 0.37
CA GLU A 25 1.66 8.01 -0.18
C GLU A 25 0.99 6.83 0.53
N THR A 26 -0.34 6.81 0.49
CA THR A 26 -1.10 5.75 1.13
C THR A 26 -2.17 5.20 0.19
N CYS A 27 -2.36 3.88 0.20
CA CYS A 27 -3.35 3.24 -0.66
C CYS A 27 -4.70 3.94 -0.56
N SER A 28 -5.19 4.44 -1.69
CA SER A 28 -6.48 5.13 -1.73
C SER A 28 -7.63 4.13 -1.71
N GLY A 29 -7.33 2.86 -1.97
CA GLY A 29 -8.36 1.83 -1.98
C GLY A 29 -8.66 1.26 -0.61
N CYS A 30 -7.65 1.20 0.25
CA CYS A 30 -7.84 0.66 1.60
C CYS A 30 -7.37 1.64 2.68
N ASN A 31 -6.73 2.73 2.28
CA ASN A 31 -6.24 3.73 3.22
C ASN A 31 -5.31 3.10 4.26
N THR A 32 -4.67 2.01 3.89
CA THR A 32 -3.76 1.31 4.81
C THR A 32 -2.35 1.27 4.25
N ALA A 33 -2.18 0.60 3.11
CA ALA A 33 -0.87 0.48 2.47
C ALA A 33 -0.17 1.84 2.35
N ARG A 34 1.13 1.85 2.58
CA ARG A 34 1.91 3.08 2.49
C ARG A 34 3.12 2.90 1.58
N TYR A 35 3.44 3.95 0.82
CA TYR A 35 4.57 3.90 -0.10
C TYR A 35 5.19 5.29 -0.26
N CYS A 36 6.35 5.34 -0.90
CA CYS A 36 7.05 6.60 -1.11
C CYS A 36 6.76 7.17 -2.50
N GLY A 37 6.21 6.33 -3.39
CA GLY A 37 5.91 6.78 -4.73
C GLY A 37 4.98 5.85 -5.47
N SER A 38 4.66 6.19 -6.71
CA SER A 38 3.78 5.39 -7.54
C SER A 38 4.41 4.05 -7.91
N PHE A 39 5.71 4.08 -8.23
CA PHE A 39 6.43 2.87 -8.61
C PHE A 39 6.41 1.86 -7.47
N CYS A 40 6.71 2.32 -6.26
CA CYS A 40 6.73 1.46 -5.09
C CYS A 40 5.36 0.84 -4.85
N GLN A 41 4.31 1.63 -5.06
CA GLN A 41 2.96 1.15 -4.88
C GLN A 41 2.60 0.12 -5.94
N HIS A 42 3.13 0.32 -7.14
CA HIS A 42 2.87 -0.60 -8.25
C HIS A 42 3.62 -1.92 -8.05
N LYS A 43 4.84 -1.84 -7.54
CA LYS A 43 5.66 -3.02 -7.29
C LYS A 43 5.02 -3.89 -6.21
N ASP A 44 4.52 -3.24 -5.16
CA ASP A 44 3.88 -3.95 -4.06
C ASP A 44 2.40 -4.18 -4.35
N TRP A 45 1.85 -3.42 -5.30
CA TRP A 45 0.45 -3.52 -5.65
C TRP A 45 0.04 -4.96 -5.98
N GLU A 46 0.86 -5.66 -6.77
CA GLU A 46 0.55 -7.04 -7.13
C GLU A 46 0.36 -7.88 -5.87
N LYS A 47 1.29 -7.76 -4.93
CA LYS A 47 1.21 -8.48 -3.67
C LYS A 47 0.09 -7.91 -2.80
N HIS A 48 -0.10 -6.60 -2.89
CA HIS A 48 -1.10 -5.90 -2.12
C HIS A 48 -2.52 -6.41 -2.40
N HIS A 49 -2.76 -6.86 -3.63
CA HIS A 49 -4.09 -7.36 -4.00
C HIS A 49 -4.46 -8.62 -3.22
N HIS A 50 -3.50 -9.19 -2.50
CA HIS A 50 -3.75 -10.38 -1.70
C HIS A 50 -4.54 -10.04 -0.45
N ILE A 51 -4.36 -8.81 0.05
CA ILE A 51 -5.05 -8.37 1.26
C ILE A 51 -5.90 -7.13 0.99
N CYS A 52 -5.90 -6.65 -0.24
CA CYS A 52 -6.69 -5.46 -0.59
C CYS A 52 -7.93 -5.84 -1.38
N GLY A 53 -8.89 -4.92 -1.43
CA GLY A 53 -10.12 -5.18 -2.16
C GLY A 53 -11.33 -5.27 -1.25
N GLN A 54 -11.22 -6.10 -0.21
CA GLN A 54 -12.31 -6.28 0.74
C GLN A 54 -12.27 -5.20 1.83
N THR A 55 -13.09 -4.18 1.66
CA THR A 55 -13.14 -3.08 2.63
C THR A 55 -14.56 -2.55 2.76
N LEU A 56 -15.05 -1.90 1.71
CA LEU A 56 -16.39 -1.33 1.70
C LEU A 56 -17.00 -1.38 0.31
N GLN A 57 -17.42 -2.57 -0.12
CA GLN A 57 -18.02 -2.76 -1.43
C GLN A 57 -18.61 -4.16 -1.56
N ALA A 58 -19.15 -4.67 -0.46
CA ALA A 58 -19.76 -6.00 -0.46
C ALA A 58 -20.64 -6.19 0.77
N GLN A 59 -21.77 -6.86 0.58
CA GLN A 59 -22.71 -7.11 1.66
C GLN A 59 -23.71 -8.19 1.28
N GLN A 60 -24.23 -8.89 2.28
CA GLN A 60 -25.21 -9.95 2.05
C GLN A 60 -24.61 -11.05 1.16
N ASP A 11 9.98 -1.49 15.15
CA ASP A 11 9.28 -0.26 15.50
C ASP A 11 9.25 0.70 14.31
N SER A 12 8.07 0.86 13.71
CA SER A 12 7.91 1.74 12.56
C SER A 12 6.66 2.61 12.73
N SER A 13 6.46 3.52 11.78
CA SER A 13 5.31 4.42 11.81
C SER A 13 5.05 5.03 10.44
N GLU A 14 6.12 5.48 9.79
CA GLU A 14 6.01 6.09 8.46
C GLU A 14 7.14 5.62 7.55
N SER A 15 7.18 4.32 7.28
CA SER A 15 8.21 3.76 6.41
C SER A 15 7.59 3.07 5.20
N CYS A 16 8.28 3.12 4.07
CA CYS A 16 7.81 2.49 2.84
C CYS A 16 7.81 0.98 2.96
N TRP A 17 6.68 0.36 2.64
CA TRP A 17 6.54 -1.10 2.71
C TRP A 17 7.62 -1.81 1.90
N ASN A 18 8.24 -1.10 0.95
CA ASN A 18 9.27 -1.68 0.11
C ASN A 18 10.65 -1.07 0.44
N CYS A 19 10.76 0.23 0.23
CA CYS A 19 12.03 0.93 0.46
C CYS A 19 12.60 0.69 1.85
N GLY A 20 11.74 0.71 2.87
CA GLY A 20 12.23 0.50 4.23
C GLY A 20 12.82 1.76 4.84
N ARG A 21 12.83 2.85 4.07
CA ARG A 21 13.38 4.12 4.56
C ARG A 21 12.26 5.02 5.08
N LYS A 22 11.47 5.55 4.16
CA LYS A 22 10.37 6.44 4.52
C LYS A 22 9.29 6.44 3.46
N ALA A 23 8.03 6.62 3.89
CA ALA A 23 6.90 6.65 2.98
C ALA A 23 5.98 7.83 3.29
N SER A 24 5.33 8.36 2.25
CA SER A 24 4.43 9.49 2.42
C SER A 24 3.04 9.21 1.84
N GLU A 25 3.01 8.38 0.79
CA GLU A 25 1.75 8.04 0.14
C GLU A 25 1.08 6.86 0.83
N THR A 26 -0.25 6.83 0.77
CA THR A 26 -1.03 5.75 1.39
C THR A 26 -2.07 5.21 0.42
N CYS A 27 -2.27 3.90 0.42
CA CYS A 27 -3.24 3.25 -0.46
C CYS A 27 -4.59 3.95 -0.39
N SER A 28 -5.06 4.43 -1.54
CA SER A 28 -6.34 5.11 -1.60
C SER A 28 -7.49 4.12 -1.59
N GLY A 29 -7.18 2.85 -1.84
CA GLY A 29 -8.21 1.82 -1.86
C GLY A 29 -8.51 1.25 -0.49
N CYS A 30 -7.51 1.19 0.39
CA CYS A 30 -7.71 0.65 1.73
C CYS A 30 -7.25 1.62 2.81
N ASN A 31 -6.60 2.72 2.42
CA ASN A 31 -6.12 3.71 3.38
C ASN A 31 -5.20 3.08 4.41
N THR A 32 -4.55 1.99 4.05
CA THR A 32 -3.65 1.29 4.95
C THR A 32 -2.22 1.27 4.39
N ALA A 33 -2.05 0.60 3.25
CA ALA A 33 -0.75 0.49 2.61
C ALA A 33 -0.08 1.87 2.47
N ARG A 34 1.24 1.88 2.54
CA ARG A 34 1.99 3.13 2.43
C ARG A 34 3.19 2.96 1.50
N TYR A 35 3.48 3.99 0.72
CA TYR A 35 4.60 3.95 -0.21
C TYR A 35 5.18 5.36 -0.41
N CYS A 36 6.36 5.41 -1.01
CA CYS A 36 7.04 6.69 -1.26
C CYS A 36 6.77 7.20 -2.68
N GLY A 37 6.27 6.31 -3.54
CA GLY A 37 5.99 6.70 -4.91
C GLY A 37 5.03 5.77 -5.62
N SER A 38 4.69 6.10 -6.86
CA SER A 38 3.77 5.28 -7.65
C SER A 38 4.40 3.93 -8.00
N PHE A 39 5.68 3.94 -8.34
CA PHE A 39 6.38 2.72 -8.70
C PHE A 39 6.38 1.73 -7.54
N CYS A 40 6.70 2.23 -6.35
CA CYS A 40 6.73 1.39 -5.15
C CYS A 40 5.36 0.77 -4.90
N GLN A 41 4.31 1.53 -5.13
CA GLN A 41 2.95 1.04 -4.94
C GLN A 41 2.60 0.01 -6.01
N HIS A 42 3.15 0.21 -7.21
CA HIS A 42 2.90 -0.70 -8.32
C HIS A 42 3.61 -2.03 -8.11
N LYS A 43 4.84 -1.96 -7.58
CA LYS A 43 5.63 -3.16 -7.33
C LYS A 43 4.99 -4.00 -6.24
N ASP A 44 4.46 -3.34 -5.21
CA ASP A 44 3.81 -4.03 -4.10
C ASP A 44 2.33 -4.25 -4.40
N TRP A 45 1.79 -3.49 -5.34
CA TRP A 45 0.38 -3.58 -5.71
C TRP A 45 -0.03 -5.02 -6.04
N GLU A 46 0.79 -5.72 -6.82
CA GLU A 46 0.48 -7.10 -7.19
C GLU A 46 0.28 -7.95 -5.94
N LYS A 47 1.22 -7.83 -4.99
CA LYS A 47 1.13 -8.56 -3.73
C LYS A 47 0.01 -8.00 -2.87
N HIS A 48 -0.15 -6.67 -2.94
CA HIS A 48 -1.15 -5.97 -2.16
C HIS A 48 -2.58 -6.46 -2.45
N HIS A 49 -2.83 -6.90 -3.67
CA HIS A 49 -4.16 -7.37 -4.04
C HIS A 49 -4.55 -8.64 -3.27
N HIS A 50 -3.59 -9.23 -2.56
CA HIS A 50 -3.86 -10.43 -1.77
C HIS A 50 -4.64 -10.08 -0.51
N ILE A 51 -4.43 -8.88 0.01
CA ILE A 51 -5.11 -8.43 1.22
C ILE A 51 -5.93 -7.17 0.99
N CYS A 52 -5.92 -6.65 -0.23
CA CYS A 52 -6.67 -5.44 -0.56
C CYS A 52 -7.95 -5.78 -1.32
N GLY A 53 -8.94 -4.89 -1.23
CA GLY A 53 -10.19 -5.12 -1.92
C GLY A 53 -10.07 -4.96 -3.43
N GLN A 54 -9.11 -4.16 -3.86
CA GLN A 54 -8.89 -3.92 -5.29
C GLN A 54 -8.58 -5.23 -6.01
N THR A 55 -9.19 -5.41 -7.17
CA THR A 55 -8.98 -6.63 -7.96
C THR A 55 -9.20 -6.34 -9.45
N LEU A 56 -9.03 -7.37 -10.27
CA LEU A 56 -9.21 -7.25 -11.70
C LEU A 56 -10.64 -6.86 -12.04
N GLN A 57 -11.59 -7.66 -11.58
CA GLN A 57 -13.01 -7.40 -11.83
C GLN A 57 -13.87 -7.78 -10.62
N ALA A 58 -13.61 -8.98 -10.09
CA ALA A 58 -14.36 -9.46 -8.94
C ALA A 58 -14.01 -8.66 -7.69
N GLN A 59 -14.60 -9.05 -6.56
CA GLN A 59 -14.35 -8.36 -5.29
C GLN A 59 -14.58 -9.31 -4.11
N GLN A 60 -13.79 -9.12 -3.06
CA GLN A 60 -13.90 -9.96 -1.87
C GLN A 60 -14.95 -9.40 -0.92
N ASP A 11 8.40 4.82 17.46
CA ASP A 11 7.61 6.00 17.76
C ASP A 11 6.46 6.15 16.78
N SER A 12 6.79 6.33 15.50
CA SER A 12 5.78 6.48 14.46
C SER A 12 6.12 5.63 13.24
N SER A 13 5.27 4.66 12.94
CA SER A 13 5.48 3.78 11.80
C SER A 13 5.20 4.50 10.50
N GLU A 14 6.23 5.14 9.95
CA GLU A 14 6.10 5.88 8.69
C GLU A 14 7.21 5.50 7.72
N SER A 15 7.26 4.22 7.35
CA SER A 15 8.28 3.73 6.43
C SER A 15 7.63 3.08 5.22
N CYS A 16 8.35 3.06 4.10
CA CYS A 16 7.84 2.47 2.87
C CYS A 16 7.81 0.94 2.97
N TRP A 17 6.68 0.35 2.65
CA TRP A 17 6.50 -1.10 2.70
C TRP A 17 7.56 -1.82 1.86
N ASN A 18 8.18 -1.10 0.93
CA ASN A 18 9.20 -1.69 0.06
C ASN A 18 10.58 -1.12 0.37
N CYS A 19 10.73 0.19 0.17
CA CYS A 19 12.01 0.87 0.39
C CYS A 19 12.60 0.58 1.77
N GLY A 20 11.77 0.61 2.80
CA GLY A 20 12.27 0.35 4.14
C GLY A 20 12.88 1.60 4.78
N ARG A 21 12.90 2.71 4.04
CA ARG A 21 13.45 3.95 4.53
C ARG A 21 12.35 4.89 5.01
N LYS A 22 11.57 5.41 4.06
CA LYS A 22 10.48 6.32 4.39
C LYS A 22 9.38 6.25 3.33
N ALA A 23 8.13 6.40 3.77
CA ALA A 23 6.99 6.36 2.87
C ALA A 23 6.50 7.77 2.54
N SER A 24 5.22 7.91 2.20
CA SER A 24 4.65 9.21 1.87
C SER A 24 3.19 9.05 1.43
N GLU A 25 2.98 8.28 0.38
CA GLU A 25 1.64 8.05 -0.14
C GLU A 25 0.96 6.87 0.57
N THR A 26 -0.36 6.85 0.53
CA THR A 26 -1.14 5.79 1.17
C THR A 26 -2.20 5.24 0.22
N CYS A 27 -2.38 3.92 0.25
CA CYS A 27 -3.37 3.27 -0.60
C CYS A 27 -4.72 3.97 -0.53
N SER A 28 -5.21 4.43 -1.67
CA SER A 28 -6.49 5.11 -1.72
C SER A 28 -7.65 4.10 -1.69
N GLY A 29 -7.33 2.83 -1.93
CA GLY A 29 -8.35 1.80 -1.94
C GLY A 29 -8.64 1.23 -0.57
N CYS A 30 -7.63 1.19 0.30
CA CYS A 30 -7.82 0.66 1.64
C CYS A 30 -7.35 1.65 2.73
N ASN A 31 -6.72 2.74 2.31
CA ASN A 31 -6.24 3.75 3.26
C ASN A 31 -5.31 3.14 4.30
N THR A 32 -4.65 2.04 3.95
CA THR A 32 -3.74 1.36 4.86
C THR A 32 -2.33 1.31 4.30
N ALA A 33 -2.16 0.64 3.16
CA ALA A 33 -0.86 0.51 2.52
C ALA A 33 -0.16 1.86 2.40
N ARG A 34 1.14 1.87 2.64
CA ARG A 34 1.93 3.10 2.56
C ARG A 34 3.11 2.91 1.62
N TYR A 35 3.44 3.97 0.88
CA TYR A 35 4.57 3.93 -0.06
C TYR A 35 5.20 5.30 -0.20
N CYS A 36 6.36 5.35 -0.84
CA CYS A 36 7.08 6.60 -1.04
C CYS A 36 6.79 7.19 -2.42
N GLY A 37 6.24 6.36 -3.32
CA GLY A 37 5.95 6.83 -4.67
C GLY A 37 4.97 5.94 -5.39
N SER A 38 4.64 6.31 -6.62
CA SER A 38 3.70 5.54 -7.44
C SER A 38 4.29 4.18 -7.84
N PHE A 39 5.57 4.19 -8.20
CA PHE A 39 6.24 2.96 -8.61
C PHE A 39 6.24 1.94 -7.49
N CYS A 40 6.58 2.39 -6.28
CA CYS A 40 6.63 1.51 -5.12
C CYS A 40 5.27 0.87 -4.88
N GLN A 41 4.21 1.64 -5.11
CA GLN A 41 2.84 1.15 -4.92
C GLN A 41 2.52 0.09 -5.97
N HIS A 42 3.04 0.28 -7.18
CA HIS A 42 2.81 -0.65 -8.28
C HIS A 42 3.56 -1.96 -8.05
N LYS A 43 4.79 -1.85 -7.55
CA LYS A 43 5.62 -3.02 -7.28
C LYS A 43 4.99 -3.88 -6.18
N ASP A 44 4.49 -3.22 -5.14
CA ASP A 44 3.86 -3.92 -4.04
C ASP A 44 2.37 -4.18 -4.31
N TRP A 45 1.82 -3.44 -5.28
CA TRP A 45 0.42 -3.57 -5.64
C TRP A 45 0.04 -5.03 -5.94
N GLU A 46 0.87 -5.72 -6.71
CA GLU A 46 0.59 -7.11 -7.04
C GLU A 46 0.41 -7.94 -5.78
N LYS A 47 1.34 -7.78 -4.84
CA LYS A 47 1.26 -8.48 -3.56
C LYS A 47 0.13 -7.92 -2.72
N HIS A 48 -0.08 -6.62 -2.82
CA HIS A 48 -1.10 -5.92 -2.06
C HIS A 48 -2.50 -6.46 -2.34
N HIS A 49 -2.74 -6.94 -3.56
CA HIS A 49 -4.06 -7.47 -3.91
C HIS A 49 -4.41 -8.72 -3.11
N HIS A 50 -3.42 -9.27 -2.39
CA HIS A 50 -3.65 -10.46 -1.57
C HIS A 50 -4.44 -10.10 -0.32
N ILE A 51 -4.30 -8.86 0.14
CA ILE A 51 -4.99 -8.41 1.34
C ILE A 51 -5.83 -7.16 1.09
N CYS A 52 -5.83 -6.67 -0.16
CA CYS A 52 -6.58 -5.47 -0.51
C CYS A 52 -7.79 -5.83 -1.37
N GLY A 53 -8.78 -4.94 -1.41
CA GLY A 53 -9.97 -5.17 -2.20
C GLY A 53 -10.04 -4.30 -3.43
N GLN A 54 -8.88 -3.91 -3.94
CA GLN A 54 -8.81 -3.07 -5.13
C GLN A 54 -9.27 -3.83 -6.37
N THR A 55 -10.06 -3.17 -7.22
CA THR A 55 -10.56 -3.79 -8.44
C THR A 55 -11.07 -2.74 -9.41
N LEU A 56 -11.81 -1.77 -8.88
CA LEU A 56 -12.36 -0.69 -9.71
C LEU A 56 -13.36 -1.25 -10.73
N GLN A 57 -14.45 -0.52 -10.94
CA GLN A 57 -15.47 -0.94 -11.89
C GLN A 57 -16.22 0.26 -12.45
N ALA A 58 -17.25 -0.01 -13.23
CA ALA A 58 -18.04 1.06 -13.84
C ALA A 58 -18.84 1.83 -12.78
N GLN A 59 -19.22 1.12 -11.73
CA GLN A 59 -19.98 1.74 -10.63
C GLN A 59 -19.06 2.17 -9.50
N GLN A 60 -19.60 2.96 -8.58
CA GLN A 60 -18.82 3.45 -7.45
C GLN A 60 -17.63 4.28 -7.92
N ASP A 11 12.36 0.76 14.84
CA ASP A 11 11.02 1.30 14.63
C ASP A 11 11.08 2.59 13.83
N SER A 12 10.54 2.56 12.61
CA SER A 12 10.53 3.73 11.75
C SER A 12 9.11 4.26 11.57
N SER A 13 8.96 5.58 11.64
CA SER A 13 7.65 6.21 11.48
C SER A 13 7.35 6.47 10.02
N GLU A 14 6.25 5.90 9.53
CA GLU A 14 5.85 6.07 8.14
C GLU A 14 6.94 5.56 7.19
N SER A 15 7.25 4.27 7.30
CA SER A 15 8.27 3.65 6.46
C SER A 15 7.62 3.00 5.24
N CYS A 16 8.33 3.02 4.12
CA CYS A 16 7.83 2.43 2.88
C CYS A 16 7.80 0.91 2.98
N TRP A 17 6.65 0.31 2.65
CA TRP A 17 6.48 -1.14 2.70
C TRP A 17 7.52 -1.85 1.85
N ASN A 18 8.15 -1.13 0.91
CA ASN A 18 9.16 -1.72 0.04
C ASN A 18 10.55 -1.14 0.35
N CYS A 19 10.70 0.15 0.17
CA CYS A 19 11.97 0.82 0.38
C CYS A 19 12.57 0.53 1.76
N GLY A 20 11.73 0.55 2.79
CA GLY A 20 12.23 0.29 4.14
C GLY A 20 12.84 1.52 4.79
N ARG A 21 12.86 2.63 4.06
CA ARG A 21 13.42 3.88 4.57
C ARG A 21 12.33 4.82 5.04
N LYS A 22 11.55 5.35 4.11
CA LYS A 22 10.47 6.27 4.42
C LYS A 22 9.37 6.22 3.37
N ALA A 23 8.13 6.37 3.81
CA ALA A 23 6.98 6.35 2.91
C ALA A 23 6.49 7.76 2.62
N SER A 24 5.20 7.90 2.33
CA SER A 24 4.61 9.21 2.04
C SER A 24 3.16 9.05 1.55
N GLU A 25 2.99 8.27 0.49
CA GLU A 25 1.66 8.04 -0.07
C GLU A 25 0.98 6.87 0.62
N THR A 26 -0.36 6.87 0.58
CA THR A 26 -1.14 5.81 1.22
C THR A 26 -2.17 5.23 0.25
N CYS A 27 -2.34 3.92 0.28
CA CYS A 27 -3.30 3.24 -0.60
C CYS A 27 -4.66 3.92 -0.55
N SER A 28 -5.13 4.37 -1.70
CA SER A 28 -6.43 5.03 -1.78
C SER A 28 -7.57 4.02 -1.75
N GLY A 29 -7.24 2.75 -1.97
CA GLY A 29 -8.25 1.70 -1.96
C GLY A 29 -8.55 1.15 -0.58
N CYS A 30 -7.55 1.14 0.29
CA CYS A 30 -7.74 0.63 1.65
C CYS A 30 -7.30 1.64 2.71
N ASN A 31 -6.67 2.74 2.28
CA ASN A 31 -6.21 3.77 3.21
C ASN A 31 -5.29 3.18 4.28
N THR A 32 -4.63 2.09 3.96
CA THR A 32 -3.72 1.42 4.90
C THR A 32 -2.30 1.37 4.35
N ALA A 33 -2.13 0.68 3.23
CA ALA A 33 -0.81 0.54 2.60
C ALA A 33 -0.11 1.89 2.47
N ARG A 34 1.19 1.91 2.75
CA ARG A 34 1.98 3.13 2.66
C ARG A 34 3.15 2.95 1.71
N TYR A 35 3.48 4.00 0.96
CA TYR A 35 4.58 3.95 0.01
C TYR A 35 5.22 5.33 -0.14
N CYS A 36 6.38 5.36 -0.79
CA CYS A 36 7.10 6.62 -1.01
C CYS A 36 6.80 7.21 -2.39
N GLY A 37 6.25 6.39 -3.29
CA GLY A 37 5.95 6.86 -4.63
C GLY A 37 4.97 5.98 -5.37
N SER A 38 4.64 6.37 -6.59
CA SER A 38 3.71 5.61 -7.42
C SER A 38 4.30 4.26 -7.84
N PHE A 39 5.59 4.26 -8.18
CA PHE A 39 6.26 3.04 -8.59
C PHE A 39 6.23 2.00 -7.49
N CYS A 40 6.55 2.43 -6.27
CA CYS A 40 6.56 1.53 -5.12
C CYS A 40 5.18 0.91 -4.91
N GLN A 41 4.14 1.69 -5.17
CA GLN A 41 2.77 1.21 -5.03
C GLN A 41 2.47 0.12 -6.04
N HIS A 42 3.01 0.29 -7.25
CA HIS A 42 2.80 -0.68 -8.32
C HIS A 42 3.58 -1.96 -8.05
N LYS A 43 4.80 -1.82 -7.54
CA LYS A 43 5.65 -2.97 -7.24
C LYS A 43 4.99 -3.85 -6.18
N ASP A 44 4.51 -3.23 -5.12
CA ASP A 44 3.86 -3.96 -4.03
C ASP A 44 2.39 -4.20 -4.34
N TRP A 45 1.85 -3.47 -5.31
CA TRP A 45 0.45 -3.59 -5.69
C TRP A 45 0.07 -5.04 -6.00
N GLU A 46 0.90 -5.74 -6.76
CA GLU A 46 0.61 -7.13 -7.11
C GLU A 46 0.43 -7.98 -5.85
N LYS A 47 1.36 -7.85 -4.91
CA LYS A 47 1.28 -8.57 -3.64
C LYS A 47 0.16 -8.01 -2.76
N HIS A 48 -0.01 -6.69 -2.84
CA HIS A 48 -1.02 -6.00 -2.05
C HIS A 48 -2.43 -6.51 -2.32
N HIS A 49 -2.68 -6.95 -3.55
CA HIS A 49 -4.00 -7.46 -3.93
C HIS A 49 -4.38 -8.71 -3.13
N HIS A 50 -3.43 -9.27 -2.40
CA HIS A 50 -3.70 -10.46 -1.59
C HIS A 50 -4.49 -10.10 -0.33
N ILE A 51 -4.32 -8.87 0.14
CA ILE A 51 -5.02 -8.42 1.34
C ILE A 51 -5.86 -7.16 1.07
N CYS A 52 -5.85 -6.67 -0.16
CA CYS A 52 -6.60 -5.49 -0.52
C CYS A 52 -7.87 -5.85 -1.28
N GLY A 53 -8.81 -4.91 -1.35
CA GLY A 53 -10.06 -5.16 -2.05
C GLY A 53 -10.30 -4.16 -3.17
N GLN A 54 -9.30 -3.99 -4.04
CA GLN A 54 -9.40 -3.07 -5.16
C GLN A 54 -10.47 -3.54 -6.14
N THR A 55 -11.53 -2.73 -6.28
CA THR A 55 -12.63 -3.05 -7.18
C THR A 55 -13.05 -1.83 -7.97
N LEU A 56 -13.96 -2.03 -8.93
CA LEU A 56 -14.46 -0.94 -9.76
C LEU A 56 -13.32 -0.29 -10.54
N GLN A 57 -13.27 -0.57 -11.84
CA GLN A 57 -12.23 -0.01 -12.70
C GLN A 57 -12.68 1.32 -13.31
N ALA A 58 -12.41 2.41 -12.62
CA ALA A 58 -12.78 3.73 -13.09
C ALA A 58 -11.98 4.82 -12.37
N GLN A 59 -11.43 5.76 -13.15
CA GLN A 59 -10.66 6.85 -12.58
C GLN A 59 -11.56 7.87 -11.90
N GLN A 60 -10.96 8.74 -11.09
CA GLN A 60 -11.72 9.76 -10.38
C GLN A 60 -10.78 10.74 -9.69
N ASP A 11 -1.97 4.82 14.16
CA ASP A 11 -0.67 4.88 13.49
C ASP A 11 0.40 4.17 14.31
N SER A 12 1.59 4.06 13.73
CA SER A 12 2.70 3.40 14.41
C SER A 12 3.98 3.49 13.59
N SER A 13 3.95 2.92 12.39
CA SER A 13 5.11 2.94 11.50
C SER A 13 4.99 4.07 10.47
N GLU A 14 6.14 4.52 9.97
CA GLU A 14 6.16 5.60 8.99
C GLU A 14 7.26 5.37 7.96
N SER A 15 7.34 4.15 7.44
CA SER A 15 8.34 3.80 6.46
C SER A 15 7.70 3.13 5.25
N CYS A 16 8.39 3.16 4.11
CA CYS A 16 7.88 2.56 2.89
C CYS A 16 7.87 1.03 2.99
N TRP A 17 6.73 0.44 2.68
CA TRP A 17 6.58 -1.02 2.74
C TRP A 17 7.64 -1.74 1.91
N ASN A 18 8.26 -1.03 0.98
CA ASN A 18 9.28 -1.63 0.13
C ASN A 18 10.66 -1.03 0.43
N CYS A 19 10.79 0.28 0.22
CA CYS A 19 12.06 0.97 0.43
C CYS A 19 12.66 0.70 1.81
N GLY A 20 11.82 0.72 2.85
CA GLY A 20 12.32 0.49 4.20
C GLY A 20 12.92 1.74 4.81
N ARG A 21 12.93 2.84 4.06
CA ARG A 21 13.48 4.09 4.56
C ARG A 21 12.37 5.04 5.01
N LYS A 22 11.59 5.51 4.04
CA LYS A 22 10.48 6.43 4.34
C LYS A 22 9.39 6.34 3.29
N ALA A 23 8.14 6.47 3.72
CA ALA A 23 7.00 6.41 2.82
C ALA A 23 6.47 7.81 2.50
N SER A 24 5.18 7.92 2.21
CA SER A 24 4.57 9.21 1.89
C SER A 24 3.13 9.03 1.43
N GLU A 25 2.94 8.24 0.38
CA GLU A 25 1.62 7.98 -0.17
C GLU A 25 0.94 6.82 0.55
N THR A 26 -0.38 6.81 0.51
CA THR A 26 -1.17 5.76 1.16
C THR A 26 -2.23 5.20 0.21
N CYS A 27 -2.42 3.88 0.25
CA CYS A 27 -3.40 3.23 -0.61
C CYS A 27 -4.76 3.93 -0.52
N SER A 28 -5.24 4.41 -1.66
CA SER A 28 -6.53 5.10 -1.70
C SER A 28 -7.68 4.10 -1.67
N GLY A 29 -7.38 2.84 -1.92
CA GLY A 29 -8.41 1.80 -1.93
C GLY A 29 -8.68 1.23 -0.54
N CYS A 30 -7.66 1.19 0.32
CA CYS A 30 -7.84 0.66 1.67
C CYS A 30 -7.36 1.63 2.74
N ASN A 31 -6.72 2.72 2.33
CA ASN A 31 -6.22 3.72 3.28
C ASN A 31 -5.28 3.10 4.31
N THR A 32 -4.64 1.99 3.93
CA THR A 32 -3.73 1.30 4.83
C THR A 32 -2.31 1.25 4.27
N ALA A 33 -2.16 0.59 3.12
CA ALA A 33 -0.85 0.46 2.47
C ALA A 33 -0.16 1.82 2.34
N ARG A 34 1.14 1.84 2.60
CA ARG A 34 1.92 3.08 2.51
C ARG A 34 3.12 2.90 1.59
N TYR A 35 3.44 3.94 0.84
CA TYR A 35 4.57 3.90 -0.09
C TYR A 35 5.19 5.28 -0.24
N CYS A 36 6.35 5.34 -0.88
CA CYS A 36 7.05 6.59 -1.11
C CYS A 36 6.76 7.16 -2.50
N GLY A 37 6.22 6.33 -3.38
CA GLY A 37 5.93 6.77 -4.74
C GLY A 37 4.97 5.84 -5.46
N SER A 38 4.65 6.19 -6.71
CA SER A 38 3.75 5.40 -7.53
C SER A 38 4.38 4.06 -7.90
N PHE A 39 5.66 4.07 -8.25
CA PHE A 39 6.36 2.86 -8.63
C PHE A 39 6.36 1.84 -7.48
N CYS A 40 6.68 2.32 -6.28
CA CYS A 40 6.71 1.46 -5.11
C CYS A 40 5.34 0.84 -4.86
N GLN A 41 4.29 1.62 -5.07
CA GLN A 41 2.94 1.13 -4.88
C GLN A 41 2.58 0.10 -5.95
N HIS A 42 3.11 0.29 -7.15
CA HIS A 42 2.86 -0.62 -8.26
C HIS A 42 3.60 -1.94 -8.05
N LYS A 43 4.82 -1.86 -7.55
CA LYS A 43 5.62 -3.05 -7.29
C LYS A 43 4.99 -3.90 -6.20
N ASP A 44 4.48 -3.24 -5.17
CA ASP A 44 3.84 -3.94 -4.06
C ASP A 44 2.36 -4.17 -4.34
N TRP A 45 1.82 -3.42 -5.29
CA TRP A 45 0.41 -3.52 -5.66
C TRP A 45 0.02 -4.97 -5.98
N GLU A 46 0.85 -5.66 -6.77
CA GLU A 46 0.53 -7.04 -7.13
C GLU A 46 0.35 -7.90 -5.88
N LYS A 47 1.29 -7.79 -4.94
CA LYS A 47 1.20 -8.53 -3.68
C LYS A 47 0.09 -7.96 -2.80
N HIS A 48 -0.07 -6.64 -2.86
CA HIS A 48 -1.07 -5.95 -2.05
C HIS A 48 -2.49 -6.45 -2.32
N HIS A 49 -2.75 -6.89 -3.56
CA HIS A 49 -4.07 -7.37 -3.93
C HIS A 49 -4.46 -8.61 -3.12
N HIS A 50 -3.50 -9.19 -2.39
CA HIS A 50 -3.77 -10.37 -1.58
C HIS A 50 -4.56 -10.01 -0.33
N ILE A 51 -4.35 -8.80 0.17
CA ILE A 51 -5.04 -8.34 1.38
C ILE A 51 -5.90 -7.10 1.10
N CYS A 52 -5.90 -6.64 -0.14
CA CYS A 52 -6.68 -5.46 -0.51
C CYS A 52 -7.93 -5.85 -1.29
N GLY A 53 -8.89 -4.94 -1.36
CA GLY A 53 -10.12 -5.20 -2.07
C GLY A 53 -10.26 -4.37 -3.33
N GLN A 54 -9.13 -4.01 -3.92
CA GLN A 54 -9.12 -3.19 -5.13
C GLN A 54 -9.66 -3.98 -6.32
N THR A 55 -10.47 -3.33 -7.15
CA THR A 55 -11.06 -3.96 -8.31
C THR A 55 -11.15 -2.99 -9.48
N LEU A 56 -10.25 -3.14 -10.45
CA LEU A 56 -10.24 -2.28 -11.62
C LEU A 56 -10.20 -3.09 -12.91
N GLN A 57 -10.25 -2.41 -14.04
CA GLN A 57 -10.22 -3.06 -15.34
C GLN A 57 -8.85 -3.69 -15.61
N ALA A 58 -8.77 -4.49 -16.66
CA ALA A 58 -7.52 -5.14 -17.02
C ALA A 58 -7.62 -5.83 -18.38
N GLN A 59 -6.65 -5.57 -19.24
CA GLN A 59 -6.63 -6.15 -20.58
C GLN A 59 -6.60 -7.68 -20.50
N GLN A 60 -5.79 -8.20 -19.60
CA GLN A 60 -5.66 -9.64 -19.43
C GLN A 60 -7.00 -10.26 -19.03
N ASP A 11 -1.83 4.91 14.36
CA ASP A 11 -0.56 5.24 13.71
C ASP A 11 0.61 4.87 14.61
N SER A 12 1.78 4.67 14.01
CA SER A 12 2.97 4.32 14.76
C SER A 12 4.23 4.51 13.91
N SER A 13 4.27 3.81 12.77
CA SER A 13 5.42 3.90 11.86
C SER A 13 5.04 4.63 10.59
N GLU A 14 6.05 5.00 9.80
CA GLU A 14 5.82 5.70 8.54
C GLU A 14 6.92 5.37 7.53
N SER A 15 7.19 4.09 7.36
CA SER A 15 8.21 3.63 6.42
C SER A 15 7.57 2.97 5.20
N CYS A 16 8.25 3.06 4.06
CA CYS A 16 7.74 2.46 2.83
C CYS A 16 7.71 0.94 2.93
N TRP A 17 6.57 0.35 2.60
CA TRP A 17 6.39 -1.09 2.65
C TRP A 17 7.46 -1.82 1.82
N ASN A 18 8.09 -1.11 0.90
CA ASN A 18 9.11 -1.70 0.05
C ASN A 18 10.49 -1.13 0.38
N CYS A 19 10.65 0.17 0.18
CA CYS A 19 11.92 0.84 0.41
C CYS A 19 12.48 0.57 1.80
N GLY A 20 11.64 0.60 2.82
CA GLY A 20 12.10 0.36 4.18
C GLY A 20 12.73 1.59 4.81
N ARG A 21 12.76 2.70 4.07
CA ARG A 21 13.33 3.94 4.56
C ARG A 21 12.24 4.87 5.08
N LYS A 22 11.45 5.40 4.17
CA LYS A 22 10.37 6.32 4.52
C LYS A 22 9.28 6.35 3.45
N ALA A 23 8.04 6.52 3.89
CA ALA A 23 6.91 6.58 2.97
C ALA A 23 6.01 7.77 3.26
N SER A 24 5.40 8.32 2.21
CA SER A 24 4.52 9.48 2.37
C SER A 24 3.13 9.22 1.78
N GLU A 25 3.08 8.40 0.74
CA GLU A 25 1.82 8.07 0.09
C GLU A 25 1.13 6.90 0.77
N THR A 26 -0.19 6.88 0.71
CA THR A 26 -0.99 5.82 1.33
C THR A 26 -2.04 5.28 0.35
N CYS A 27 -2.23 3.97 0.36
CA CYS A 27 -3.21 3.33 -0.51
C CYS A 27 -4.55 4.05 -0.45
N SER A 28 -5.02 4.53 -1.59
CA SER A 28 -6.30 5.23 -1.66
C SER A 28 -7.46 4.24 -1.66
N GLY A 29 -7.17 2.97 -1.91
CA GLY A 29 -8.20 1.95 -1.94
C GLY A 29 -8.52 1.39 -0.57
N CYS A 30 -7.54 1.32 0.31
CA CYS A 30 -7.76 0.78 1.65
C CYS A 30 -7.30 1.76 2.74
N ASN A 31 -6.65 2.85 2.34
CA ASN A 31 -6.18 3.85 3.30
C ASN A 31 -5.27 3.22 4.35
N THR A 32 -4.62 2.11 3.99
CA THR A 32 -3.73 1.42 4.92
C THR A 32 -2.30 1.37 4.38
N ALA A 33 -2.13 0.71 3.24
CA ALA A 33 -0.81 0.58 2.61
C ALA A 33 -0.13 1.95 2.48
N ARG A 34 1.19 1.94 2.55
CA ARG A 34 1.97 3.17 2.44
C ARG A 34 3.15 3.00 1.49
N TYR A 35 3.45 4.03 0.72
CA TYR A 35 4.56 3.99 -0.23
C TYR A 35 5.17 5.38 -0.40
N CYS A 36 6.36 5.43 -1.01
CA CYS A 36 7.05 6.69 -1.24
C CYS A 36 6.79 7.22 -2.65
N GLY A 37 6.27 6.36 -3.52
CA GLY A 37 6.00 6.78 -4.89
C GLY A 37 5.02 5.86 -5.60
N SER A 38 4.70 6.21 -6.85
CA SER A 38 3.77 5.42 -7.65
C SER A 38 4.38 4.07 -8.02
N PHE A 39 5.66 4.06 -8.34
CA PHE A 39 6.35 2.83 -8.72
C PHE A 39 6.31 1.82 -7.57
N CYS A 40 6.62 2.29 -6.37
CA CYS A 40 6.62 1.44 -5.19
C CYS A 40 5.25 0.82 -4.97
N GLN A 41 4.20 1.60 -5.23
CA GLN A 41 2.84 1.11 -5.07
C GLN A 41 2.53 0.05 -6.12
N HIS A 42 3.07 0.22 -7.31
CA HIS A 42 2.86 -0.73 -8.40
C HIS A 42 3.62 -2.02 -8.14
N LYS A 43 4.83 -1.90 -7.60
CA LYS A 43 5.66 -3.07 -7.30
C LYS A 43 5.03 -3.90 -6.19
N ASP A 44 4.48 -3.22 -5.19
CA ASP A 44 3.85 -3.88 -4.06
C ASP A 44 2.37 -4.17 -4.37
N TRP A 45 1.83 -3.47 -5.36
CA TRP A 45 0.43 -3.62 -5.74
C TRP A 45 0.08 -5.08 -6.02
N GLU A 46 0.94 -5.78 -6.75
CA GLU A 46 0.68 -7.19 -7.05
C GLU A 46 0.48 -7.99 -5.77
N LYS A 47 1.37 -7.79 -4.81
CA LYS A 47 1.27 -8.47 -3.53
C LYS A 47 0.11 -7.90 -2.72
N HIS A 48 -0.10 -6.60 -2.86
CA HIS A 48 -1.14 -5.89 -2.13
C HIS A 48 -2.54 -6.43 -2.42
N HIS A 49 -2.78 -6.93 -3.63
CA HIS A 49 -4.11 -7.44 -3.98
C HIS A 49 -4.44 -8.71 -3.20
N HIS A 50 -3.46 -9.26 -2.49
CA HIS A 50 -3.68 -10.46 -1.69
C HIS A 50 -4.47 -10.12 -0.43
N ILE A 51 -4.29 -8.89 0.06
CA ILE A 51 -4.98 -8.45 1.28
C ILE A 51 -5.78 -7.18 1.04
N CYS A 52 -5.75 -6.66 -0.20
CA CYS A 52 -6.48 -5.44 -0.53
C CYS A 52 -7.69 -5.76 -1.40
N GLY A 53 -8.64 -4.83 -1.44
CA GLY A 53 -9.83 -5.03 -2.25
C GLY A 53 -10.63 -6.24 -1.82
N GLN A 54 -10.53 -6.60 -0.54
CA GLN A 54 -11.24 -7.75 0.00
C GLN A 54 -12.74 -7.48 0.04
N THR A 55 -13.11 -6.29 0.50
CA THR A 55 -14.51 -5.90 0.59
C THR A 55 -14.81 -4.69 -0.28
N LEU A 56 -13.89 -3.73 -0.26
CA LEU A 56 -14.04 -2.51 -1.06
C LEU A 56 -13.58 -2.73 -2.50
N GLN A 57 -14.19 -1.99 -3.42
CA GLN A 57 -13.84 -2.11 -4.83
C GLN A 57 -14.50 -1.01 -5.65
N ALA A 58 -13.70 -0.33 -6.46
CA ALA A 58 -14.19 0.76 -7.30
C ALA A 58 -14.46 0.28 -8.72
N GLN A 59 -15.58 0.72 -9.29
CA GLN A 59 -15.95 0.34 -10.64
C GLN A 59 -16.58 1.52 -11.38
N GLN A 60 -15.75 2.33 -12.02
CA GLN A 60 -16.22 3.49 -12.78
C GLN A 60 -15.27 3.83 -13.91
N ASP A 11 5.52 11.71 15.78
CA ASP A 11 4.46 10.97 16.46
C ASP A 11 4.15 9.66 15.73
N SER A 12 3.64 9.79 14.51
CA SER A 12 3.30 8.62 13.70
C SER A 12 4.45 8.24 12.78
N SER A 13 4.70 6.93 12.66
CA SER A 13 5.78 6.44 11.82
C SER A 13 5.50 6.74 10.34
N GLU A 14 6.44 6.37 9.49
CA GLU A 14 6.31 6.62 8.05
C GLU A 14 7.40 5.90 7.27
N SER A 15 7.33 4.57 7.24
CA SER A 15 8.31 3.76 6.52
C SER A 15 7.69 3.09 5.32
N CYS A 16 8.39 3.11 4.19
CA CYS A 16 7.89 2.50 2.96
C CYS A 16 7.90 0.97 3.06
N TRP A 17 6.77 0.36 2.74
CA TRP A 17 6.62 -1.08 2.81
C TRP A 17 7.70 -1.80 1.99
N ASN A 18 8.32 -1.08 1.05
CA ASN A 18 9.36 -1.66 0.21
C ASN A 18 10.72 -1.05 0.51
N CYS A 19 10.85 0.27 0.32
CA CYS A 19 12.10 0.96 0.53
C CYS A 19 12.70 0.70 1.91
N GLY A 20 11.87 0.71 2.96
CA GLY A 20 12.37 0.48 4.29
C GLY A 20 12.96 1.73 4.92
N ARG A 21 12.96 2.83 4.17
CA ARG A 21 13.50 4.09 4.68
C ARG A 21 12.37 5.03 5.12
N LYS A 22 11.59 5.50 4.16
CA LYS A 22 10.49 6.41 4.45
C LYS A 22 9.39 6.31 3.39
N ALA A 23 8.14 6.43 3.83
CA ALA A 23 7.00 6.37 2.93
C ALA A 23 6.48 7.77 2.60
N SER A 24 5.19 7.87 2.28
CA SER A 24 4.59 9.15 1.94
C SER A 24 3.15 8.97 1.47
N GLU A 25 2.98 8.19 0.41
CA GLU A 25 1.65 7.94 -0.14
C GLU A 25 0.99 6.76 0.55
N THR A 26 -0.34 6.73 0.52
CA THR A 26 -1.11 5.67 1.15
C THR A 26 -2.18 5.14 0.21
N CYS A 27 -2.37 3.81 0.22
CA CYS A 27 -3.36 3.18 -0.63
C CYS A 27 -4.72 3.88 -0.53
N SER A 28 -5.20 4.39 -1.65
CA SER A 28 -6.50 5.07 -1.68
C SER A 28 -7.65 4.09 -1.66
N GLY A 29 -7.35 2.82 -1.93
CA GLY A 29 -8.38 1.79 -1.95
C GLY A 29 -8.66 1.21 -0.58
N CYS A 30 -7.64 1.15 0.28
CA CYS A 30 -7.82 0.59 1.62
C CYS A 30 -7.34 1.56 2.71
N ASN A 31 -6.70 2.66 2.30
CA ASN A 31 -6.21 3.65 3.27
C ASN A 31 -5.27 3.02 4.29
N THR A 32 -4.63 1.91 3.91
CA THR A 32 -3.72 1.22 4.81
C THR A 32 -2.30 1.18 4.25
N ALA A 33 -2.13 0.50 3.12
CA ALA A 33 -0.83 0.38 2.47
C ALA A 33 -0.14 1.74 2.36
N ARG A 34 1.15 1.77 2.66
CA ARG A 34 1.93 3.00 2.59
C ARG A 34 3.15 2.83 1.68
N TYR A 35 3.47 3.87 0.93
CA TYR A 35 4.61 3.84 0.02
C TYR A 35 5.21 5.23 -0.13
N CYS A 36 6.37 5.29 -0.80
CA CYS A 36 7.07 6.55 -1.01
C CYS A 36 6.77 7.13 -2.39
N GLY A 37 6.24 6.30 -3.28
CA GLY A 37 5.93 6.76 -4.62
C GLY A 37 5.00 5.82 -5.36
N SER A 38 4.68 6.17 -6.60
CA SER A 38 3.79 5.36 -7.43
C SER A 38 4.45 4.03 -7.81
N PHE A 39 5.73 4.08 -8.14
CA PHE A 39 6.45 2.87 -8.52
C PHE A 39 6.45 1.85 -7.39
N CYS A 40 6.75 2.30 -6.18
CA CYS A 40 6.79 1.43 -5.02
C CYS A 40 5.42 0.81 -4.77
N GLN A 41 4.37 1.61 -4.96
CA GLN A 41 3.01 1.13 -4.77
C GLN A 41 2.62 0.13 -5.86
N HIS A 42 3.14 0.37 -7.07
CA HIS A 42 2.86 -0.49 -8.21
C HIS A 42 3.58 -1.84 -8.06
N LYS A 43 4.81 -1.79 -7.57
CA LYS A 43 5.60 -3.00 -7.39
C LYS A 43 4.97 -3.91 -6.35
N ASP A 44 4.53 -3.31 -5.25
CA ASP A 44 3.89 -4.06 -4.17
C ASP A 44 2.40 -4.25 -4.44
N TRP A 45 1.86 -3.44 -5.35
CA TRP A 45 0.44 -3.49 -5.69
C TRP A 45 0.00 -4.91 -6.06
N GLU A 46 0.80 -5.59 -6.89
CA GLU A 46 0.44 -6.95 -7.29
C GLU A 46 0.26 -7.84 -6.07
N LYS A 47 1.20 -7.77 -5.15
CA LYS A 47 1.13 -8.55 -3.91
C LYS A 47 0.03 -7.98 -3.02
N HIS A 48 -0.11 -6.67 -3.04
CA HIS A 48 -1.10 -5.97 -2.22
C HIS A 48 -2.53 -6.42 -2.50
N HIS A 49 -2.81 -6.83 -3.74
CA HIS A 49 -4.15 -7.27 -4.09
C HIS A 49 -4.56 -8.53 -3.34
N HIS A 50 -3.60 -9.16 -2.65
CA HIS A 50 -3.89 -10.36 -1.88
C HIS A 50 -4.66 -10.04 -0.61
N ILE A 51 -4.45 -8.82 -0.09
CA ILE A 51 -5.12 -8.39 1.14
C ILE A 51 -5.99 -7.15 0.90
N CYS A 52 -6.01 -6.65 -0.33
CA CYS A 52 -6.80 -5.47 -0.66
C CYS A 52 -8.09 -5.86 -1.36
N GLY A 53 -9.07 -4.94 -1.36
CA GLY A 53 -10.33 -5.21 -2.00
C GLY A 53 -11.45 -5.46 -1.00
N GLN A 54 -11.17 -6.32 -0.02
CA GLN A 54 -12.15 -6.65 1.00
C GLN A 54 -11.76 -6.05 2.35
N THR A 55 -12.61 -5.19 2.89
CA THR A 55 -12.36 -4.55 4.18
C THR A 55 -12.44 -5.56 5.31
N LEU A 56 -13.36 -6.53 5.17
CA LEU A 56 -13.53 -7.56 6.19
C LEU A 56 -12.96 -8.89 5.72
N GLN A 57 -13.09 -9.91 6.56
CA GLN A 57 -12.59 -11.24 6.23
C GLN A 57 -13.72 -12.15 5.77
N ALA A 58 -13.62 -12.65 4.54
CA ALA A 58 -14.64 -13.53 3.99
C ALA A 58 -14.19 -14.99 4.04
N GLN A 59 -14.19 -15.57 5.24
CA GLN A 59 -13.78 -16.95 5.43
C GLN A 59 -14.93 -17.90 5.12
N GLN A 60 -16.15 -17.45 5.36
CA GLN A 60 -17.34 -18.27 5.11
C GLN A 60 -18.34 -17.51 4.25
N ASP A 11 -0.60 3.94 13.34
CA ASP A 11 0.63 3.16 13.39
C ASP A 11 1.73 3.92 14.11
N SER A 12 2.90 3.30 14.22
CA SER A 12 4.04 3.93 14.88
C SER A 12 4.78 4.85 13.92
N SER A 13 5.50 4.27 12.97
CA SER A 13 6.25 5.04 12.00
C SER A 13 5.60 4.99 10.62
N GLU A 14 6.19 5.67 9.66
CA GLU A 14 5.67 5.69 8.29
C GLU A 14 6.75 5.33 7.28
N SER A 15 7.19 4.07 7.32
CA SER A 15 8.22 3.59 6.41
C SER A 15 7.59 2.93 5.19
N CYS A 16 8.26 3.03 4.04
CA CYS A 16 7.77 2.45 2.81
C CYS A 16 7.74 0.92 2.91
N TRP A 17 6.60 0.33 2.57
CA TRP A 17 6.44 -1.12 2.64
C TRP A 17 7.48 -1.84 1.80
N ASN A 18 8.12 -1.13 0.86
CA ASN A 18 9.14 -1.71 0.01
C ASN A 18 10.52 -1.14 0.33
N CYS A 19 10.67 0.17 0.14
CA CYS A 19 11.95 0.84 0.38
C CYS A 19 12.51 0.58 1.77
N GLY A 20 11.65 0.60 2.79
CA GLY A 20 12.12 0.36 4.14
C GLY A 20 12.73 1.60 4.77
N ARG A 21 12.75 2.70 4.03
CA ARG A 21 13.31 3.96 4.53
C ARG A 21 12.22 4.87 5.06
N LYS A 22 11.40 5.40 4.16
CA LYS A 22 10.32 6.30 4.54
C LYS A 22 9.22 6.33 3.48
N ALA A 23 7.98 6.50 3.93
CA ALA A 23 6.84 6.56 3.02
C ALA A 23 5.95 7.76 3.31
N SER A 24 5.34 8.31 2.27
CA SER A 24 4.48 9.48 2.42
C SER A 24 3.09 9.21 1.84
N GLU A 25 3.03 8.40 0.79
CA GLU A 25 1.75 8.08 0.15
C GLU A 25 1.07 6.90 0.83
N THR A 26 -0.25 6.88 0.76
CA THR A 26 -1.04 5.81 1.37
C THR A 26 -2.08 5.27 0.40
N CYS A 27 -2.27 3.95 0.42
CA CYS A 27 -3.23 3.30 -0.47
C CYS A 27 -4.59 4.00 -0.42
N SER A 28 -5.05 4.46 -1.58
CA SER A 28 -6.34 5.14 -1.66
C SER A 28 -7.49 4.15 -1.63
N GLY A 29 -7.18 2.87 -1.87
CA GLY A 29 -8.20 1.84 -1.89
C GLY A 29 -8.51 1.28 -0.52
N CYS A 30 -7.51 1.24 0.37
CA CYS A 30 -7.71 0.71 1.71
C CYS A 30 -7.26 1.70 2.80
N ASN A 31 -6.62 2.79 2.39
CA ASN A 31 -6.15 3.79 3.34
C ASN A 31 -5.22 3.18 4.40
N THR A 32 -4.58 2.08 4.04
CA THR A 32 -3.67 1.39 4.95
C THR A 32 -2.25 1.35 4.41
N ALA A 33 -2.08 0.68 3.27
CA ALA A 33 -0.77 0.57 2.63
C ALA A 33 -0.10 1.93 2.49
N ARG A 34 1.23 1.94 2.56
CA ARG A 34 1.99 3.18 2.43
C ARG A 34 3.17 3.01 1.49
N TYR A 35 3.47 4.04 0.72
CA TYR A 35 4.58 4.00 -0.23
C TYR A 35 5.18 5.39 -0.40
N CYS A 36 6.37 5.44 -1.00
CA CYS A 36 7.07 6.70 -1.23
C CYS A 36 6.79 7.23 -2.64
N GLY A 37 6.28 6.38 -3.52
CA GLY A 37 6.00 6.80 -4.88
C GLY A 37 5.02 5.88 -5.59
N SER A 38 4.67 6.24 -6.82
CA SER A 38 3.73 5.46 -7.62
C SER A 38 4.33 4.10 -7.99
N PHE A 39 5.62 4.09 -8.34
CA PHE A 39 6.28 2.86 -8.72
C PHE A 39 6.27 1.86 -7.58
N CYS A 40 6.59 2.32 -6.38
CA CYS A 40 6.61 1.46 -5.20
C CYS A 40 5.25 0.83 -4.97
N GLN A 41 4.19 1.59 -5.24
CA GLN A 41 2.84 1.09 -5.07
C GLN A 41 2.54 0.01 -6.09
N HIS A 42 3.08 0.18 -7.30
CA HIS A 42 2.88 -0.79 -8.38
C HIS A 42 3.65 -2.07 -8.10
N LYS A 43 4.86 -1.93 -7.57
CA LYS A 43 5.69 -3.09 -7.26
C LYS A 43 5.05 -3.93 -6.16
N ASP A 44 4.52 -3.26 -5.14
CA ASP A 44 3.87 -3.94 -4.03
C ASP A 44 2.40 -4.22 -4.35
N TRP A 45 1.87 -3.51 -5.34
CA TRP A 45 0.47 -3.66 -5.74
C TRP A 45 0.12 -5.12 -6.01
N GLU A 46 0.97 -5.83 -6.74
CA GLU A 46 0.70 -7.24 -7.05
C GLU A 46 0.50 -8.03 -5.77
N LYS A 47 1.39 -7.84 -4.81
CA LYS A 47 1.29 -8.52 -3.52
C LYS A 47 0.13 -7.94 -2.71
N HIS A 48 -0.08 -6.64 -2.85
CA HIS A 48 -1.12 -5.94 -2.12
C HIS A 48 -2.52 -6.46 -2.39
N HIS A 49 -2.77 -6.95 -3.61
CA HIS A 49 -4.10 -7.45 -3.96
C HIS A 49 -4.44 -8.71 -3.18
N HIS A 50 -3.47 -9.28 -2.46
CA HIS A 50 -3.70 -10.47 -1.67
C HIS A 50 -4.50 -10.12 -0.40
N ILE A 51 -4.32 -8.89 0.08
CA ILE A 51 -5.00 -8.45 1.28
C ILE A 51 -5.83 -7.18 1.05
N CYS A 52 -5.81 -6.66 -0.18
CA CYS A 52 -6.55 -5.46 -0.50
C CYS A 52 -7.81 -5.80 -1.29
N GLY A 53 -8.79 -4.89 -1.25
CA GLY A 53 -10.03 -5.11 -1.96
C GLY A 53 -10.05 -4.45 -3.33
N GLN A 54 -8.88 -4.31 -3.93
CA GLN A 54 -8.76 -3.69 -5.24
C GLN A 54 -8.91 -4.72 -6.34
N THR A 55 -10.16 -5.06 -6.67
CA THR A 55 -10.43 -6.04 -7.71
C THR A 55 -11.38 -5.47 -8.77
N LEU A 56 -11.53 -6.19 -9.88
CA LEU A 56 -12.39 -5.75 -10.96
C LEU A 56 -13.80 -6.31 -10.80
N GLN A 57 -14.79 -5.42 -10.80
CA GLN A 57 -16.18 -5.83 -10.66
C GLN A 57 -16.80 -6.19 -12.01
N ALA A 58 -18.00 -6.76 -11.98
CA ALA A 58 -18.69 -7.16 -13.20
C ALA A 58 -20.17 -6.81 -13.13
N GLN A 59 -20.84 -6.89 -14.27
CA GLN A 59 -22.27 -6.58 -14.33
C GLN A 59 -23.10 -7.86 -14.50
N GLN A 60 -22.55 -8.81 -15.24
CA GLN A 60 -23.23 -10.09 -15.48
C GLN A 60 -22.23 -11.19 -15.81
N ASP A 11 0.70 1.57 17.88
CA ASP A 11 2.03 2.06 17.53
C ASP A 11 2.43 1.57 16.14
N SER A 12 2.18 2.41 15.13
CA SER A 12 2.52 2.06 13.75
C SER A 12 3.76 2.82 13.30
N SER A 13 4.26 2.47 12.11
CA SER A 13 5.45 3.12 11.56
C SER A 13 5.10 3.92 10.31
N GLU A 14 6.03 4.77 9.89
CA GLU A 14 5.81 5.59 8.70
C GLU A 14 6.91 5.34 7.66
N SER A 15 7.16 4.07 7.37
CA SER A 15 8.18 3.69 6.40
C SER A 15 7.54 3.03 5.17
N CYS A 16 8.26 3.05 4.05
CA CYS A 16 7.77 2.45 2.82
C CYS A 16 7.73 0.93 2.92
N TRP A 17 6.59 0.35 2.57
CA TRP A 17 6.42 -1.10 2.64
C TRP A 17 7.48 -1.82 1.79
N ASN A 18 8.11 -1.11 0.87
CA ASN A 18 9.13 -1.69 0.00
C ASN A 18 10.51 -1.12 0.33
N CYS A 19 10.66 0.19 0.13
CA CYS A 19 11.94 0.86 0.36
C CYS A 19 12.50 0.59 1.74
N GLY A 20 11.65 0.62 2.76
CA GLY A 20 12.12 0.38 4.12
C GLY A 20 12.74 1.63 4.76
N ARG A 21 12.79 2.71 3.99
CA ARG A 21 13.35 3.96 4.49
C ARG A 21 12.27 4.90 5.02
N LYS A 22 11.45 5.41 4.11
CA LYS A 22 10.36 6.32 4.47
C LYS A 22 9.28 6.34 3.40
N ALA A 23 8.03 6.54 3.83
CA ALA A 23 6.90 6.60 2.91
C ALA A 23 6.02 7.79 3.21
N SER A 24 5.39 8.34 2.17
CA SER A 24 4.51 9.50 2.33
C SER A 24 3.13 9.23 1.76
N GLU A 25 3.07 8.41 0.71
CA GLU A 25 1.80 8.09 0.06
C GLU A 25 1.12 6.91 0.74
N THR A 26 -0.21 6.89 0.68
CA THR A 26 -0.99 5.83 1.28
C THR A 26 -2.04 5.29 0.32
N CYS A 27 -2.22 3.97 0.32
CA CYS A 27 -3.19 3.32 -0.55
C CYS A 27 -4.55 4.03 -0.50
N SER A 28 -5.01 4.50 -1.65
CA SER A 28 -6.29 5.19 -1.73
C SER A 28 -7.45 4.19 -1.72
N GLY A 29 -7.14 2.92 -1.96
CA GLY A 29 -8.17 1.90 -1.99
C GLY A 29 -8.49 1.33 -0.63
N CYS A 30 -7.50 1.27 0.26
CA CYS A 30 -7.73 0.74 1.61
C CYS A 30 -7.29 1.72 2.69
N ASN A 31 -6.65 2.82 2.29
CA ASN A 31 -6.20 3.84 3.25
C ASN A 31 -5.29 3.23 4.31
N THR A 32 -4.63 2.12 3.97
CA THR A 32 -3.74 1.44 4.90
C THR A 32 -2.31 1.41 4.38
N ALA A 33 -2.11 0.73 3.25
CA ALA A 33 -0.79 0.62 2.64
C ALA A 33 -0.13 1.99 2.52
N ARG A 34 1.20 2.01 2.64
CA ARG A 34 1.95 3.26 2.55
C ARG A 34 3.19 3.08 1.67
N TYR A 35 3.50 4.11 0.89
CA TYR A 35 4.67 4.06 -0.01
C TYR A 35 5.25 5.45 -0.20
N CYS A 36 6.38 5.51 -0.90
CA CYS A 36 7.06 6.78 -1.15
C CYS A 36 6.81 7.29 -2.58
N GLY A 37 6.32 6.40 -3.45
CA GLY A 37 6.07 6.81 -4.82
C GLY A 37 5.06 5.92 -5.52
N SER A 38 4.70 6.28 -6.75
CA SER A 38 3.74 5.52 -7.55
C SER A 38 4.32 4.18 -7.95
N PHE A 39 5.59 4.16 -8.31
CA PHE A 39 6.26 2.93 -8.72
C PHE A 39 6.23 1.91 -7.58
N CYS A 40 6.56 2.36 -6.38
CA CYS A 40 6.57 1.49 -5.21
C CYS A 40 5.21 0.85 -5.00
N GLN A 41 4.15 1.60 -5.28
CA GLN A 41 2.79 1.10 -5.13
C GLN A 41 2.53 -0.01 -6.14
N HIS A 42 3.08 0.14 -7.35
CA HIS A 42 2.90 -0.84 -8.40
C HIS A 42 3.68 -2.13 -8.10
N LYS A 43 4.88 -1.97 -7.57
CA LYS A 43 5.72 -3.11 -7.23
C LYS A 43 5.07 -3.97 -6.16
N ASP A 44 4.54 -3.31 -5.13
CA ASP A 44 3.88 -4.01 -4.04
C ASP A 44 2.41 -4.28 -4.35
N TRP A 45 1.88 -3.55 -5.34
CA TRP A 45 0.48 -3.69 -5.74
C TRP A 45 0.10 -5.14 -6.02
N GLU A 46 0.95 -5.86 -6.75
CA GLU A 46 0.67 -7.25 -7.06
C GLU A 46 0.46 -8.06 -5.78
N LYS A 47 1.35 -7.88 -4.82
CA LYS A 47 1.25 -8.56 -3.53
C LYS A 47 0.09 -7.97 -2.73
N HIS A 48 -0.09 -6.67 -2.86
CA HIS A 48 -1.13 -5.95 -2.13
C HIS A 48 -2.54 -6.48 -2.43
N HIS A 49 -2.74 -6.97 -3.65
CA HIS A 49 -4.05 -7.49 -4.03
C HIS A 49 -4.42 -8.74 -3.23
N HIS A 50 -3.45 -9.29 -2.49
CA HIS A 50 -3.69 -10.47 -1.68
C HIS A 50 -4.49 -10.12 -0.44
N ILE A 51 -4.31 -8.90 0.04
CA ILE A 51 -5.02 -8.44 1.24
C ILE A 51 -5.83 -7.16 0.98
N CYS A 52 -5.79 -6.66 -0.24
CA CYS A 52 -6.51 -5.45 -0.59
C CYS A 52 -7.75 -5.76 -1.44
N GLY A 53 -8.70 -4.84 -1.46
CA GLY A 53 -9.91 -5.04 -2.24
C GLY A 53 -11.01 -5.69 -1.43
N GLN A 54 -10.67 -6.78 -0.75
CA GLN A 54 -11.66 -7.50 0.06
C GLN A 54 -11.62 -7.02 1.51
N THR A 55 -11.64 -5.71 1.69
CA THR A 55 -11.60 -5.12 3.02
C THR A 55 -13.01 -4.91 3.55
N LEU A 56 -13.37 -5.66 4.59
CA LEU A 56 -14.69 -5.56 5.20
C LEU A 56 -14.60 -4.97 6.60
N GLN A 57 -15.36 -3.91 6.85
CA GLN A 57 -15.36 -3.25 8.15
C GLN A 57 -16.65 -3.57 8.91
N ALA A 58 -16.53 -3.67 10.23
CA ALA A 58 -17.69 -3.97 11.08
C ALA A 58 -17.72 -3.06 12.29
N GLN A 59 -18.39 -1.91 12.16
CA GLN A 59 -18.50 -0.96 13.24
C GLN A 59 -19.60 -1.36 14.22
N GLN A 60 -20.68 -1.92 13.69
CA GLN A 60 -21.80 -2.36 14.50
C GLN A 60 -22.58 -3.48 13.82
N ASP A 11 2.13 3.72 19.14
CA ASP A 11 3.16 3.06 18.35
C ASP A 11 2.74 2.94 16.89
N SER A 12 3.32 3.78 16.04
CA SER A 12 3.01 3.77 14.61
C SER A 12 4.24 4.08 13.78
N SER A 13 4.37 3.39 12.65
CA SER A 13 5.51 3.59 11.76
C SER A 13 5.08 4.29 10.48
N GLU A 14 6.04 4.93 9.82
CA GLU A 14 5.76 5.64 8.57
C GLU A 14 6.85 5.37 7.54
N SER A 15 7.19 4.10 7.37
CA SER A 15 8.22 3.70 6.41
C SER A 15 7.60 3.02 5.20
N CYS A 16 8.27 3.11 4.05
CA CYS A 16 7.78 2.50 2.83
C CYS A 16 7.77 0.98 2.94
N TRP A 17 6.63 0.38 2.62
CA TRP A 17 6.48 -1.08 2.69
C TRP A 17 7.54 -1.80 1.86
N ASN A 18 8.16 -1.08 0.92
CA ASN A 18 9.20 -1.67 0.08
C ASN A 18 10.57 -1.08 0.39
N CYS A 19 10.70 0.23 0.20
CA CYS A 19 11.97 0.91 0.42
C CYS A 19 12.55 0.67 1.81
N GLY A 20 11.70 0.69 2.84
CA GLY A 20 12.18 0.46 4.18
C GLY A 20 12.77 1.71 4.81
N ARG A 21 12.78 2.81 4.06
CA ARG A 21 13.32 4.07 4.54
C ARG A 21 12.22 4.98 5.07
N LYS A 22 11.42 5.51 4.16
CA LYS A 22 10.32 6.40 4.52
C LYS A 22 9.22 6.41 3.46
N ALA A 23 7.99 6.58 3.89
CA ALA A 23 6.85 6.61 2.98
C ALA A 23 5.96 7.81 3.25
N SER A 24 5.35 8.35 2.21
CA SER A 24 4.47 9.51 2.33
C SER A 24 3.09 9.23 1.76
N GLU A 25 3.03 8.40 0.72
CA GLU A 25 1.76 8.07 0.08
C GLU A 25 1.09 6.89 0.77
N THR A 26 -0.24 6.87 0.72
CA THR A 26 -1.02 5.80 1.33
C THR A 26 -2.06 5.24 0.37
N CYS A 27 -2.25 3.93 0.40
CA CYS A 27 -3.21 3.27 -0.48
C CYS A 27 -4.57 3.97 -0.42
N SER A 28 -5.04 4.43 -1.57
CA SER A 28 -6.33 5.11 -1.65
C SER A 28 -7.48 4.11 -1.62
N GLY A 29 -7.16 2.84 -1.87
CA GLY A 29 -8.19 1.80 -1.88
C GLY A 29 -8.49 1.24 -0.50
N CYS A 30 -7.49 1.20 0.37
CA CYS A 30 -7.69 0.67 1.71
C CYS A 30 -7.24 1.66 2.80
N ASN A 31 -6.60 2.75 2.39
CA ASN A 31 -6.14 3.77 3.34
C ASN A 31 -5.22 3.15 4.39
N THR A 32 -4.56 2.05 4.03
CA THR A 32 -3.65 1.37 4.96
C THR A 32 -2.23 1.35 4.40
N ALA A 33 -2.05 0.67 3.27
CA ALA A 33 -0.73 0.56 2.64
C ALA A 33 -0.07 1.93 2.49
N ARG A 34 1.26 1.95 2.60
CA ARG A 34 2.02 3.19 2.49
C ARG A 34 3.20 3.02 1.54
N TYR A 35 3.49 4.06 0.76
CA TYR A 35 4.59 4.02 -0.19
C TYR A 35 5.18 5.42 -0.38
N CYS A 36 6.36 5.47 -1.00
CA CYS A 36 7.04 6.74 -1.25
C CYS A 36 6.76 7.23 -2.67
N GLY A 37 6.26 6.36 -3.53
CA GLY A 37 5.98 6.75 -4.91
C GLY A 37 5.00 5.82 -5.60
N SER A 38 4.65 6.15 -6.83
CA SER A 38 3.72 5.35 -7.61
C SER A 38 4.32 4.00 -7.98
N PHE A 39 5.61 4.01 -8.34
CA PHE A 39 6.30 2.78 -8.71
C PHE A 39 6.30 1.79 -7.55
N CYS A 40 6.63 2.27 -6.36
CA CYS A 40 6.66 1.43 -5.18
C CYS A 40 5.31 0.79 -4.92
N GLN A 41 4.24 1.54 -5.18
CA GLN A 41 2.88 1.04 -4.99
C GLN A 41 2.56 0.00 -6.05
N HIS A 42 3.10 0.19 -7.24
CA HIS A 42 2.86 -0.74 -8.35
C HIS A 42 3.61 -2.05 -8.12
N LYS A 43 4.83 -1.96 -7.60
CA LYS A 43 5.64 -3.13 -7.33
C LYS A 43 5.00 -4.00 -6.24
N ASP A 44 4.49 -3.34 -5.21
CA ASP A 44 3.84 -4.04 -4.11
C ASP A 44 2.36 -4.27 -4.40
N TRP A 45 1.83 -3.53 -5.37
CA TRP A 45 0.42 -3.64 -5.74
C TRP A 45 0.03 -5.08 -6.05
N GLU A 46 0.86 -5.79 -6.81
CA GLU A 46 0.57 -7.17 -7.16
C GLU A 46 0.37 -8.01 -5.90
N LYS A 47 1.28 -7.85 -4.94
CA LYS A 47 1.19 -8.56 -3.68
C LYS A 47 0.06 -8.00 -2.83
N HIS A 48 -0.13 -6.68 -2.92
CA HIS A 48 -1.15 -5.98 -2.15
C HIS A 48 -2.55 -6.51 -2.43
N HIS A 49 -2.78 -6.98 -3.65
CA HIS A 49 -4.10 -7.50 -4.03
C HIS A 49 -4.47 -8.74 -3.21
N HIS A 50 -3.51 -9.28 -2.46
CA HIS A 50 -3.76 -10.46 -1.63
C HIS A 50 -4.58 -10.08 -0.40
N ILE A 51 -4.31 -8.91 0.15
CA ILE A 51 -5.02 -8.45 1.36
C ILE A 51 -5.84 -7.19 1.10
N CYS A 52 -5.80 -6.69 -0.14
CA CYS A 52 -6.54 -5.48 -0.49
C CYS A 52 -7.78 -5.82 -1.30
N GLY A 53 -8.72 -4.87 -1.36
CA GLY A 53 -9.94 -5.09 -2.12
C GLY A 53 -10.18 -4.01 -3.16
N GLN A 54 -9.12 -3.61 -3.85
CA GLN A 54 -9.22 -2.57 -4.87
C GLN A 54 -10.16 -3.01 -5.98
N THR A 55 -9.70 -3.93 -6.83
CA THR A 55 -10.51 -4.43 -7.94
C THR A 55 -10.82 -5.92 -7.76
N LEU A 56 -12.10 -6.23 -7.63
CA LEU A 56 -12.52 -7.62 -7.46
C LEU A 56 -12.83 -8.27 -8.80
N GLN A 57 -13.83 -7.72 -9.49
CA GLN A 57 -14.24 -8.25 -10.80
C GLN A 57 -14.70 -7.12 -11.72
N ALA A 58 -15.57 -6.26 -11.19
CA ALA A 58 -16.09 -5.15 -11.97
C ALA A 58 -15.03 -4.06 -12.17
N GLN A 59 -15.36 -3.04 -12.95
CA GLN A 59 -14.44 -1.95 -13.22
C GLN A 59 -15.07 -0.61 -12.87
N GLN A 60 -14.22 0.38 -12.59
CA GLN A 60 -14.69 1.71 -12.24
C GLN A 60 -14.38 2.71 -13.35
N ASP A 11 1.39 4.89 18.75
CA ASP A 11 2.33 4.26 17.84
C ASP A 11 1.90 4.45 16.39
N SER A 12 2.87 4.45 15.49
CA SER A 12 2.60 4.62 14.07
C SER A 12 3.79 4.16 13.22
N SER A 13 3.55 3.99 11.93
CA SER A 13 4.60 3.54 11.01
C SER A 13 4.73 4.51 9.84
N GLU A 14 5.94 5.05 9.65
CA GLU A 14 6.19 5.98 8.57
C GLU A 14 7.33 5.48 7.68
N SER A 15 7.27 4.21 7.30
CA SER A 15 8.30 3.61 6.46
C SER A 15 7.67 2.93 5.24
N CYS A 16 8.31 3.07 4.09
CA CYS A 16 7.81 2.47 2.85
C CYS A 16 7.79 0.95 2.96
N TRP A 17 6.65 0.36 2.64
CA TRP A 17 6.49 -1.09 2.70
C TRP A 17 7.55 -1.82 1.87
N ASN A 18 8.18 -1.11 0.94
CA ASN A 18 9.20 -1.70 0.09
C ASN A 18 10.58 -1.11 0.41
N CYS A 19 10.72 0.19 0.21
CA CYS A 19 12.00 0.88 0.44
C CYS A 19 12.56 0.61 1.83
N GLY A 20 11.71 0.66 2.85
CA GLY A 20 12.18 0.44 4.21
C GLY A 20 12.76 1.69 4.83
N ARG A 21 12.77 2.78 4.07
CA ARG A 21 13.29 4.05 4.56
C ARG A 21 12.18 4.94 5.10
N LYS A 22 11.39 5.51 4.19
CA LYS A 22 10.29 6.39 4.57
C LYS A 22 9.18 6.38 3.52
N ALA A 23 7.94 6.52 3.97
CA ALA A 23 6.80 6.53 3.07
C ALA A 23 5.93 7.75 3.31
N SER A 24 5.35 8.29 2.24
CA SER A 24 4.49 9.47 2.35
C SER A 24 3.10 9.20 1.76
N GLU A 25 3.05 8.39 0.72
CA GLU A 25 1.78 8.07 0.07
C GLU A 25 1.10 6.88 0.75
N THR A 26 -0.24 6.86 0.69
CA THR A 26 -1.01 5.80 1.30
C THR A 26 -2.06 5.26 0.32
N CYS A 27 -2.25 3.95 0.32
CA CYS A 27 -3.22 3.30 -0.56
C CYS A 27 -4.57 4.01 -0.50
N SER A 28 -5.04 4.48 -1.65
CA SER A 28 -6.32 5.18 -1.73
C SER A 28 -7.48 4.18 -1.72
N GLY A 29 -7.16 2.91 -1.97
CA GLY A 29 -8.20 1.88 -1.99
C GLY A 29 -8.51 1.32 -0.62
N CYS A 30 -7.52 1.25 0.26
CA CYS A 30 -7.74 0.72 1.60
C CYS A 30 -7.28 1.69 2.69
N ASN A 31 -6.65 2.79 2.29
CA ASN A 31 -6.18 3.80 3.25
C ASN A 31 -5.26 3.18 4.29
N THR A 32 -4.62 2.07 3.95
CA THR A 32 -3.72 1.39 4.87
C THR A 32 -2.30 1.35 4.33
N ALA A 33 -2.11 0.67 3.20
CA ALA A 33 -0.79 0.55 2.57
C ALA A 33 -0.13 1.92 2.42
N ARG A 34 1.19 1.94 2.51
CA ARG A 34 1.95 3.18 2.39
C ARG A 34 3.15 3.00 1.47
N TYR A 35 3.48 4.03 0.70
CA TYR A 35 4.61 3.99 -0.22
C TYR A 35 5.21 5.38 -0.39
N CYS A 36 6.41 5.43 -0.97
CA CYS A 36 7.10 6.68 -1.21
C CYS A 36 6.83 7.23 -2.61
N GLY A 37 6.32 6.37 -3.49
CA GLY A 37 6.04 6.79 -4.85
C GLY A 37 5.06 5.87 -5.56
N SER A 38 4.73 6.22 -6.80
CA SER A 38 3.80 5.43 -7.60
C SER A 38 4.39 4.07 -7.97
N PHE A 39 5.68 4.07 -8.31
CA PHE A 39 6.37 2.83 -8.68
C PHE A 39 6.34 1.83 -7.54
N CYS A 40 6.65 2.29 -6.33
CA CYS A 40 6.66 1.44 -5.15
C CYS A 40 5.29 0.81 -4.92
N GLN A 41 4.25 1.58 -5.18
CA GLN A 41 2.88 1.09 -5.01
C GLN A 41 2.56 0.04 -6.06
N HIS A 42 3.11 0.22 -7.26
CA HIS A 42 2.88 -0.71 -8.35
C HIS A 42 3.63 -2.02 -8.11
N LYS A 43 4.85 -1.91 -7.59
CA LYS A 43 5.67 -3.08 -7.31
C LYS A 43 5.02 -3.94 -6.23
N ASP A 44 4.52 -3.30 -5.18
CA ASP A 44 3.86 -4.00 -4.09
C ASP A 44 2.38 -4.24 -4.38
N TRP A 45 1.85 -3.50 -5.36
CA TRP A 45 0.44 -3.61 -5.74
C TRP A 45 0.06 -5.06 -6.04
N GLU A 46 0.89 -5.77 -6.80
CA GLU A 46 0.60 -7.16 -7.14
C GLU A 46 0.39 -7.98 -5.87
N LYS A 47 1.30 -7.84 -4.92
CA LYS A 47 1.19 -8.54 -3.64
C LYS A 47 0.06 -7.95 -2.81
N HIS A 48 -0.12 -6.64 -2.92
CA HIS A 48 -1.14 -5.92 -2.17
C HIS A 48 -2.54 -6.43 -2.47
N HIS A 49 -2.78 -6.90 -3.70
CA HIS A 49 -4.10 -7.39 -4.08
C HIS A 49 -4.48 -8.65 -3.30
N HIS A 50 -3.51 -9.23 -2.59
CA HIS A 50 -3.76 -10.42 -1.79
C HIS A 50 -4.54 -10.07 -0.53
N ILE A 51 -4.35 -8.85 -0.03
CA ILE A 51 -5.03 -8.40 1.19
C ILE A 51 -5.85 -7.13 0.94
N CYS A 52 -5.82 -6.62 -0.29
CA CYS A 52 -6.57 -5.41 -0.63
C CYS A 52 -7.85 -5.75 -1.39
N GLY A 53 -8.88 -4.96 -1.18
CA GLY A 53 -10.16 -5.19 -1.86
C GLY A 53 -11.07 -6.09 -1.06
N GLN A 54 -10.55 -7.20 -0.57
CA GLN A 54 -11.33 -8.15 0.21
C GLN A 54 -10.66 -8.42 1.55
N THR A 55 -11.41 -9.04 2.47
CA THR A 55 -10.88 -9.36 3.79
C THR A 55 -11.36 -10.73 4.24
N LEU A 56 -12.67 -10.97 4.13
CA LEU A 56 -13.25 -12.23 4.53
C LEU A 56 -14.69 -12.36 4.01
N GLN A 57 -14.91 -13.31 3.12
CA GLN A 57 -16.24 -13.54 2.56
C GLN A 57 -17.04 -14.53 3.40
N ALA A 58 -18.37 -14.46 3.28
CA ALA A 58 -19.24 -15.35 4.04
C ALA A 58 -20.59 -15.51 3.33
N GLN A 59 -21.43 -16.38 3.89
CA GLN A 59 -22.75 -16.62 3.32
C GLN A 59 -23.84 -16.35 4.34
N GLN A 60 -25.04 -16.03 3.86
CA GLN A 60 -26.17 -15.74 4.73
C GLN A 60 -26.81 -17.04 5.25
N ASP A 11 0.91 0.60 14.20
CA ASP A 11 -0.28 0.50 13.36
C ASP A 11 0.09 0.50 11.88
N SER A 12 1.07 1.32 11.52
CA SER A 12 1.51 1.42 10.13
C SER A 12 2.94 1.93 10.05
N SER A 13 3.25 2.94 10.86
CA SER A 13 4.60 3.52 10.88
C SER A 13 4.83 4.37 9.64
N GLU A 14 5.83 5.25 9.71
CA GLU A 14 6.16 6.13 8.59
C GLU A 14 7.33 5.58 7.80
N SER A 15 7.14 4.40 7.21
CA SER A 15 8.18 3.76 6.41
C SER A 15 7.57 3.06 5.21
N CYS A 16 8.26 3.12 4.07
CA CYS A 16 7.79 2.50 2.85
C CYS A 16 7.80 0.97 2.96
N TRP A 17 6.68 0.36 2.63
CA TRP A 17 6.54 -1.10 2.71
C TRP A 17 7.62 -1.81 1.90
N ASN A 18 8.23 -1.09 0.95
CA ASN A 18 9.28 -1.67 0.11
C ASN A 18 10.64 -1.07 0.43
N CYS A 19 10.77 0.25 0.23
CA CYS A 19 12.02 0.94 0.46
C CYS A 19 12.61 0.67 1.85
N GLY A 20 11.78 0.73 2.88
CA GLY A 20 12.27 0.49 4.23
C GLY A 20 12.82 1.74 4.88
N ARG A 21 12.81 2.85 4.15
CA ARG A 21 13.32 4.12 4.67
C ARG A 21 12.19 5.00 5.17
N LYS A 22 11.46 5.61 4.23
CA LYS A 22 10.35 6.49 4.57
C LYS A 22 9.27 6.46 3.49
N ALA A 23 8.03 6.64 3.91
CA ALA A 23 6.90 6.66 2.98
C ALA A 23 5.97 7.85 3.28
N SER A 24 5.33 8.36 2.23
CA SER A 24 4.44 9.51 2.37
C SER A 24 3.06 9.21 1.78
N GLU A 25 3.02 8.37 0.74
CA GLU A 25 1.76 8.03 0.10
C GLU A 25 1.09 6.84 0.79
N THR A 26 -0.24 6.81 0.73
CA THR A 26 -1.02 5.75 1.36
C THR A 26 -2.07 5.21 0.38
N CYS A 27 -2.26 3.89 0.40
CA CYS A 27 -3.23 3.25 -0.48
C CYS A 27 -4.58 3.94 -0.42
N SER A 28 -5.05 4.42 -1.55
CA SER A 28 -6.34 5.11 -1.62
C SER A 28 -7.49 4.11 -1.61
N GLY A 29 -7.18 2.84 -1.86
CA GLY A 29 -8.21 1.81 -1.89
C GLY A 29 -8.52 1.24 -0.51
N CYS A 30 -7.51 1.18 0.36
CA CYS A 30 -7.72 0.64 1.70
C CYS A 30 -7.26 1.61 2.79
N ASN A 31 -6.62 2.71 2.39
CA ASN A 31 -6.14 3.70 3.35
C ASN A 31 -5.22 3.08 4.39
N THR A 32 -4.56 1.98 4.02
CA THR A 32 -3.66 1.29 4.93
C THR A 32 -2.24 1.25 4.37
N ALA A 33 -2.07 0.60 3.23
CA ALA A 33 -0.75 0.49 2.59
C ALA A 33 -0.10 1.85 2.45
N ARG A 34 1.23 1.88 2.52
CA ARG A 34 1.98 3.13 2.41
C ARG A 34 3.17 2.96 1.48
N TYR A 35 3.46 3.99 0.70
CA TYR A 35 4.59 3.96 -0.23
C TYR A 35 5.17 5.35 -0.43
N CYS A 36 6.36 5.41 -1.02
CA CYS A 36 7.03 6.68 -1.27
C CYS A 36 6.76 7.19 -2.69
N GLY A 37 6.26 6.31 -3.56
CA GLY A 37 5.98 6.70 -4.92
C GLY A 37 5.03 5.76 -5.63
N SER A 38 4.71 6.07 -6.88
CA SER A 38 3.81 5.25 -7.68
C SER A 38 4.45 3.91 -8.02
N PHE A 39 5.74 3.93 -8.35
CA PHE A 39 6.46 2.72 -8.70
C PHE A 39 6.45 1.73 -7.53
N CYS A 40 6.74 2.23 -6.34
CA CYS A 40 6.77 1.39 -5.14
C CYS A 40 5.40 0.77 -4.89
N GLN A 41 4.36 1.54 -5.11
CA GLN A 41 2.99 1.06 -4.93
C GLN A 41 2.64 0.04 -6.00
N HIS A 42 3.18 0.23 -7.20
CA HIS A 42 2.92 -0.67 -8.32
C HIS A 42 3.65 -2.00 -8.11
N LYS A 43 4.87 -1.93 -7.59
CA LYS A 43 5.66 -3.13 -7.34
C LYS A 43 5.00 -3.99 -6.27
N ASP A 44 4.49 -3.34 -5.22
CA ASP A 44 3.84 -4.05 -4.13
C ASP A 44 2.36 -4.26 -4.43
N TRP A 45 1.82 -3.48 -5.37
CA TRP A 45 0.42 -3.56 -5.74
C TRP A 45 0.00 -4.99 -6.09
N GLU A 46 0.82 -5.68 -6.88
CA GLU A 46 0.50 -7.05 -7.26
C GLU A 46 0.29 -7.92 -6.02
N LYS A 47 1.21 -7.81 -5.07
CA LYS A 47 1.11 -8.56 -3.81
C LYS A 47 -0.01 -7.99 -2.94
N HIS A 48 -0.16 -6.67 -3.00
CA HIS A 48 -1.17 -5.97 -2.20
C HIS A 48 -2.58 -6.46 -2.50
N HIS A 49 -2.83 -6.88 -3.73
CA HIS A 49 -4.15 -7.36 -4.13
C HIS A 49 -4.58 -8.60 -3.34
N HIS A 50 -3.64 -9.19 -2.60
CA HIS A 50 -3.94 -10.37 -1.80
C HIS A 50 -4.75 -10.00 -0.56
N ILE A 51 -4.39 -8.89 0.08
CA ILE A 51 -5.08 -8.43 1.28
C ILE A 51 -5.90 -7.16 1.03
N CYS A 52 -5.87 -6.65 -0.20
CA CYS A 52 -6.61 -5.44 -0.55
C CYS A 52 -7.80 -5.77 -1.42
N GLY A 53 -8.77 -4.85 -1.46
CA GLY A 53 -9.96 -5.05 -2.28
C GLY A 53 -11.17 -5.43 -1.44
N GLN A 54 -10.92 -6.09 -0.31
CA GLN A 54 -12.00 -6.50 0.57
C GLN A 54 -12.45 -5.36 1.46
N THR A 55 -13.65 -4.83 1.18
CA THR A 55 -14.20 -3.72 1.96
C THR A 55 -15.37 -4.19 2.81
N LEU A 56 -15.51 -3.62 4.00
CA LEU A 56 -16.59 -3.98 4.90
C LEU A 56 -17.90 -3.32 4.47
N GLN A 57 -18.62 -3.99 3.58
CA GLN A 57 -19.89 -3.49 3.07
C GLN A 57 -21.03 -4.44 3.41
N ALA A 58 -20.77 -5.74 3.26
CA ALA A 58 -21.78 -6.76 3.55
C ALA A 58 -21.12 -8.06 4.00
N GLN A 59 -20.25 -8.60 3.15
CA GLN A 59 -19.56 -9.84 3.46
C GLN A 59 -18.44 -10.11 2.46
N GLN A 60 -18.72 -9.87 1.18
CA GLN A 60 -17.74 -10.08 0.13
C GLN A 60 -17.19 -8.76 -0.38
N ASP A 11 13.35 3.82 13.97
CA ASP A 11 12.27 3.82 12.99
C ASP A 11 10.98 3.28 13.59
N SER A 12 10.14 4.18 14.08
CA SER A 12 8.87 3.79 14.69
C SER A 12 7.81 3.54 13.62
N SER A 13 7.47 4.60 12.89
CA SER A 13 6.46 4.50 11.82
C SER A 13 6.88 5.30 10.60
N GLU A 14 5.96 5.44 9.65
CA GLU A 14 6.23 6.18 8.42
C GLU A 14 7.37 5.55 7.63
N SER A 15 7.18 4.30 7.22
CA SER A 15 8.19 3.58 6.46
C SER A 15 7.56 2.90 5.24
N CYS A 16 8.23 3.02 4.10
CA CYS A 16 7.73 2.42 2.86
C CYS A 16 7.71 0.90 2.97
N TRP A 17 6.56 0.31 2.64
CA TRP A 17 6.39 -1.14 2.70
C TRP A 17 7.44 -1.86 1.86
N ASN A 18 8.07 -1.15 0.93
CA ASN A 18 9.09 -1.74 0.07
C ASN A 18 10.47 -1.17 0.40
N CYS A 19 10.63 0.13 0.20
CA CYS A 19 11.90 0.79 0.44
C CYS A 19 12.46 0.54 1.83
N GLY A 20 11.60 0.58 2.85
CA GLY A 20 12.07 0.35 4.20
C GLY A 20 12.69 1.58 4.83
N ARG A 21 12.72 2.68 4.07
CA ARG A 21 13.29 3.93 4.55
C ARG A 21 12.21 4.86 5.08
N LYS A 22 11.36 5.35 4.18
CA LYS A 22 10.28 6.25 4.56
C LYS A 22 9.19 6.27 3.50
N ALA A 23 7.94 6.45 3.94
CA ALA A 23 6.80 6.49 3.04
C ALA A 23 5.94 7.73 3.30
N SER A 24 5.37 8.28 2.25
CA SER A 24 4.53 9.47 2.36
C SER A 24 3.13 9.22 1.78
N GLU A 25 3.07 8.41 0.73
CA GLU A 25 1.79 8.11 0.10
C GLU A 25 1.11 6.92 0.77
N THR A 26 -0.22 6.91 0.70
CA THR A 26 -1.01 5.84 1.32
C THR A 26 -2.05 5.29 0.33
N CYS A 27 -2.23 3.98 0.35
CA CYS A 27 -3.20 3.33 -0.54
C CYS A 27 -4.56 4.03 -0.49
N SER A 28 -5.01 4.50 -1.64
CA SER A 28 -6.30 5.18 -1.73
C SER A 28 -7.46 4.18 -1.72
N GLY A 29 -7.14 2.91 -1.95
CA GLY A 29 -8.16 1.89 -1.97
C GLY A 29 -8.49 1.33 -0.59
N CYS A 30 -7.49 1.27 0.29
CA CYS A 30 -7.71 0.75 1.63
C CYS A 30 -7.27 1.74 2.72
N ASN A 31 -6.63 2.84 2.31
CA ASN A 31 -6.18 3.85 3.25
C ASN A 31 -5.26 3.25 4.32
N THR A 32 -4.62 2.14 3.98
CA THR A 32 -3.72 1.46 4.92
C THR A 32 -2.29 1.42 4.39
N ALA A 33 -2.10 0.73 3.27
CA ALA A 33 -0.78 0.61 2.66
C ALA A 33 -0.11 1.98 2.51
N ARG A 34 1.21 2.01 2.65
CA ARG A 34 1.97 3.25 2.52
C ARG A 34 3.18 3.06 1.62
N TYR A 35 3.49 4.08 0.84
CA TYR A 35 4.63 4.03 -0.07
C TYR A 35 5.23 5.42 -0.27
N CYS A 36 6.40 5.47 -0.91
CA CYS A 36 7.08 6.73 -1.16
C CYS A 36 6.82 7.24 -2.58
N GLY A 37 6.32 6.37 -3.46
CA GLY A 37 6.05 6.78 -4.83
C GLY A 37 5.06 5.89 -5.53
N SER A 38 4.72 6.25 -6.76
CA SER A 38 3.77 5.48 -7.56
C SER A 38 4.35 4.12 -7.96
N PHE A 39 5.63 4.10 -8.28
CA PHE A 39 6.30 2.86 -8.68
C PHE A 39 6.24 1.84 -7.54
N CYS A 40 6.56 2.30 -6.33
CA CYS A 40 6.55 1.44 -5.16
C CYS A 40 5.18 0.81 -4.96
N GLN A 41 4.14 1.58 -5.26
CA GLN A 41 2.77 1.09 -5.14
C GLN A 41 2.48 0.02 -6.18
N HIS A 42 3.04 0.19 -7.37
CA HIS A 42 2.85 -0.75 -8.46
C HIS A 42 3.61 -2.06 -8.20
N LYS A 43 4.83 -1.94 -7.72
CA LYS A 43 5.66 -3.12 -7.43
C LYS A 43 5.04 -3.95 -6.31
N ASP A 44 4.49 -3.27 -5.32
CA ASP A 44 3.86 -3.94 -4.19
C ASP A 44 2.38 -4.21 -4.47
N TRP A 45 1.83 -3.50 -5.45
CA TRP A 45 0.43 -3.65 -5.82
C TRP A 45 0.06 -5.10 -6.10
N GLU A 46 0.91 -5.81 -6.83
CA GLU A 46 0.64 -7.22 -7.14
C GLU A 46 0.46 -8.02 -5.85
N LYS A 47 1.37 -7.84 -4.90
CA LYS A 47 1.29 -8.50 -3.61
C LYS A 47 0.14 -7.93 -2.79
N HIS A 48 -0.05 -6.63 -2.92
CA HIS A 48 -1.09 -5.92 -2.17
C HIS A 48 -2.50 -6.47 -2.45
N HIS A 49 -2.72 -6.97 -3.66
CA HIS A 49 -4.03 -7.50 -4.02
C HIS A 49 -4.38 -8.75 -3.21
N HIS A 50 -3.42 -9.28 -2.47
CA HIS A 50 -3.65 -10.46 -1.65
C HIS A 50 -4.45 -10.10 -0.40
N ILE A 51 -4.28 -8.87 0.08
CA ILE A 51 -4.99 -8.41 1.27
C ILE A 51 -5.79 -7.15 1.01
N CYS A 52 -5.76 -6.64 -0.22
CA CYS A 52 -6.49 -5.43 -0.57
C CYS A 52 -7.74 -5.76 -1.38
N GLY A 53 -8.69 -4.83 -1.40
CA GLY A 53 -9.92 -5.05 -2.15
C GLY A 53 -10.79 -6.12 -1.53
N GLN A 54 -10.66 -6.30 -0.22
CA GLN A 54 -11.45 -7.31 0.49
C GLN A 54 -12.64 -6.68 1.20
N THR A 55 -13.84 -7.04 0.76
CA THR A 55 -15.06 -6.50 1.34
C THR A 55 -15.64 -7.47 2.38
N LEU A 56 -14.76 -8.09 3.16
CA LEU A 56 -15.18 -9.04 4.17
C LEU A 56 -14.27 -8.97 5.40
N GLN A 57 -14.84 -8.61 6.54
CA GLN A 57 -14.09 -8.50 7.78
C GLN A 57 -14.74 -9.32 8.89
N ALA A 58 -15.31 -10.46 8.53
CA ALA A 58 -15.97 -11.33 9.49
C ALA A 58 -14.98 -12.32 10.09
N GLN A 59 -15.05 -12.49 11.41
CA GLN A 59 -14.16 -13.40 12.10
C GLN A 59 -14.95 -14.40 12.95
N GLN A 60 -14.73 -15.68 12.71
CA GLN A 60 -15.43 -16.73 13.44
C GLN A 60 -16.94 -16.62 13.24
N ASP A 11 1.43 -0.87 11.26
CA ASP A 11 2.71 -1.55 11.45
C ASP A 11 3.86 -0.54 11.43
N SER A 12 3.95 0.24 10.35
CA SER A 12 5.00 1.24 10.22
C SER A 12 4.45 2.64 10.43
N SER A 13 5.13 3.41 11.27
CA SER A 13 4.71 4.77 11.56
C SER A 13 4.82 5.66 10.32
N GLU A 14 5.92 5.51 9.60
CA GLU A 14 6.15 6.29 8.38
C GLU A 14 7.28 5.70 7.55
N SER A 15 7.17 4.42 7.23
CA SER A 15 8.18 3.74 6.43
C SER A 15 7.56 3.05 5.22
N CYS A 16 8.27 3.09 4.09
CA CYS A 16 7.78 2.47 2.86
C CYS A 16 7.80 0.95 2.98
N TRP A 17 6.67 0.33 2.66
CA TRP A 17 6.54 -1.12 2.73
C TRP A 17 7.61 -1.82 1.90
N ASN A 18 8.22 -1.10 0.97
CA ASN A 18 9.26 -1.68 0.11
C ASN A 18 10.63 -1.07 0.43
N CYS A 19 10.75 0.24 0.24
CA CYS A 19 12.00 0.94 0.47
C CYS A 19 12.59 0.67 1.85
N GLY A 20 11.74 0.68 2.88
CA GLY A 20 12.23 0.45 4.23
C GLY A 20 12.80 1.70 4.86
N ARG A 21 12.81 2.80 4.12
CA ARG A 21 13.33 4.06 4.62
C ARG A 21 12.22 4.96 5.12
N LYS A 22 11.44 5.51 4.21
CA LYS A 22 10.34 6.40 4.56
C LYS A 22 9.26 6.39 3.48
N ALA A 23 8.02 6.58 3.90
CA ALA A 23 6.88 6.60 2.98
C ALA A 23 5.98 7.80 3.25
N SER A 24 5.37 8.32 2.20
CA SER A 24 4.48 9.48 2.33
C SER A 24 3.09 9.19 1.75
N GLU A 25 3.05 8.38 0.69
CA GLU A 25 1.79 8.04 0.05
C GLU A 25 1.13 6.84 0.72
N THR A 26 -0.20 6.81 0.68
CA THR A 26 -0.97 5.74 1.30
C THR A 26 -2.03 5.20 0.34
N CYS A 27 -2.21 3.88 0.33
CA CYS A 27 -3.19 3.24 -0.54
C CYS A 27 -4.55 3.95 -0.46
N SER A 28 -5.02 4.44 -1.59
CA SER A 28 -6.30 5.13 -1.63
C SER A 28 -7.46 4.13 -1.63
N GLY A 29 -7.15 2.86 -1.89
CA GLY A 29 -8.19 1.84 -1.92
C GLY A 29 -8.50 1.27 -0.55
N CYS A 30 -7.49 1.21 0.32
CA CYS A 30 -7.69 0.66 1.66
C CYS A 30 -7.24 1.64 2.75
N ASN A 31 -6.61 2.73 2.35
CA ASN A 31 -6.14 3.73 3.32
C ASN A 31 -5.21 3.11 4.36
N THR A 32 -4.56 2.00 4.00
CA THR A 32 -3.66 1.31 4.91
C THR A 32 -2.24 1.27 4.37
N ALA A 33 -2.06 0.61 3.22
CA ALA A 33 -0.76 0.50 2.59
C ALA A 33 -0.07 1.86 2.47
N ARG A 34 1.24 1.88 2.64
CA ARG A 34 2.01 3.12 2.55
C ARG A 34 3.20 2.96 1.62
N TYR A 35 3.48 4.00 0.83
CA TYR A 35 4.59 3.96 -0.12
C TYR A 35 5.17 5.36 -0.31
N CYS A 36 6.33 5.42 -0.95
CA CYS A 36 7.00 6.69 -1.21
C CYS A 36 6.72 7.21 -2.62
N GLY A 37 6.23 6.33 -3.48
CA GLY A 37 5.94 6.72 -4.85
C GLY A 37 4.99 5.79 -5.56
N SER A 38 4.65 6.12 -6.80
CA SER A 38 3.75 5.30 -7.59
C SER A 38 4.38 3.96 -7.96
N PHE A 39 5.67 3.99 -8.29
CA PHE A 39 6.38 2.78 -8.67
C PHE A 39 6.39 1.78 -7.51
N CYS A 40 6.69 2.27 -6.32
CA CYS A 40 6.72 1.42 -5.13
C CYS A 40 5.36 0.78 -4.89
N GLN A 41 4.31 1.56 -5.11
CA GLN A 41 2.94 1.07 -4.92
C GLN A 41 2.60 0.03 -5.99
N HIS A 42 3.13 0.23 -7.20
CA HIS A 42 2.89 -0.68 -8.30
C HIS A 42 3.64 -1.99 -8.10
N LYS A 43 4.85 -1.90 -7.58
CA LYS A 43 5.67 -3.09 -7.32
C LYS A 43 5.02 -3.97 -6.27
N ASP A 44 4.51 -3.34 -5.22
CA ASP A 44 3.86 -4.05 -4.12
C ASP A 44 2.38 -4.26 -4.42
N TRP A 45 1.85 -3.49 -5.36
CA TRP A 45 0.43 -3.57 -5.74
C TRP A 45 0.03 -5.01 -6.08
N GLU A 46 0.85 -5.70 -6.87
CA GLU A 46 0.53 -7.08 -7.25
C GLU A 46 0.33 -7.94 -6.02
N LYS A 47 1.25 -7.84 -5.06
CA LYS A 47 1.16 -8.57 -3.81
C LYS A 47 0.04 -8.01 -2.93
N HIS A 48 -0.13 -6.69 -2.99
CA HIS A 48 -1.13 -5.99 -2.20
C HIS A 48 -2.54 -6.49 -2.49
N HIS A 49 -2.79 -6.92 -3.71
CA HIS A 49 -4.11 -7.39 -4.11
C HIS A 49 -4.51 -8.65 -3.32
N HIS A 50 -3.56 -9.24 -2.60
CA HIS A 50 -3.85 -10.43 -1.81
C HIS A 50 -4.63 -10.09 -0.55
N ILE A 51 -4.44 -8.86 -0.05
CA ILE A 51 -5.11 -8.42 1.16
C ILE A 51 -5.94 -7.15 0.92
N CYS A 52 -5.92 -6.63 -0.30
CA CYS A 52 -6.66 -5.42 -0.64
C CYS A 52 -7.93 -5.76 -1.41
N GLY A 53 -8.87 -4.81 -1.43
CA GLY A 53 -10.11 -5.02 -2.14
C GLY A 53 -11.20 -5.59 -1.25
N GLN A 54 -10.90 -6.71 -0.59
CA GLN A 54 -11.85 -7.36 0.30
C GLN A 54 -13.13 -7.72 -0.44
N THR A 55 -13.01 -7.96 -1.74
CA THR A 55 -14.16 -8.32 -2.56
C THR A 55 -13.73 -9.17 -3.75
N LEU A 56 -14.69 -9.59 -4.57
CA LEU A 56 -14.41 -10.40 -5.74
C LEU A 56 -15.66 -10.54 -6.62
N GLN A 57 -15.79 -9.65 -7.59
CA GLN A 57 -16.94 -9.67 -8.50
C GLN A 57 -16.65 -10.56 -9.70
N ALA A 58 -17.65 -11.35 -10.08
CA ALA A 58 -17.51 -12.25 -11.22
C ALA A 58 -18.81 -12.35 -12.01
N GLN A 59 -18.71 -12.24 -13.33
CA GLN A 59 -19.88 -12.31 -14.20
C GLN A 59 -19.80 -13.52 -15.13
N GLN A 60 -18.59 -13.78 -15.63
CA GLN A 60 -18.37 -14.90 -16.53
C GLN A 60 -17.89 -16.13 -15.77
N ASP A 11 0.95 5.42 17.13
CA ASP A 11 1.88 4.83 16.19
C ASP A 11 2.70 5.92 15.48
N SER A 12 3.92 5.58 15.09
CA SER A 12 4.79 6.53 14.41
C SER A 12 5.94 5.80 13.71
N SER A 13 5.79 5.57 12.41
CA SER A 13 6.81 4.90 11.63
C SER A 13 7.06 5.63 10.31
N GLU A 14 6.04 5.64 9.45
CA GLU A 14 6.16 6.31 8.15
C GLU A 14 7.27 5.69 7.32
N SER A 15 7.27 4.36 7.25
CA SER A 15 8.28 3.64 6.48
C SER A 15 7.65 2.97 5.25
N CYS A 16 8.32 3.07 4.12
CA CYS A 16 7.83 2.46 2.88
C CYS A 16 7.83 0.95 2.98
N TRP A 17 6.70 0.34 2.64
CA TRP A 17 6.56 -1.12 2.70
C TRP A 17 7.63 -1.82 1.88
N ASN A 18 8.26 -1.10 0.96
CA ASN A 18 9.29 -1.67 0.11
C ASN A 18 10.66 -1.06 0.44
N CYS A 19 10.79 0.24 0.23
CA CYS A 19 12.05 0.95 0.46
C CYS A 19 12.61 0.69 1.86
N GLY A 20 11.77 0.71 2.88
CA GLY A 20 12.24 0.48 4.23
C GLY A 20 12.84 1.73 4.86
N ARG A 21 12.84 2.83 4.10
CA ARG A 21 13.38 4.08 4.60
C ARG A 21 12.27 4.99 5.12
N LYS A 22 11.44 5.47 4.21
CA LYS A 22 10.33 6.36 4.57
C LYS A 22 9.25 6.35 3.50
N ALA A 23 8.00 6.52 3.94
CA ALA A 23 6.87 6.54 3.02
C ALA A 23 5.97 7.75 3.30
N SER A 24 5.35 8.27 2.25
CA SER A 24 4.47 9.43 2.39
C SER A 24 3.09 9.14 1.80
N GLU A 25 3.04 8.34 0.75
CA GLU A 25 1.78 8.00 0.10
C GLU A 25 1.11 6.81 0.77
N THR A 26 -0.22 6.79 0.73
CA THR A 26 -1.00 5.71 1.33
C THR A 26 -2.06 5.19 0.36
N CYS A 27 -2.25 3.87 0.35
CA CYS A 27 -3.23 3.24 -0.52
C CYS A 27 -4.58 3.95 -0.45
N SER A 28 -5.06 4.45 -1.58
CA SER A 28 -6.34 5.14 -1.63
C SER A 28 -7.50 4.14 -1.63
N GLY A 29 -7.20 2.88 -1.90
CA GLY A 29 -8.23 1.86 -1.94
C GLY A 29 -8.54 1.28 -0.57
N CYS A 30 -7.54 1.20 0.30
CA CYS A 30 -7.76 0.65 1.64
C CYS A 30 -7.30 1.61 2.74
N ASN A 31 -6.66 2.71 2.34
CA ASN A 31 -6.19 3.70 3.32
C ASN A 31 -5.27 3.07 4.36
N THR A 32 -4.62 1.97 3.98
CA THR A 32 -3.72 1.27 4.89
C THR A 32 -2.30 1.24 4.35
N ALA A 33 -2.11 0.59 3.20
CA ALA A 33 -0.80 0.48 2.57
C ALA A 33 -0.12 1.86 2.46
N ARG A 34 1.20 1.87 2.55
CA ARG A 34 1.96 3.11 2.45
C ARG A 34 3.16 2.95 1.53
N TYR A 35 3.45 3.98 0.75
CA TYR A 35 4.58 3.95 -0.18
C TYR A 35 5.16 5.36 -0.37
N CYS A 36 6.34 5.42 -0.96
CA CYS A 36 7.01 6.69 -1.20
C CYS A 36 6.75 7.20 -2.61
N GLY A 37 6.25 6.33 -3.49
CA GLY A 37 5.97 6.73 -4.85
C GLY A 37 5.03 5.80 -5.57
N SER A 38 4.68 6.13 -6.81
CA SER A 38 3.78 5.32 -7.62
C SER A 38 4.41 3.99 -7.98
N PHE A 39 5.70 4.01 -8.31
CA PHE A 39 6.42 2.79 -8.68
C PHE A 39 6.41 1.79 -7.52
N CYS A 40 6.71 2.28 -6.33
CA CYS A 40 6.75 1.44 -5.13
C CYS A 40 5.39 0.80 -4.89
N GLN A 41 4.32 1.58 -5.11
CA GLN A 41 2.97 1.09 -4.93
C GLN A 41 2.63 0.05 -5.99
N HIS A 42 3.17 0.24 -7.19
CA HIS A 42 2.93 -0.67 -8.30
C HIS A 42 3.66 -1.99 -8.08
N LYS A 43 4.88 -1.91 -7.55
CA LYS A 43 5.69 -3.10 -7.29
C LYS A 43 5.04 -3.96 -6.22
N ASP A 44 4.52 -3.31 -5.19
CA ASP A 44 3.87 -4.02 -4.09
C ASP A 44 2.38 -4.24 -4.38
N TRP A 45 1.85 -3.46 -5.34
CA TRP A 45 0.44 -3.56 -5.71
C TRP A 45 0.04 -4.99 -6.06
N GLU A 46 0.86 -5.69 -6.84
CA GLU A 46 0.55 -7.06 -7.21
C GLU A 46 0.34 -7.92 -5.97
N LYS A 47 1.27 -7.80 -5.02
CA LYS A 47 1.16 -8.54 -3.77
C LYS A 47 0.05 -7.97 -2.90
N HIS A 48 -0.12 -6.66 -2.96
CA HIS A 48 -1.13 -5.96 -2.18
C HIS A 48 -2.55 -6.45 -2.47
N HIS A 49 -2.79 -6.89 -3.70
CA HIS A 49 -4.11 -7.38 -4.09
C HIS A 49 -4.51 -8.63 -3.30
N HIS A 50 -3.55 -9.22 -2.57
CA HIS A 50 -3.82 -10.40 -1.77
C HIS A 50 -4.62 -10.05 -0.52
N ILE A 51 -4.44 -8.82 -0.02
CA ILE A 51 -5.13 -8.38 1.17
C ILE A 51 -5.97 -7.12 0.92
N CYS A 52 -5.95 -6.62 -0.31
CA CYS A 52 -6.70 -5.42 -0.65
C CYS A 52 -7.97 -5.78 -1.43
N GLY A 53 -8.93 -4.85 -1.44
CA GLY A 53 -10.17 -5.09 -2.15
C GLY A 53 -11.26 -5.63 -1.25
N GLN A 54 -10.89 -6.53 -0.35
CA GLN A 54 -11.84 -7.13 0.58
C GLN A 54 -12.50 -6.07 1.45
N THR A 55 -13.46 -6.49 2.26
CA THR A 55 -14.17 -5.57 3.15
C THR A 55 -13.93 -5.93 4.61
N LEU A 56 -14.03 -7.22 4.91
CA LEU A 56 -13.82 -7.70 6.28
C LEU A 56 -12.35 -8.01 6.52
N GLN A 57 -12.04 -8.50 7.73
CA GLN A 57 -10.68 -8.84 8.09
C GLN A 57 -10.38 -10.30 7.77
N ALA A 58 -9.35 -10.52 6.96
CA ALA A 58 -8.97 -11.87 6.58
C ALA A 58 -7.53 -12.17 6.98
N GLN A 59 -7.35 -12.61 8.23
CA GLN A 59 -6.03 -12.94 8.74
C GLN A 59 -6.12 -13.52 10.15
N GLN A 60 -5.56 -14.71 10.34
CA GLN A 60 -5.57 -15.37 11.63
C GLN A 60 -4.19 -15.35 12.28
N ASP A 11 2.84 2.33 19.29
CA ASP A 11 3.79 2.15 18.21
C ASP A 11 3.22 2.69 16.90
N SER A 12 4.02 3.49 16.20
CA SER A 12 3.60 4.07 14.92
C SER A 12 4.80 4.54 14.11
N SER A 13 4.79 4.24 12.82
CA SER A 13 5.87 4.63 11.93
C SER A 13 5.34 5.00 10.54
N GLU A 14 6.23 5.52 9.70
CA GLU A 14 5.86 5.92 8.35
C GLU A 14 6.92 5.50 7.35
N SER A 15 7.30 4.23 7.38
CA SER A 15 8.31 3.69 6.49
C SER A 15 7.68 3.04 5.27
N CYS A 16 8.38 3.06 4.15
CA CYS A 16 7.87 2.47 2.91
C CYS A 16 7.84 0.95 3.01
N TRP A 17 6.69 0.36 2.69
CA TRP A 17 6.53 -1.09 2.74
C TRP A 17 7.58 -1.82 1.91
N ASN A 18 8.21 -1.11 0.97
CA ASN A 18 9.22 -1.70 0.11
C ASN A 18 10.61 -1.13 0.43
N CYS A 19 10.75 0.18 0.24
CA CYS A 19 12.03 0.85 0.45
C CYS A 19 12.62 0.58 1.83
N GLY A 20 11.78 0.59 2.86
CA GLY A 20 12.28 0.35 4.20
C GLY A 20 12.89 1.59 4.84
N ARG A 21 12.90 2.69 4.10
CA ARG A 21 13.45 3.94 4.60
C ARG A 21 12.35 4.88 5.07
N LYS A 22 11.57 5.39 4.12
CA LYS A 22 10.47 6.30 4.43
C LYS A 22 9.38 6.24 3.37
N ALA A 23 8.13 6.38 3.81
CA ALA A 23 6.99 6.34 2.90
C ALA A 23 6.49 7.75 2.59
N SER A 24 5.20 7.88 2.28
CA SER A 24 4.62 9.18 1.97
C SER A 24 3.17 9.03 1.49
N GLU A 25 3.00 8.26 0.42
CA GLU A 25 1.66 8.03 -0.13
C GLU A 25 0.98 6.86 0.57
N THR A 26 -0.35 6.86 0.53
CA THR A 26 -1.15 5.80 1.16
C THR A 26 -2.17 5.25 0.19
N CYS A 27 -2.36 3.93 0.23
CA CYS A 27 -3.34 3.26 -0.65
C CYS A 27 -4.69 3.96 -0.59
N SER A 28 -5.16 4.42 -1.75
CA SER A 28 -6.46 5.09 -1.82
C SER A 28 -7.60 4.08 -1.78
N GLY A 29 -7.28 2.82 -2.02
CA GLY A 29 -8.30 1.78 -2.01
C GLY A 29 -8.60 1.23 -0.63
N CYS A 30 -7.59 1.20 0.24
CA CYS A 30 -7.79 0.69 1.60
C CYS A 30 -7.33 1.69 2.66
N ASN A 31 -6.70 2.78 2.24
CA ASN A 31 -6.22 3.79 3.17
C ASN A 31 -5.30 3.19 4.24
N THR A 32 -4.64 2.08 3.89
CA THR A 32 -3.74 1.42 4.83
C THR A 32 -2.31 1.35 4.27
N ALA A 33 -2.15 0.67 3.14
CA ALA A 33 -0.84 0.53 2.50
C ALA A 33 -0.13 1.88 2.38
N ARG A 34 1.17 1.88 2.68
CA ARG A 34 1.97 3.09 2.60
C ARG A 34 3.14 2.91 1.64
N TYR A 35 3.47 3.97 0.91
CA TYR A 35 4.58 3.93 -0.04
C TYR A 35 5.22 5.30 -0.18
N CYS A 36 6.40 5.34 -0.81
CA CYS A 36 7.11 6.59 -1.01
C CYS A 36 6.84 7.18 -2.40
N GLY A 37 6.30 6.36 -3.29
CA GLY A 37 6.01 6.84 -4.64
C GLY A 37 5.04 5.93 -5.38
N SER A 38 4.72 6.31 -6.62
CA SER A 38 3.79 5.54 -7.44
C SER A 38 4.38 4.20 -7.84
N PHE A 39 5.67 4.19 -8.18
CA PHE A 39 6.35 2.97 -8.59
C PHE A 39 6.33 1.94 -7.46
N CYS A 40 6.65 2.38 -6.25
CA CYS A 40 6.67 1.49 -5.09
C CYS A 40 5.29 0.88 -4.86
N GLN A 41 4.25 1.66 -5.09
CA GLN A 41 2.89 1.18 -4.92
C GLN A 41 2.55 0.14 -5.99
N HIS A 42 3.07 0.34 -7.19
CA HIS A 42 2.83 -0.57 -8.30
C HIS A 42 3.59 -1.88 -8.09
N LYS A 43 4.80 -1.80 -7.58
CA LYS A 43 5.62 -2.99 -7.33
C LYS A 43 4.98 -3.85 -6.26
N ASP A 44 4.49 -3.21 -5.20
CA ASP A 44 3.85 -3.92 -4.09
C ASP A 44 2.37 -4.16 -4.39
N TRP A 45 1.84 -3.40 -5.34
CA TRP A 45 0.43 -3.52 -5.72
C TRP A 45 0.03 -4.96 -6.04
N GLU A 46 0.85 -5.65 -6.82
CA GLU A 46 0.56 -7.04 -7.18
C GLU A 46 0.38 -7.88 -5.93
N LYS A 47 1.30 -7.75 -4.99
CA LYS A 47 1.23 -8.47 -3.72
C LYS A 47 0.10 -7.92 -2.85
N HIS A 48 -0.08 -6.61 -2.92
CA HIS A 48 -1.10 -5.92 -2.14
C HIS A 48 -2.50 -6.45 -2.40
N HIS A 49 -2.75 -6.90 -3.63
CA HIS A 49 -4.07 -7.42 -4.00
C HIS A 49 -4.44 -8.65 -3.17
N HIS A 50 -3.48 -9.21 -2.44
CA HIS A 50 -3.74 -10.38 -1.61
C HIS A 50 -4.55 -10.02 -0.38
N ILE A 51 -4.32 -8.82 0.15
CA ILE A 51 -5.03 -8.35 1.34
C ILE A 51 -5.87 -7.11 1.07
N CYS A 52 -5.87 -6.63 -0.18
CA CYS A 52 -6.63 -5.45 -0.53
C CYS A 52 -7.88 -5.83 -1.32
N GLY A 53 -8.85 -4.92 -1.36
CA GLY A 53 -10.09 -5.18 -2.08
C GLY A 53 -11.01 -6.13 -1.33
N GLN A 54 -10.93 -6.11 -0.01
CA GLN A 54 -11.76 -6.97 0.82
C GLN A 54 -13.22 -6.52 0.77
N THR A 55 -13.44 -5.23 0.59
CA THR A 55 -14.78 -4.68 0.52
C THR A 55 -14.95 -3.81 -0.73
N LEU A 56 -15.39 -4.42 -1.82
CA LEU A 56 -15.60 -3.71 -3.06
C LEU A 56 -16.83 -4.24 -3.80
N GLN A 57 -17.94 -3.50 -3.69
CA GLN A 57 -19.19 -3.89 -4.33
C GLN A 57 -19.17 -3.52 -5.81
N ALA A 58 -18.63 -4.43 -6.63
CA ALA A 58 -18.56 -4.20 -8.07
C ALA A 58 -18.66 -5.52 -8.83
N GLN A 59 -19.28 -5.46 -10.01
CA GLN A 59 -19.44 -6.65 -10.85
C GLN A 59 -18.30 -6.77 -11.86
N GLN A 60 -17.20 -7.38 -11.43
CA GLN A 60 -16.04 -7.57 -12.30
C GLN A 60 -15.20 -8.75 -11.84
N ASP A 11 -0.53 6.50 13.26
CA ASP A 11 0.69 6.00 12.65
C ASP A 11 1.91 6.76 13.17
N SER A 12 2.72 6.08 13.98
CA SER A 12 3.92 6.68 14.55
C SER A 12 5.10 6.55 13.60
N SER A 13 5.14 5.43 12.87
CA SER A 13 6.22 5.18 11.92
C SER A 13 5.73 5.31 10.49
N GLU A 14 6.47 6.06 9.67
CA GLU A 14 6.10 6.26 8.27
C GLU A 14 7.18 5.73 7.34
N SER A 15 7.38 4.41 7.37
CA SER A 15 8.39 3.77 6.53
C SER A 15 7.73 3.10 5.32
N CYS A 16 8.43 3.13 4.19
CA CYS A 16 7.92 2.54 2.96
C CYS A 16 7.91 1.01 3.06
N TRP A 17 6.77 0.42 2.73
CA TRP A 17 6.60 -1.03 2.79
C TRP A 17 7.67 -1.76 1.97
N ASN A 18 8.31 -1.05 1.04
CA ASN A 18 9.35 -1.64 0.20
C ASN A 18 10.72 -1.04 0.52
N CYS A 19 10.85 0.27 0.31
CA CYS A 19 12.12 0.96 0.53
C CYS A 19 12.71 0.70 1.91
N GLY A 20 11.87 0.72 2.94
CA GLY A 20 12.37 0.49 4.29
C GLY A 20 12.96 1.73 4.92
N ARG A 21 12.97 2.83 4.16
CA ARG A 21 13.51 4.10 4.66
C ARG A 21 12.39 5.03 5.12
N LYS A 22 11.59 5.49 4.16
CA LYS A 22 10.49 6.40 4.47
C LYS A 22 9.39 6.32 3.41
N ALA A 23 8.15 6.46 3.84
CA ALA A 23 7.01 6.40 2.93
C ALA A 23 6.49 7.81 2.61
N SER A 24 5.19 7.92 2.30
CA SER A 24 4.58 9.21 1.99
C SER A 24 3.14 9.01 1.51
N GLU A 25 2.98 8.23 0.44
CA GLU A 25 1.67 7.97 -0.12
C GLU A 25 0.99 6.78 0.58
N THR A 26 -0.33 6.76 0.54
CA THR A 26 -1.11 5.70 1.16
C THR A 26 -2.17 5.16 0.22
N CYS A 27 -2.35 3.84 0.23
CA CYS A 27 -3.34 3.20 -0.63
C CYS A 27 -4.69 3.90 -0.56
N SER A 28 -5.17 4.39 -1.68
CA SER A 28 -6.45 5.09 -1.73
C SER A 28 -7.62 4.09 -1.71
N GLY A 29 -7.31 2.82 -1.98
CA GLY A 29 -8.34 1.80 -1.99
C GLY A 29 -8.64 1.23 -0.62
N CYS A 30 -7.64 1.17 0.25
CA CYS A 30 -7.82 0.63 1.59
C CYS A 30 -7.35 1.59 2.68
N ASN A 31 -6.71 2.70 2.28
CA ASN A 31 -6.22 3.69 3.22
C ASN A 31 -5.29 3.06 4.26
N THR A 32 -4.65 1.95 3.89
CA THR A 32 -3.75 1.25 4.80
C THR A 32 -2.32 1.22 4.25
N ALA A 33 -2.16 0.55 3.11
CA ALA A 33 -0.85 0.43 2.46
C ALA A 33 -0.15 1.79 2.35
N ARG A 34 1.15 1.80 2.59
CA ARG A 34 1.93 3.04 2.52
C ARG A 34 3.15 2.86 1.63
N TYR A 35 3.47 3.90 0.87
CA TYR A 35 4.61 3.86 -0.04
C TYR A 35 5.24 5.25 -0.19
N CYS A 36 6.40 5.29 -0.83
CA CYS A 36 7.11 6.55 -1.04
C CYS A 36 6.81 7.13 -2.43
N GLY A 37 6.26 6.31 -3.32
CA GLY A 37 5.94 6.77 -4.66
C GLY A 37 5.02 5.83 -5.40
N SER A 38 4.70 6.17 -6.64
CA SER A 38 3.81 5.37 -7.47
C SER A 38 4.47 4.04 -7.84
N PHE A 39 5.76 4.08 -8.15
CA PHE A 39 6.50 2.87 -8.54
C PHE A 39 6.48 1.85 -7.41
N CYS A 40 6.76 2.31 -6.20
CA CYS A 40 6.78 1.43 -5.04
C CYS A 40 5.41 0.80 -4.79
N GLN A 41 4.36 1.60 -5.01
CA GLN A 41 3.00 1.13 -4.82
C GLN A 41 2.63 0.13 -5.91
N HIS A 42 3.16 0.35 -7.11
CA HIS A 42 2.90 -0.53 -8.24
C HIS A 42 3.61 -1.87 -8.07
N LYS A 43 4.84 -1.82 -7.56
CA LYS A 43 5.63 -3.03 -7.35
C LYS A 43 4.97 -3.92 -6.30
N ASP A 44 4.49 -3.29 -5.22
CA ASP A 44 3.83 -4.02 -4.15
C ASP A 44 2.33 -4.20 -4.44
N TRP A 45 1.82 -3.40 -5.37
CA TRP A 45 0.41 -3.47 -5.74
C TRP A 45 -0.03 -4.89 -6.11
N GLU A 46 0.79 -5.58 -6.91
CA GLU A 46 0.44 -6.95 -7.31
C GLU A 46 0.24 -7.83 -6.09
N LYS A 47 1.17 -7.77 -5.15
CA LYS A 47 1.08 -8.55 -3.91
C LYS A 47 -0.02 -7.98 -3.02
N HIS A 48 -0.15 -6.66 -3.03
CA HIS A 48 -1.13 -5.96 -2.22
C HIS A 48 -2.56 -6.41 -2.51
N HIS A 49 -2.83 -6.80 -3.75
CA HIS A 49 -4.17 -7.24 -4.14
C HIS A 49 -4.61 -8.48 -3.36
N HIS A 50 -3.68 -9.10 -2.63
CA HIS A 50 -4.01 -10.29 -1.85
C HIS A 50 -4.81 -9.92 -0.60
N ILE A 51 -4.42 -8.82 0.04
CA ILE A 51 -5.10 -8.36 1.25
C ILE A 51 -5.95 -7.12 0.99
N CYS A 52 -5.96 -6.64 -0.25
CA CYS A 52 -6.74 -5.46 -0.60
C CYS A 52 -8.03 -5.85 -1.33
N GLY A 53 -9.07 -5.05 -1.14
CA GLY A 53 -10.34 -5.33 -1.79
C GLY A 53 -11.18 -6.32 -1.01
N GLN A 54 -10.62 -7.48 -0.72
CA GLN A 54 -11.32 -8.51 0.03
C GLN A 54 -11.79 -7.99 1.38
N THR A 55 -10.90 -7.29 2.08
CA THR A 55 -11.22 -6.73 3.38
C THR A 55 -12.39 -5.75 3.29
N LEU A 56 -13.10 -5.59 4.39
CA LEU A 56 -14.25 -4.69 4.43
C LEU A 56 -14.22 -3.83 5.70
N GLN A 57 -14.02 -2.53 5.52
CA GLN A 57 -13.98 -1.60 6.64
C GLN A 57 -15.29 -0.84 6.78
N ALA A 58 -16.22 -1.40 7.54
CA ALA A 58 -17.52 -0.77 7.74
C ALA A 58 -18.21 -1.32 8.99
N GLN A 59 -19.30 -0.69 9.39
CA GLN A 59 -20.04 -1.11 10.57
C GLN A 59 -21.54 -0.96 10.34
N GLN A 60 -22.02 0.28 10.35
CA GLN A 60 -23.44 0.55 10.14
C GLN A 60 -23.63 1.90 9.45
N ASP A 11 11.90 3.42 12.74
CA ASP A 11 11.81 2.24 11.88
C ASP A 11 10.37 1.94 11.51
N SER A 12 9.51 1.82 12.52
CA SER A 12 8.10 1.53 12.31
C SER A 12 7.27 2.80 12.37
N SER A 13 7.87 3.91 11.98
CA SER A 13 7.18 5.20 11.99
C SER A 13 7.16 5.82 10.60
N GLU A 14 6.12 5.53 9.83
CA GLU A 14 5.99 6.05 8.48
C GLU A 14 7.14 5.59 7.59
N SER A 15 7.14 4.31 7.26
CA SER A 15 8.18 3.74 6.42
C SER A 15 7.58 3.05 5.20
N CYS A 16 8.29 3.11 4.07
CA CYS A 16 7.81 2.48 2.84
C CYS A 16 7.81 0.96 2.97
N TRP A 17 6.68 0.35 2.63
CA TRP A 17 6.55 -1.11 2.71
C TRP A 17 7.61 -1.82 1.89
N ASN A 18 8.25 -1.11 0.96
CA ASN A 18 9.29 -1.68 0.11
C ASN A 18 10.65 -1.08 0.45
N CYS A 19 10.78 0.23 0.25
CA CYS A 19 12.04 0.92 0.48
C CYS A 19 12.61 0.67 1.88
N GLY A 20 11.75 0.70 2.89
CA GLY A 20 12.22 0.48 4.25
C GLY A 20 12.80 1.73 4.87
N ARG A 21 12.82 2.83 4.11
CA ARG A 21 13.35 4.09 4.61
C ARG A 21 12.24 5.00 5.13
N LYS A 22 11.44 5.53 4.20
CA LYS A 22 10.35 6.41 4.57
C LYS A 22 9.26 6.42 3.49
N ALA A 23 8.02 6.61 3.93
CA ALA A 23 6.88 6.63 3.00
C ALA A 23 5.96 7.81 3.33
N SER A 24 5.31 8.35 2.29
CA SER A 24 4.41 9.48 2.46
C SER A 24 3.04 9.20 1.86
N GLU A 25 3.00 8.38 0.82
CA GLU A 25 1.75 8.04 0.14
C GLU A 25 1.07 6.85 0.82
N THR A 26 -0.26 6.82 0.76
CA THR A 26 -1.04 5.75 1.37
C THR A 26 -2.09 5.22 0.38
N CYS A 27 -2.28 3.90 0.38
CA CYS A 27 -3.25 3.28 -0.51
C CYS A 27 -4.59 3.99 -0.44
N SER A 28 -5.06 4.48 -1.58
CA SER A 28 -6.34 5.17 -1.64
C SER A 28 -7.51 4.17 -1.64
N GLY A 29 -7.20 2.90 -1.89
CA GLY A 29 -8.24 1.88 -1.93
C GLY A 29 -8.54 1.30 -0.56
N CYS A 30 -7.54 1.23 0.31
CA CYS A 30 -7.74 0.68 1.65
C CYS A 30 -7.27 1.64 2.75
N ASN A 31 -6.62 2.74 2.36
CA ASN A 31 -6.13 3.72 3.33
C ASN A 31 -5.22 3.06 4.36
N THR A 32 -4.58 1.97 3.98
CA THR A 32 -3.68 1.26 4.87
C THR A 32 -2.26 1.22 4.32
N ALA A 33 -2.09 0.58 3.16
CA ALA A 33 -0.77 0.48 2.53
C ALA A 33 -0.11 1.84 2.40
N ARG A 34 1.21 1.86 2.49
CA ARG A 34 1.97 3.10 2.38
C ARG A 34 3.17 2.93 1.46
N TYR A 35 3.47 3.97 0.67
CA TYR A 35 4.60 3.94 -0.24
C TYR A 35 5.19 5.33 -0.43
N CYS A 36 6.38 5.39 -1.01
CA CYS A 36 7.05 6.67 -1.25
C CYS A 36 6.79 7.18 -2.67
N GLY A 37 6.30 6.31 -3.54
CA GLY A 37 6.03 6.72 -4.91
C GLY A 37 5.07 5.77 -5.63
N SER A 38 4.76 6.10 -6.88
CA SER A 38 3.85 5.29 -7.68
C SER A 38 4.48 3.94 -8.03
N PHE A 39 5.77 3.96 -8.35
CA PHE A 39 6.48 2.74 -8.71
C PHE A 39 6.46 1.74 -7.54
N CYS A 40 6.76 2.24 -6.35
CA CYS A 40 6.78 1.41 -5.15
C CYS A 40 5.41 0.78 -4.91
N GLN A 41 4.37 1.56 -5.14
CA GLN A 41 3.00 1.08 -4.96
C GLN A 41 2.66 0.04 -6.02
N HIS A 42 3.20 0.23 -7.22
CA HIS A 42 2.96 -0.68 -8.33
C HIS A 42 3.69 -2.00 -8.11
N LYS A 43 4.90 -1.93 -7.59
CA LYS A 43 5.70 -3.12 -7.33
C LYS A 43 5.04 -3.98 -6.26
N ASP A 44 4.53 -3.34 -5.22
CA ASP A 44 3.87 -4.05 -4.13
C ASP A 44 2.38 -4.24 -4.43
N TRP A 45 1.86 -3.47 -5.38
CA TRP A 45 0.45 -3.55 -5.76
C TRP A 45 0.04 -4.97 -6.10
N GLU A 46 0.86 -5.68 -6.88
CA GLU A 46 0.53 -7.05 -7.26
C GLU A 46 0.32 -7.91 -6.01
N LYS A 47 1.23 -7.80 -5.05
CA LYS A 47 1.13 -8.53 -3.81
C LYS A 47 0.01 -7.96 -2.94
N HIS A 48 -0.14 -6.64 -3.00
CA HIS A 48 -1.15 -5.94 -2.21
C HIS A 48 -2.57 -6.42 -2.51
N HIS A 49 -2.81 -6.85 -3.75
CA HIS A 49 -4.13 -7.32 -4.13
C HIS A 49 -4.55 -8.56 -3.34
N HIS A 50 -3.61 -9.15 -2.59
CA HIS A 50 -3.90 -10.33 -1.79
C HIS A 50 -4.71 -9.95 -0.54
N ILE A 51 -4.43 -8.79 0.02
CA ILE A 51 -5.11 -8.33 1.22
C ILE A 51 -5.95 -7.07 0.96
N CYS A 52 -5.92 -6.58 -0.26
CA CYS A 52 -6.68 -5.37 -0.61
C CYS A 52 -7.98 -5.74 -1.33
N GLY A 53 -9.00 -4.90 -1.16
CA GLY A 53 -10.27 -5.16 -1.79
C GLY A 53 -10.99 -6.35 -1.19
N GLN A 54 -10.63 -6.69 0.04
CA GLN A 54 -11.24 -7.83 0.72
C GLN A 54 -11.32 -7.58 2.23
N THR A 55 -12.35 -6.86 2.65
CA THR A 55 -12.54 -6.54 4.06
C THR A 55 -13.38 -7.61 4.75
N LEU A 56 -13.01 -7.96 5.99
CA LEU A 56 -13.73 -8.96 6.76
C LEU A 56 -13.73 -10.30 6.03
N GLN A 57 -12.72 -11.12 6.30
CA GLN A 57 -12.62 -12.43 5.68
C GLN A 57 -13.46 -13.47 6.41
N ALA A 58 -14.09 -14.35 5.66
CA ALA A 58 -14.94 -15.39 6.24
C ALA A 58 -14.53 -16.77 5.74
N GLN A 59 -14.76 -17.78 6.58
CA GLN A 59 -14.41 -19.15 6.23
C GLN A 59 -15.11 -20.14 7.15
N GLN A 60 -14.73 -20.12 8.43
CA GLN A 60 -15.31 -21.03 9.41
C GLN A 60 -15.62 -20.28 10.71
N ASP A 11 11.01 9.13 12.97
CA ASP A 11 9.97 8.47 13.75
C ASP A 11 9.58 7.14 13.12
N SER A 12 8.83 6.33 13.87
CA SER A 12 8.39 5.03 13.39
C SER A 12 6.95 5.10 12.86
N SER A 13 6.58 6.26 12.33
CA SER A 13 5.24 6.45 11.79
C SER A 13 5.29 6.85 10.32
N GLU A 14 6.32 6.37 9.63
CA GLU A 14 6.48 6.67 8.21
C GLU A 14 7.59 5.82 7.60
N SER A 15 7.21 4.67 7.06
CA SER A 15 8.17 3.76 6.43
C SER A 15 7.56 3.07 5.22
N CYS A 16 8.28 3.09 4.10
CA CYS A 16 7.80 2.47 2.87
C CYS A 16 7.82 0.94 2.99
N TRP A 17 6.70 0.32 2.66
CA TRP A 17 6.58 -1.13 2.74
C TRP A 17 7.66 -1.84 1.91
N ASN A 18 8.28 -1.11 0.98
CA ASN A 18 9.33 -1.68 0.14
C ASN A 18 10.68 -1.06 0.47
N CYS A 19 10.80 0.25 0.26
CA CYS A 19 12.05 0.97 0.50
C CYS A 19 12.63 0.71 1.89
N GLY A 20 11.78 0.71 2.91
CA GLY A 20 12.25 0.48 4.26
C GLY A 20 12.83 1.73 4.90
N ARG A 21 12.85 2.83 4.15
CA ARG A 21 13.38 4.10 4.65
C ARG A 21 12.26 5.00 5.15
N LYS A 22 11.45 5.50 4.23
CA LYS A 22 10.34 6.38 4.59
C LYS A 22 9.27 6.40 3.51
N ALA A 23 8.02 6.57 3.93
CA ALA A 23 6.89 6.62 3.01
C ALA A 23 5.97 7.79 3.32
N SER A 24 5.32 8.32 2.30
CA SER A 24 4.41 9.45 2.47
C SER A 24 3.03 9.16 1.88
N GLU A 25 2.99 8.33 0.83
CA GLU A 25 1.74 7.99 0.17
C GLU A 25 1.07 6.80 0.84
N THR A 26 -0.26 6.77 0.80
CA THR A 26 -1.04 5.69 1.40
C THR A 26 -2.08 5.17 0.43
N CYS A 27 -2.27 3.85 0.42
CA CYS A 27 -3.25 3.22 -0.47
C CYS A 27 -4.60 3.92 -0.38
N SER A 28 -5.07 4.42 -1.52
CA SER A 28 -6.35 5.11 -1.58
C SER A 28 -7.51 4.11 -1.58
N GLY A 29 -7.20 2.84 -1.85
CA GLY A 29 -8.23 1.82 -1.88
C GLY A 29 -8.54 1.23 -0.52
N CYS A 30 -7.54 1.17 0.35
CA CYS A 30 -7.75 0.60 1.70
C CYS A 30 -7.29 1.56 2.79
N ASN A 31 -6.66 2.66 2.41
CA ASN A 31 -6.18 3.66 3.37
C ASN A 31 -5.25 3.02 4.41
N THR A 32 -4.61 1.93 4.03
CA THR A 32 -3.70 1.22 4.93
C THR A 32 -2.28 1.19 4.38
N ALA A 33 -2.10 0.54 3.23
CA ALA A 33 -0.79 0.44 2.60
C ALA A 33 -0.13 1.80 2.47
N ARG A 34 1.19 1.83 2.54
CA ARG A 34 1.94 3.07 2.44
C ARG A 34 3.14 2.91 1.51
N TYR A 35 3.43 3.94 0.72
CA TYR A 35 4.56 3.91 -0.21
C TYR A 35 5.13 5.31 -0.41
N CYS A 36 6.32 5.37 -0.99
CA CYS A 36 6.99 6.65 -1.23
C CYS A 36 6.72 7.16 -2.65
N GLY A 37 6.24 6.29 -3.52
CA GLY A 37 5.95 6.68 -4.89
C GLY A 37 5.02 5.72 -5.61
N SER A 38 4.70 6.05 -6.86
CA SER A 38 3.80 5.21 -7.66
C SER A 38 4.45 3.87 -8.00
N PHE A 39 5.75 3.92 -8.32
CA PHE A 39 6.48 2.70 -8.67
C PHE A 39 6.47 1.71 -7.52
N CYS A 40 6.76 2.22 -6.31
CA CYS A 40 6.78 1.38 -5.12
C CYS A 40 5.42 0.75 -4.87
N GLN A 41 4.37 1.54 -5.07
CA GLN A 41 3.02 1.06 -4.88
C GLN A 41 2.65 0.04 -5.96
N HIS A 42 3.18 0.25 -7.16
CA HIS A 42 2.91 -0.65 -8.28
C HIS A 42 3.64 -1.97 -8.09
N LYS A 43 4.87 -1.91 -7.57
CA LYS A 43 5.66 -3.10 -7.33
C LYS A 43 5.00 -3.99 -6.29
N ASP A 44 4.51 -3.37 -5.22
CA ASP A 44 3.86 -4.10 -4.14
C ASP A 44 2.37 -4.29 -4.44
N TRP A 45 1.84 -3.49 -5.37
CA TRP A 45 0.43 -3.56 -5.74
C TRP A 45 0.01 -4.97 -6.10
N GLU A 46 0.82 -5.67 -6.90
CA GLU A 46 0.48 -7.03 -7.29
C GLU A 46 0.27 -7.91 -6.06
N LYS A 47 1.19 -7.82 -5.11
CA LYS A 47 1.09 -8.57 -3.86
C LYS A 47 -0.03 -8.00 -2.99
N HIS A 48 -0.18 -6.69 -3.04
CA HIS A 48 -1.18 -5.99 -2.23
C HIS A 48 -2.61 -6.46 -2.54
N HIS A 49 -2.85 -6.87 -3.77
CA HIS A 49 -4.18 -7.34 -4.17
C HIS A 49 -4.61 -8.57 -3.39
N HIS A 50 -3.68 -9.18 -2.65
CA HIS A 50 -3.99 -10.36 -1.86
C HIS A 50 -4.81 -10.00 -0.62
N ILE A 51 -4.44 -8.88 0.02
CA ILE A 51 -5.13 -8.44 1.22
C ILE A 51 -5.95 -7.17 0.98
N CYS A 52 -5.91 -6.66 -0.25
CA CYS A 52 -6.64 -5.44 -0.59
C CYS A 52 -7.81 -5.74 -1.51
N GLY A 53 -8.78 -4.84 -1.55
CA GLY A 53 -9.94 -5.03 -2.40
C GLY A 53 -11.19 -5.37 -1.62
N GLN A 54 -11.00 -5.97 -0.45
CA GLN A 54 -12.13 -6.36 0.40
C GLN A 54 -13.03 -7.37 -0.31
N THR A 55 -12.43 -8.18 -1.16
CA THR A 55 -13.18 -9.19 -1.90
C THR A 55 -13.14 -10.54 -1.19
N LEU A 56 -14.22 -11.30 -1.31
CA LEU A 56 -14.30 -12.61 -0.67
C LEU A 56 -13.84 -13.71 -1.62
N GLN A 57 -14.37 -13.69 -2.84
CA GLN A 57 -14.02 -14.68 -3.84
C GLN A 57 -12.90 -14.17 -4.74
N ALA A 58 -11.71 -14.76 -4.61
CA ALA A 58 -10.56 -14.37 -5.40
C ALA A 58 -10.13 -15.49 -6.35
N GLN A 59 -10.54 -15.39 -7.60
CA GLN A 59 -10.20 -16.41 -8.59
C GLN A 59 -10.40 -15.87 -10.01
N GLN A 60 -10.18 -14.57 -10.18
CA GLN A 60 -10.34 -13.94 -11.49
C GLN A 60 -9.08 -14.08 -12.33
N ASP A 11 5.52 -1.86 15.20
CA ASP A 11 5.41 -0.54 15.81
C ASP A 11 4.91 0.48 14.79
N SER A 12 4.24 1.52 15.28
CA SER A 12 3.70 2.56 14.41
C SER A 12 4.82 3.40 13.80
N SER A 13 4.97 3.28 12.49
CA SER A 13 6.01 4.02 11.78
C SER A 13 5.55 4.38 10.36
N GLU A 14 6.14 5.43 9.80
CA GLU A 14 5.79 5.86 8.45
C GLU A 14 6.90 5.51 7.47
N SER A 15 7.19 4.22 7.36
CA SER A 15 8.23 3.75 6.44
C SER A 15 7.61 3.06 5.22
N CYS A 16 8.31 3.12 4.09
CA CYS A 16 7.83 2.51 2.86
C CYS A 16 7.85 0.98 2.98
N TRP A 17 6.71 0.36 2.67
CA TRP A 17 6.59 -1.09 2.74
C TRP A 17 7.67 -1.80 1.92
N ASN A 18 8.29 -1.08 0.99
CA ASN A 18 9.33 -1.65 0.15
C ASN A 18 10.70 -1.03 0.47
N CYS A 19 10.80 0.28 0.26
CA CYS A 19 12.06 0.99 0.48
C CYS A 19 12.64 0.74 1.87
N GLY A 20 11.79 0.77 2.91
CA GLY A 20 12.27 0.56 4.26
C GLY A 20 12.85 1.82 4.88
N ARG A 21 12.85 2.91 4.11
CA ARG A 21 13.38 4.17 4.61
C ARG A 21 12.27 5.08 5.12
N LYS A 22 11.45 5.57 4.20
CA LYS A 22 10.34 6.45 4.56
C LYS A 22 9.26 6.44 3.49
N ALA A 23 8.01 6.60 3.92
CA ALA A 23 6.87 6.63 3.00
C ALA A 23 5.96 7.82 3.28
N SER A 24 5.34 8.34 2.23
CA SER A 24 4.44 9.49 2.37
C SER A 24 3.06 9.19 1.78
N GLU A 25 3.02 8.38 0.73
CA GLU A 25 1.77 8.03 0.09
C GLU A 25 1.09 6.84 0.77
N THR A 26 -0.24 6.82 0.72
CA THR A 26 -1.01 5.74 1.33
C THR A 26 -2.06 5.21 0.37
N CYS A 27 -2.25 3.89 0.37
CA CYS A 27 -3.23 3.26 -0.51
C CYS A 27 -4.58 3.97 -0.44
N SER A 28 -5.06 4.46 -1.57
CA SER A 28 -6.34 5.16 -1.63
C SER A 28 -7.50 4.16 -1.62
N GLY A 29 -7.19 2.89 -1.89
CA GLY A 29 -8.23 1.87 -1.91
C GLY A 29 -8.52 1.28 -0.54
N CYS A 30 -7.52 1.23 0.32
CA CYS A 30 -7.71 0.67 1.66
C CYS A 30 -7.25 1.63 2.75
N ASN A 31 -6.60 2.73 2.37
CA ASN A 31 -6.13 3.72 3.33
C ASN A 31 -5.20 3.08 4.37
N THR A 32 -4.56 1.99 3.98
CA THR A 32 -3.65 1.28 4.89
C THR A 32 -2.23 1.24 4.33
N ALA A 33 -2.06 0.59 3.19
CA ALA A 33 -0.75 0.48 2.55
C ALA A 33 -0.08 1.84 2.42
N ARG A 34 1.25 1.85 2.55
CA ARG A 34 2.01 3.09 2.46
C ARG A 34 3.20 2.92 1.52
N TYR A 35 3.48 3.96 0.73
CA TYR A 35 4.59 3.92 -0.22
C TYR A 35 5.16 5.32 -0.42
N CYS A 36 6.35 5.39 -1.01
CA CYS A 36 7.02 6.65 -1.26
C CYS A 36 6.73 7.17 -2.68
N GLY A 37 6.23 6.29 -3.55
CA GLY A 37 5.93 6.69 -4.91
C GLY A 37 5.02 5.72 -5.63
N SER A 38 4.69 6.04 -6.88
CA SER A 38 3.81 5.20 -7.68
C SER A 38 4.48 3.86 -8.02
N PHE A 39 5.78 3.91 -8.33
CA PHE A 39 6.52 2.70 -8.67
C PHE A 39 6.50 1.71 -7.51
N CYS A 40 6.77 2.21 -6.31
CA CYS A 40 6.78 1.37 -5.12
C CYS A 40 5.41 0.74 -4.88
N GLN A 41 4.36 1.55 -5.08
CA GLN A 41 3.00 1.07 -4.90
C GLN A 41 2.65 0.05 -5.97
N HIS A 42 3.16 0.26 -7.18
CA HIS A 42 2.91 -0.65 -8.28
C HIS A 42 3.64 -1.96 -8.09
N LYS A 43 4.87 -1.89 -7.59
CA LYS A 43 5.67 -3.08 -7.36
C LYS A 43 5.02 -3.97 -6.30
N ASP A 44 4.53 -3.34 -5.23
CA ASP A 44 3.89 -4.07 -4.15
C ASP A 44 2.39 -4.27 -4.44
N TRP A 45 1.86 -3.48 -5.38
CA TRP A 45 0.45 -3.55 -5.74
C TRP A 45 0.03 -4.98 -6.09
N GLU A 46 0.85 -5.66 -6.89
CA GLU A 46 0.51 -7.03 -7.28
C GLU A 46 0.30 -7.91 -6.04
N LYS A 47 1.24 -7.81 -5.09
CA LYS A 47 1.14 -8.55 -3.84
C LYS A 47 0.03 -7.99 -2.97
N HIS A 48 -0.13 -6.68 -3.01
CA HIS A 48 -1.13 -5.97 -2.20
C HIS A 48 -2.55 -6.45 -2.50
N HIS A 49 -2.80 -6.87 -3.73
CA HIS A 49 -4.12 -7.33 -4.13
C HIS A 49 -4.55 -8.57 -3.34
N HIS A 50 -3.60 -9.18 -2.63
CA HIS A 50 -3.88 -10.38 -1.84
C HIS A 50 -4.67 -10.02 -0.58
N ILE A 51 -4.47 -8.80 -0.08
CA ILE A 51 -5.15 -8.36 1.13
C ILE A 51 -5.98 -7.10 0.90
N CYS A 52 -5.97 -6.58 -0.33
CA CYS A 52 -6.73 -5.38 -0.66
C CYS A 52 -8.02 -5.73 -1.39
N GLY A 53 -9.03 -4.90 -1.23
CA GLY A 53 -10.30 -5.13 -1.88
C GLY A 53 -11.29 -5.85 -0.98
N GLN A 54 -10.79 -6.77 -0.17
CA GLN A 54 -11.63 -7.54 0.75
C GLN A 54 -12.31 -6.61 1.75
N THR A 55 -13.49 -7.02 2.22
CA THR A 55 -14.24 -6.24 3.19
C THR A 55 -14.15 -6.85 4.59
N LEU A 56 -13.01 -7.47 4.88
CA LEU A 56 -12.80 -8.10 6.17
C LEU A 56 -11.44 -7.72 6.74
N GLN A 57 -11.36 -7.64 8.08
CA GLN A 57 -10.12 -7.28 8.75
C GLN A 57 -9.65 -5.89 8.32
N ALA A 58 -10.60 -5.00 8.07
CA ALA A 58 -10.28 -3.64 7.65
C ALA A 58 -11.04 -2.62 8.49
N GLN A 59 -12.33 -2.86 8.69
CA GLN A 59 -13.17 -1.96 9.48
C GLN A 59 -12.65 -1.85 10.91
N GLN A 60 -11.74 -0.91 11.13
CA GLN A 60 -11.16 -0.70 12.44
C GLN A 60 -10.45 -1.95 12.93
#